data_5T3T
#
_entry.id   5T3T
#
_cell.length_a   85.875
_cell.length_b   116.784
_cell.length_c   95.038
_cell.angle_alpha   90.00
_cell.angle_beta   108.52
_cell.angle_gamma   90.00
#
_symmetry.space_group_name_H-M   'P 1 21 1'
#
loop_
_entity.id
_entity.type
_entity.pdbx_description
1 polymer 'Fusion protein of Nucleoprotein and Minor nucleoprotein VP30'
2 non-polymer 'SULFATE ION'
3 water water
#
_entity_poly.entity_id   1
_entity_poly.type   'polypeptide(L)'
_entity_poly.pdbx_seq_one_letter_code
;MAHHHHHHVDDDDKMRTPTVAPPAPVYRDHSEKKELPQDEQQDGPKITLLTLIKTAEHWARQDIRTIEDSKLRALLTLCA
VMTRKFSKSQLSLLCETHLRREGLGQDQAEPVLEVYQRLHSDKGGSFEAALWQQWDRQSLIMFITAFLNIALQLPCESSA
VVVSGLRTLVPQSDNEEASTNPGTCSWSDEGTP
;
_entity_poly.pdbx_strand_id   A,B,C,D,E,F,G,H,I,J
#
loop_
_chem_comp.id
_chem_comp.type
_chem_comp.name
_chem_comp.formula
SO4 non-polymer 'SULFATE ION' 'O4 S -2'
#
# COMPACT_ATOMS: atom_id res chain seq x y z
N PRO A 18 -33.30 -13.73 -6.84
CA PRO A 18 -32.40 -12.95 -5.98
C PRO A 18 -32.60 -13.23 -4.49
N THR A 19 -31.51 -13.55 -3.77
CA THR A 19 -31.56 -13.86 -2.34
C THR A 19 -31.44 -12.57 -1.51
N VAL A 20 -32.43 -12.34 -0.64
CA VAL A 20 -32.48 -11.17 0.24
C VAL A 20 -32.22 -11.63 1.66
N ALA A 21 -31.11 -11.13 2.26
CA ALA A 21 -30.77 -11.46 3.64
C ALA A 21 -31.69 -10.70 4.61
N PRO A 22 -32.02 -11.23 5.81
CA PRO A 22 -32.85 -10.43 6.75
C PRO A 22 -32.03 -9.21 7.26
N PRO A 23 -32.67 -8.18 7.87
CA PRO A 23 -31.86 -7.07 8.40
C PRO A 23 -30.97 -7.57 9.54
N ALA A 24 -29.83 -6.91 9.72
CA ALA A 24 -28.88 -7.21 10.79
C ALA A 24 -29.49 -6.88 12.16
N PRO A 25 -29.09 -7.57 13.25
CA PRO A 25 -29.69 -7.25 14.57
C PRO A 25 -29.52 -5.78 14.94
N VAL A 26 -30.54 -5.20 15.58
CA VAL A 26 -30.53 -3.80 16.00
C VAL A 26 -30.11 -3.77 17.47
N TYR A 27 -28.92 -3.17 17.74
CA TYR A 27 -28.38 -3.02 19.10
C TYR A 27 -28.89 -1.69 19.68
N ARG A 28 -29.58 -1.74 20.82
CA ARG A 28 -30.12 -0.54 21.44
C ARG A 28 -29.26 -0.07 22.60
N ASP A 29 -28.45 -0.99 23.12
CA ASP A 29 -27.46 -0.79 24.18
C ASP A 29 -26.25 -1.70 23.90
N HIS A 30 -25.20 -1.61 24.75
CA HIS A 30 -23.98 -2.42 24.63
C HIS A 30 -23.47 -2.81 26.02
N PRO A 45 -24.02 -34.32 31.48
CA PRO A 45 -23.08 -33.89 30.45
C PRO A 45 -23.78 -33.46 29.17
N LYS A 46 -23.60 -32.20 28.78
CA LYS A 46 -24.23 -31.67 27.58
C LYS A 46 -23.62 -32.29 26.32
N ILE A 47 -24.46 -32.54 25.32
CA ILE A 47 -24.01 -33.13 24.06
C ILE A 47 -23.53 -32.04 23.07
N THR A 48 -22.37 -31.44 23.38
CA THR A 48 -21.69 -30.46 22.55
C THR A 48 -21.01 -31.26 21.43
N LEU A 49 -20.46 -30.57 20.43
CA LEU A 49 -19.74 -31.23 19.34
C LEU A 49 -18.49 -31.95 19.87
N LEU A 50 -17.79 -31.34 20.85
CA LEU A 50 -16.61 -31.93 21.47
C LEU A 50 -16.94 -33.23 22.25
N THR A 51 -18.05 -33.23 23.03
CA THR A 51 -18.52 -34.39 23.75
C THR A 51 -18.83 -35.55 22.80
N LEU A 52 -19.45 -35.25 21.63
CA LEU A 52 -19.78 -36.22 20.58
C LEU A 52 -18.50 -36.90 20.09
N ILE A 53 -17.45 -36.09 19.80
CA ILE A 53 -16.13 -36.53 19.32
C ILE A 53 -15.45 -37.43 20.36
N LYS A 54 -15.44 -37.00 21.62
CA LYS A 54 -14.87 -37.71 22.77
C LYS A 54 -15.57 -39.04 23.00
N THR A 55 -16.92 -39.06 22.87
CA THR A 55 -17.71 -40.29 23.01
C THR A 55 -17.37 -41.27 21.89
N ALA A 56 -17.27 -40.78 20.64
CA ALA A 56 -16.92 -41.59 19.48
C ALA A 56 -15.50 -42.17 19.60
N GLU A 57 -14.54 -41.33 20.02
CA GLU A 57 -13.11 -41.67 20.26
C GLU A 57 -13.03 -42.85 21.24
N HIS A 58 -13.73 -42.73 22.38
CA HIS A 58 -13.79 -43.74 23.42
C HIS A 58 -14.36 -45.08 22.91
N TRP A 59 -15.53 -45.03 22.25
CA TRP A 59 -16.23 -46.22 21.76
C TRP A 59 -15.58 -46.87 20.53
N ALA A 60 -14.79 -46.12 19.76
CA ALA A 60 -14.01 -46.66 18.63
C ALA A 60 -12.95 -47.65 19.16
N ARG A 61 -12.45 -47.40 20.39
CA ARG A 61 -11.42 -48.21 21.06
C ARG A 61 -11.99 -49.43 21.78
N GLN A 62 -13.31 -49.50 21.98
CA GLN A 62 -13.97 -50.61 22.68
C GLN A 62 -14.32 -51.78 21.77
N ASP A 63 -14.32 -52.99 22.35
CA ASP A 63 -14.76 -54.20 21.64
C ASP A 63 -16.25 -54.22 21.93
N ILE A 64 -17.07 -53.95 20.91
CA ILE A 64 -18.52 -53.86 21.11
C ILE A 64 -19.25 -55.18 20.73
N ARG A 65 -18.50 -56.22 20.36
CA ARG A 65 -19.05 -57.55 20.03
C ARG A 65 -19.86 -58.16 21.18
N THR A 66 -19.54 -57.82 22.43
CA THR A 66 -20.22 -58.41 23.58
C THR A 66 -21.06 -57.45 24.43
N ILE A 67 -21.06 -56.12 24.12
CA ILE A 67 -21.83 -55.13 24.91
C ILE A 67 -23.34 -55.42 24.90
N GLU A 68 -24.07 -54.91 25.93
CA GLU A 68 -25.52 -55.06 26.06
C GLU A 68 -26.27 -54.36 24.91
N ASP A 69 -27.49 -54.82 24.59
CA ASP A 69 -28.35 -54.27 23.54
C ASP A 69 -28.64 -52.78 23.72
N SER A 70 -28.80 -52.31 24.98
CA SER A 70 -29.08 -50.91 25.28
C SER A 70 -27.92 -50.00 24.89
N LYS A 71 -26.67 -50.49 25.04
CA LYS A 71 -25.46 -49.73 24.68
C LYS A 71 -25.30 -49.75 23.15
N LEU A 72 -25.60 -50.90 22.51
CA LEU A 72 -25.54 -51.06 21.06
C LEU A 72 -26.58 -50.15 20.36
N ARG A 73 -27.80 -50.06 20.94
CA ARG A 73 -28.88 -49.21 20.43
C ARG A 73 -28.45 -47.74 20.49
N ALA A 74 -27.79 -47.35 21.61
CA ALA A 74 -27.27 -46.00 21.83
C ALA A 74 -26.13 -45.69 20.83
N LEU A 75 -25.29 -46.70 20.50
CA LEU A 75 -24.21 -46.55 19.52
C LEU A 75 -24.74 -46.34 18.11
N LEU A 76 -25.92 -46.93 17.78
CA LEU A 76 -26.58 -46.71 16.50
C LEU A 76 -27.03 -45.24 16.40
N THR A 77 -27.58 -44.67 17.49
CA THR A 77 -27.95 -43.26 17.58
C THR A 77 -26.70 -42.40 17.45
N LEU A 78 -25.57 -42.79 18.06
CA LEU A 78 -24.31 -42.03 17.96
C LEU A 78 -23.85 -41.98 16.51
N CYS A 79 -23.95 -43.13 15.79
CA CYS A 79 -23.60 -43.18 14.38
C CYS A 79 -24.49 -42.31 13.50
N ALA A 80 -25.82 -42.32 13.74
CA ALA A 80 -26.81 -41.53 13.00
C ALA A 80 -26.58 -40.01 13.19
N VAL A 81 -26.34 -39.58 14.44
CA VAL A 81 -26.08 -38.17 14.81
C VAL A 81 -24.76 -37.69 14.18
N MET A 82 -23.72 -38.51 14.25
CA MET A 82 -22.43 -38.16 13.67
C MET A 82 -22.51 -38.08 12.15
N THR A 83 -23.24 -39.03 11.55
CA THR A 83 -23.40 -39.07 10.10
C THR A 83 -23.89 -37.68 9.62
N ARG A 84 -24.77 -37.07 10.40
CA ARG A 84 -25.35 -35.77 10.13
C ARG A 84 -24.35 -34.61 10.39
N LYS A 85 -23.16 -34.91 10.92
CA LYS A 85 -22.09 -33.92 11.14
C LYS A 85 -21.14 -33.90 9.93
N PHE A 86 -21.43 -34.76 8.93
CA PHE A 86 -20.71 -34.81 7.66
C PHE A 86 -21.61 -34.13 6.65
N SER A 87 -21.02 -33.36 5.72
CA SER A 87 -21.83 -32.71 4.66
C SER A 87 -22.34 -33.83 3.75
N LYS A 88 -23.51 -33.64 3.12
CA LYS A 88 -24.14 -34.63 2.24
C LYS A 88 -23.17 -35.16 1.14
N SER A 89 -22.35 -34.26 0.60
CA SER A 89 -21.37 -34.52 -0.44
C SER A 89 -20.16 -35.31 0.04
N GLN A 90 -19.94 -35.41 1.36
CA GLN A 90 -18.83 -36.18 1.91
C GLN A 90 -19.21 -37.67 2.13
N LEU A 91 -20.50 -38.03 1.96
CA LEU A 91 -21.00 -39.37 2.20
C LEU A 91 -20.39 -40.43 1.27
N SER A 92 -20.10 -40.06 0.02
CA SER A 92 -19.46 -40.96 -0.97
C SER A 92 -18.08 -41.44 -0.50
N LEU A 93 -17.25 -40.51 0.01
CA LEU A 93 -15.93 -40.82 0.57
C LEU A 93 -16.07 -41.64 1.88
N LEU A 94 -17.09 -41.32 2.72
CA LEU A 94 -17.35 -42.07 3.92
C LEU A 94 -17.68 -43.53 3.58
N CYS A 95 -18.56 -43.75 2.61
CA CYS A 95 -18.91 -45.10 2.19
C CYS A 95 -17.69 -45.85 1.62
N GLU A 96 -16.91 -45.19 0.76
CA GLU A 96 -15.74 -45.81 0.17
C GLU A 96 -14.65 -46.14 1.19
N THR A 97 -14.48 -45.28 2.23
CA THR A 97 -13.52 -45.54 3.32
C THR A 97 -14.00 -46.75 4.16
N HIS A 98 -15.32 -46.88 4.33
CA HIS A 98 -15.96 -47.96 5.05
C HIS A 98 -15.67 -49.29 4.30
N LEU A 99 -15.88 -49.31 2.96
CA LEU A 99 -15.64 -50.46 2.07
C LEU A 99 -14.19 -50.95 2.13
N ARG A 100 -13.23 -50.02 2.12
CA ARG A 100 -11.81 -50.31 2.14
C ARG A 100 -11.37 -50.86 3.47
N ARG A 101 -11.79 -50.24 4.61
CA ARG A 101 -11.46 -50.72 5.95
C ARG A 101 -11.96 -52.16 6.16
N GLU A 102 -13.19 -52.43 5.72
CA GLU A 102 -13.88 -53.73 5.89
C GLU A 102 -13.53 -54.81 4.87
N GLY A 103 -12.79 -54.45 3.83
CA GLY A 103 -12.42 -55.35 2.75
C GLY A 103 -13.62 -55.77 1.92
N LEU A 104 -14.68 -54.93 1.90
CA LEU A 104 -15.91 -55.21 1.14
C LEU A 104 -15.72 -54.86 -0.32
N GLY A 105 -16.38 -55.62 -1.19
CA GLY A 105 -16.35 -55.42 -2.64
C GLY A 105 -17.09 -54.17 -3.06
N GLN A 106 -16.80 -53.69 -4.29
CA GLN A 106 -17.45 -52.50 -4.86
C GLN A 106 -18.95 -52.69 -5.07
N ASP A 107 -19.42 -53.95 -5.21
CA ASP A 107 -20.86 -54.25 -5.32
C ASP A 107 -21.60 -53.99 -3.99
N GLN A 108 -20.84 -53.78 -2.91
CA GLN A 108 -21.40 -53.49 -1.59
C GLN A 108 -21.51 -51.97 -1.29
N ALA A 109 -20.96 -51.09 -2.17
CA ALA A 109 -20.99 -49.62 -2.00
C ALA A 109 -22.38 -48.97 -1.97
N GLU A 110 -23.30 -49.39 -2.83
CA GLU A 110 -24.64 -48.81 -2.84
C GLU A 110 -25.38 -49.05 -1.50
N PRO A 111 -25.51 -50.30 -0.96
CA PRO A 111 -26.23 -50.45 0.32
C PRO A 111 -25.51 -49.73 1.48
N VAL A 112 -24.17 -49.59 1.42
CA VAL A 112 -23.42 -48.88 2.47
C VAL A 112 -23.72 -47.37 2.40
N LEU A 113 -23.63 -46.79 1.20
CA LEU A 113 -23.97 -45.40 0.94
C LEU A 113 -25.46 -45.12 1.22
N GLU A 114 -26.34 -46.11 1.01
CA GLU A 114 -27.78 -45.97 1.27
C GLU A 114 -28.00 -45.74 2.77
N VAL A 115 -27.28 -46.51 3.61
CA VAL A 115 -27.32 -46.37 5.04
C VAL A 115 -26.90 -44.99 5.44
N TYR A 116 -25.76 -44.53 4.94
CA TYR A 116 -25.28 -43.19 5.28
C TYR A 116 -26.19 -42.08 4.78
N GLN A 117 -26.75 -42.23 3.54
CA GLN A 117 -27.64 -41.22 2.97
C GLN A 117 -28.95 -41.09 3.72
N ARG A 118 -29.48 -42.21 4.16
CA ARG A 118 -30.77 -42.28 4.86
C ARG A 118 -30.60 -41.98 6.34
N LEU A 119 -29.41 -42.22 6.95
CA LEU A 119 -29.17 -41.70 8.32
C LEU A 119 -29.01 -40.17 8.25
N HIS A 120 -28.35 -39.67 7.19
CA HIS A 120 -28.09 -38.23 7.03
C HIS A 120 -29.39 -37.43 6.84
N SER A 121 -30.40 -38.01 6.17
CA SER A 121 -31.68 -37.33 5.97
C SER A 121 -32.78 -37.77 6.94
N ASP A 122 -32.44 -38.60 7.93
CA ASP A 122 -33.40 -39.18 8.87
C ASP A 122 -34.16 -38.15 9.70
N LYS A 123 -35.44 -38.44 9.93
CA LYS A 123 -36.36 -37.62 10.75
C LYS A 123 -37.03 -38.51 11.79
N GLY A 124 -36.92 -38.10 13.08
CA GLY A 124 -37.49 -38.82 14.23
C GLY A 124 -36.99 -40.24 14.40
N GLY A 125 -35.76 -40.50 13.94
CA GLY A 125 -35.10 -41.81 14.00
C GLY A 125 -35.79 -42.94 13.26
N SER A 126 -36.63 -42.60 12.29
CA SER A 126 -37.41 -43.54 11.49
C SER A 126 -36.56 -44.58 10.74
N PHE A 127 -35.56 -44.14 9.95
CA PHE A 127 -34.67 -45.05 9.24
C PHE A 127 -33.75 -45.81 10.20
N GLU A 128 -33.25 -45.10 11.23
CA GLU A 128 -32.38 -45.65 12.27
C GLU A 128 -33.09 -46.84 13.00
N ALA A 129 -34.40 -46.68 13.33
CA ALA A 129 -35.19 -47.75 13.97
C ALA A 129 -35.41 -48.93 13.05
N ALA A 130 -35.54 -48.68 11.71
CA ALA A 130 -35.73 -49.73 10.69
C ALA A 130 -34.48 -50.61 10.62
N LEU A 131 -33.33 -49.98 10.79
CA LEU A 131 -32.08 -50.68 10.79
C LEU A 131 -31.97 -51.61 11.97
N TRP A 132 -32.24 -51.07 13.13
CA TRP A 132 -32.22 -51.81 14.38
C TRP A 132 -33.14 -53.04 14.34
N GLN A 133 -34.34 -52.85 13.79
CA GLN A 133 -35.38 -53.85 13.66
C GLN A 133 -35.07 -54.91 12.60
N GLN A 134 -34.55 -54.51 11.44
CA GLN A 134 -34.35 -55.40 10.31
C GLN A 134 -32.94 -56.00 10.14
N TRP A 135 -31.91 -55.39 10.70
CA TRP A 135 -30.59 -55.99 10.54
C TRP A 135 -30.30 -56.94 11.68
N ASP A 136 -29.47 -57.97 11.40
CA ASP A 136 -29.03 -58.90 12.43
C ASP A 136 -27.99 -58.15 13.29
N ARG A 137 -27.85 -58.58 14.56
CA ARG A 137 -26.92 -57.98 15.53
C ARG A 137 -25.49 -57.90 14.98
N GLN A 138 -25.01 -58.97 14.31
CA GLN A 138 -23.65 -59.01 13.73
C GLN A 138 -23.40 -57.90 12.72
N SER A 139 -24.37 -57.65 11.81
CA SER A 139 -24.34 -56.62 10.79
C SER A 139 -24.26 -55.23 11.40
N LEU A 140 -25.05 -54.98 12.47
CA LEU A 140 -25.05 -53.72 13.20
C LEU A 140 -23.70 -53.46 13.90
N ILE A 141 -23.15 -54.51 14.56
CA ILE A 141 -21.85 -54.44 15.24
C ILE A 141 -20.76 -54.09 14.26
N MET A 142 -20.72 -54.79 13.08
CA MET A 142 -19.73 -54.59 12.03
C MET A 142 -19.77 -53.16 11.50
N PHE A 143 -20.99 -52.67 11.17
CA PHE A 143 -21.21 -51.33 10.61
C PHE A 143 -20.80 -50.23 11.58
N ILE A 144 -21.24 -50.35 12.86
CA ILE A 144 -20.97 -49.36 13.92
C ILE A 144 -19.45 -49.25 14.21
N THR A 145 -18.74 -50.40 14.29
CA THR A 145 -17.29 -50.44 14.54
C THR A 145 -16.55 -49.75 13.40
N ALA A 146 -16.92 -50.09 12.14
CA ALA A 146 -16.31 -49.55 10.93
C ALA A 146 -16.49 -48.02 10.91
N PHE A 147 -17.73 -47.53 11.13
CA PHE A 147 -18.03 -46.09 11.20
C PHE A 147 -17.20 -45.35 12.26
N LEU A 148 -17.23 -45.84 13.52
CA LEU A 148 -16.51 -45.20 14.63
C LEU A 148 -15.00 -45.13 14.42
N ASN A 149 -14.46 -46.11 13.71
CA ASN A 149 -13.04 -46.19 13.40
C ASN A 149 -12.61 -45.42 12.17
N ILE A 150 -13.56 -44.80 11.41
CA ILE A 150 -13.23 -44.00 10.22
C ILE A 150 -13.69 -42.55 10.35
N ALA A 151 -14.78 -42.30 11.11
CA ALA A 151 -15.40 -40.99 11.28
C ALA A 151 -14.49 -39.87 11.74
N LEU A 152 -13.63 -40.11 12.74
CA LEU A 152 -12.77 -39.09 13.32
C LEU A 152 -11.54 -38.74 12.46
N GLN A 153 -11.18 -39.59 11.50
CA GLN A 153 -10.03 -39.35 10.61
C GLN A 153 -10.41 -38.69 9.27
N LEU A 154 -11.70 -38.79 8.88
CA LEU A 154 -12.16 -38.17 7.64
C LEU A 154 -12.52 -36.71 7.81
N PRO A 155 -12.25 -35.83 6.80
CA PRO A 155 -12.75 -34.45 6.92
C PRO A 155 -14.29 -34.51 6.90
N CYS A 156 -14.94 -33.59 7.63
CA CYS A 156 -16.40 -33.58 7.71
C CYS A 156 -17.06 -32.79 6.56
N GLU A 157 -16.21 -32.19 5.71
CA GLU A 157 -16.57 -31.34 4.56
C GLU A 157 -15.81 -31.80 3.33
N SER A 158 -16.51 -31.91 2.18
CA SER A 158 -15.86 -32.30 0.93
C SER A 158 -15.68 -31.14 -0.06
N SER A 159 -16.56 -30.12 0.01
CA SER A 159 -16.51 -28.96 -0.90
C SER A 159 -15.15 -28.29 -0.96
N ALA A 160 -14.57 -28.20 -2.17
CA ALA A 160 -13.29 -27.55 -2.43
C ALA A 160 -13.38 -26.05 -2.09
N VAL A 161 -14.57 -25.45 -2.30
CA VAL A 161 -14.86 -24.04 -1.95
C VAL A 161 -14.78 -23.84 -0.43
N VAL A 162 -15.45 -24.72 0.33
CA VAL A 162 -15.47 -24.70 1.80
C VAL A 162 -14.04 -24.93 2.37
N VAL A 163 -13.38 -26.01 1.91
CA VAL A 163 -12.02 -26.38 2.31
C VAL A 163 -11.01 -25.25 2.03
N SER A 164 -11.05 -24.64 0.82
CA SER A 164 -10.17 -23.51 0.46
C SER A 164 -10.53 -22.26 1.26
N GLY A 165 -11.83 -22.05 1.49
CA GLY A 165 -12.33 -20.95 2.31
C GLY A 165 -11.84 -21.02 3.75
N LEU A 166 -11.80 -22.24 4.33
CA LEU A 166 -11.38 -22.45 5.72
C LEU A 166 -9.86 -22.49 5.92
N ARG A 167 -9.09 -22.72 4.83
CA ARG A 167 -7.62 -22.85 4.82
C ARG A 167 -6.90 -21.78 5.66
N THR A 168 -7.18 -20.49 5.39
CA THR A 168 -6.55 -19.35 6.08
C THR A 168 -6.76 -19.32 7.61
N LEU A 169 -7.77 -20.07 8.11
CA LEU A 169 -8.15 -20.05 9.52
C LEU A 169 -7.54 -21.13 10.38
N VAL A 170 -7.20 -22.29 9.80
CA VAL A 170 -6.67 -23.43 10.52
C VAL A 170 -5.24 -23.19 11.06
N THR B 19 -40.83 -48.18 6.83
CA THR B 19 -39.51 -47.95 6.24
C THR B 19 -38.78 -49.28 6.03
N VAL B 20 -38.27 -49.50 4.81
CA VAL B 20 -37.51 -50.70 4.45
C VAL B 20 -36.03 -50.36 4.33
N ALA B 21 -35.21 -50.97 5.20
CA ALA B 21 -33.77 -50.74 5.20
C ALA B 21 -33.12 -51.49 4.02
N PRO B 22 -31.99 -51.01 3.45
CA PRO B 22 -31.32 -51.80 2.41
C PRO B 22 -30.74 -53.11 3.01
N PRO B 23 -30.33 -54.11 2.21
CA PRO B 23 -29.69 -55.30 2.82
C PRO B 23 -28.37 -54.90 3.47
N ALA B 24 -27.98 -55.61 4.53
CA ALA B 24 -26.73 -55.35 5.24
C ALA B 24 -25.54 -55.66 4.33
N PRO B 25 -24.33 -55.07 4.50
CA PRO B 25 -23.21 -55.44 3.62
C PRO B 25 -22.91 -56.94 3.68
N VAL B 26 -22.64 -57.56 2.53
CA VAL B 26 -22.32 -59.00 2.47
C VAL B 26 -20.81 -59.11 2.50
N TYR B 27 -20.27 -59.72 3.56
CA TYR B 27 -18.84 -59.94 3.75
C TYR B 27 -18.46 -61.26 3.08
N ARG B 28 -17.48 -61.23 2.16
CA ARG B 28 -17.03 -62.44 1.47
C ARG B 28 -15.61 -62.80 1.89
N PRO B 45 -4.18 -29.81 5.12
CA PRO B 45 -4.88 -29.67 6.40
C PRO B 45 -6.30 -30.21 6.34
N LYS B 46 -6.52 -31.41 6.86
CA LYS B 46 -7.84 -32.02 6.86
C LYS B 46 -8.79 -31.30 7.82
N ILE B 47 -9.93 -30.87 7.29
CA ILE B 47 -10.92 -30.16 8.10
C ILE B 47 -11.90 -31.14 8.74
N THR B 48 -11.45 -31.82 9.79
CA THR B 48 -12.28 -32.77 10.50
C THR B 48 -13.11 -32.09 11.60
N LEU B 49 -14.06 -32.82 12.15
CA LEU B 49 -14.92 -32.29 13.21
C LEU B 49 -14.09 -31.65 14.31
N LEU B 50 -12.97 -32.29 14.66
CA LEU B 50 -12.09 -31.78 15.71
C LEU B 50 -11.35 -30.51 15.27
N THR B 51 -10.81 -30.48 14.02
CA THR B 51 -10.11 -29.30 13.46
C THR B 51 -11.08 -28.10 13.39
N LEU B 52 -12.35 -28.36 13.04
CA LEU B 52 -13.39 -27.33 12.94
C LEU B 52 -13.61 -26.68 14.31
N ILE B 53 -13.69 -27.52 15.39
CA ILE B 53 -13.86 -27.11 16.80
C ILE B 53 -12.65 -26.29 17.26
N LYS B 54 -11.44 -26.78 16.96
CA LYS B 54 -10.18 -26.14 17.31
C LYS B 54 -10.05 -24.79 16.63
N THR B 55 -10.47 -24.69 15.34
CA THR B 55 -10.45 -23.43 14.58
C THR B 55 -11.41 -22.42 15.24
N ALA B 56 -12.64 -22.87 15.58
CA ALA B 56 -13.63 -22.04 16.26
C ALA B 56 -13.15 -21.52 17.63
N GLU B 57 -12.53 -22.39 18.46
CA GLU B 57 -11.98 -22.05 19.78
C GLU B 57 -10.93 -20.97 19.65
N HIS B 58 -10.00 -21.15 18.70
CA HIS B 58 -8.95 -20.18 18.46
C HIS B 58 -9.54 -18.81 18.12
N TRP B 59 -10.43 -18.75 17.10
CA TRP B 59 -10.99 -17.52 16.57
C TRP B 59 -12.01 -16.86 17.50
N ALA B 60 -12.65 -17.64 18.37
CA ALA B 60 -13.57 -17.10 19.38
C ALA B 60 -12.76 -16.25 20.39
N ARG B 61 -11.47 -16.61 20.64
CA ARG B 61 -10.53 -15.95 21.56
C ARG B 61 -9.83 -14.74 20.94
N GLN B 62 -9.98 -14.49 19.63
CA GLN B 62 -9.30 -13.39 18.93
C GLN B 62 -10.17 -12.15 18.81
N ASP B 63 -9.52 -10.98 18.64
CA ASP B 63 -10.19 -9.70 18.38
C ASP B 63 -10.22 -9.56 16.87
N ILE B 64 -11.41 -9.78 16.28
CA ILE B 64 -11.58 -9.77 14.83
C ILE B 64 -12.11 -8.42 14.30
N ARG B 65 -12.26 -7.42 15.20
CA ARG B 65 -12.73 -6.09 14.81
C ARG B 65 -11.84 -5.40 13.78
N THR B 66 -10.53 -5.72 13.77
CA THR B 66 -9.56 -5.10 12.87
C THR B 66 -8.97 -6.02 11.78
N ILE B 67 -9.35 -7.31 11.74
CA ILE B 67 -8.83 -8.26 10.73
C ILE B 67 -9.22 -7.87 9.30
N GLU B 68 -8.40 -8.30 8.31
CA GLU B 68 -8.62 -8.09 6.88
C GLU B 68 -9.90 -8.79 6.39
N ASP B 69 -10.47 -8.25 5.29
CA ASP B 69 -11.70 -8.76 4.66
C ASP B 69 -11.63 -10.24 4.26
N SER B 70 -10.46 -10.70 3.80
CA SER B 70 -10.23 -12.08 3.39
C SER B 70 -10.39 -13.07 4.55
N LYS B 71 -9.92 -12.68 5.76
CA LYS B 71 -10.03 -13.48 6.98
C LYS B 71 -11.48 -13.46 7.48
N LEU B 72 -12.14 -12.29 7.41
CA LEU B 72 -13.52 -12.12 7.80
C LEU B 72 -14.47 -12.94 6.90
N ARG B 73 -14.20 -12.99 5.59
CA ARG B 73 -14.97 -13.77 4.61
C ARG B 73 -14.87 -15.27 4.96
N ALA B 74 -13.65 -15.72 5.35
CA ALA B 74 -13.36 -17.08 5.78
C ALA B 74 -14.10 -17.40 7.08
N LEU B 75 -14.20 -16.42 7.99
CA LEU B 75 -14.90 -16.60 9.27
C LEU B 75 -16.39 -16.76 9.07
N LEU B 76 -16.97 -16.11 8.04
CA LEU B 76 -18.37 -16.25 7.68
C LEU B 76 -18.63 -17.70 7.23
N THR B 77 -17.71 -18.28 6.41
CA THR B 77 -17.77 -19.67 5.97
C THR B 77 -17.70 -20.57 7.17
N LEU B 78 -16.78 -20.28 8.15
CA LEU B 78 -16.65 -21.07 9.38
C LEU B 78 -17.98 -21.13 10.14
N CYS B 79 -18.67 -19.97 10.29
CA CYS B 79 -19.95 -19.89 10.98
C CYS B 79 -21.04 -20.64 10.25
N ALA B 80 -21.09 -20.56 8.92
CA ALA B 80 -22.05 -21.27 8.06
C ALA B 80 -21.90 -22.80 8.19
N VAL B 81 -20.64 -23.31 8.11
CA VAL B 81 -20.30 -24.74 8.23
C VAL B 81 -20.66 -25.26 9.64
N MET B 82 -20.26 -24.51 10.69
CA MET B 82 -20.53 -24.86 12.09
C MET B 82 -22.01 -24.84 12.43
N THR B 83 -22.79 -23.91 11.81
CA THR B 83 -24.24 -23.82 12.01
C THR B 83 -24.87 -25.16 11.56
N ARG B 84 -24.33 -25.75 10.50
CA ARG B 84 -24.79 -27.01 9.92
C ARG B 84 -24.40 -28.24 10.76
N LYS B 85 -23.58 -28.04 11.81
CA LYS B 85 -23.19 -29.09 12.77
C LYS B 85 -24.18 -29.07 13.98
N PHE B 86 -25.15 -28.17 13.96
CA PHE B 86 -26.23 -28.11 14.94
C PHE B 86 -27.45 -28.70 14.27
N SER B 87 -28.27 -29.49 15.03
CA SER B 87 -29.49 -30.03 14.46
C SER B 87 -30.45 -28.84 14.21
N LYS B 88 -31.33 -28.96 13.21
CA LYS B 88 -32.29 -27.90 12.85
C LYS B 88 -33.10 -27.39 14.06
N SER B 89 -33.48 -28.32 14.93
CA SER B 89 -34.28 -28.07 16.13
C SER B 89 -33.51 -27.35 17.23
N GLN B 90 -32.16 -27.32 17.16
CA GLN B 90 -31.34 -26.61 18.14
C GLN B 90 -31.13 -25.11 17.80
N LEU B 91 -31.50 -24.68 16.58
CA LEU B 91 -31.31 -23.30 16.11
C LEU B 91 -32.07 -22.24 16.93
N SER B 92 -33.23 -22.61 17.52
CA SER B 92 -34.03 -21.73 18.40
C SER B 92 -33.25 -21.33 19.66
N LEU B 93 -32.59 -22.33 20.30
CA LEU B 93 -31.77 -22.11 21.47
C LEU B 93 -30.50 -21.34 21.12
N LEU B 94 -29.90 -21.65 19.95
CA LEU B 94 -28.71 -20.95 19.44
C LEU B 94 -29.06 -19.45 19.27
N CYS B 95 -30.21 -19.14 18.63
CA CYS B 95 -30.70 -17.80 18.47
C CYS B 95 -30.86 -17.08 19.80
N GLU B 96 -31.60 -17.71 20.73
CA GLU B 96 -31.88 -17.15 22.04
C GLU B 96 -30.61 -16.92 22.91
N THR B 97 -29.62 -17.83 22.82
CA THR B 97 -28.34 -17.70 23.53
C THR B 97 -27.57 -16.50 22.97
N HIS B 98 -27.62 -16.32 21.64
CA HIS B 98 -27.03 -15.19 20.89
C HIS B 98 -27.62 -13.88 21.41
N LEU B 99 -28.96 -13.80 21.54
CA LEU B 99 -29.64 -12.57 22.02
C LEU B 99 -29.19 -12.22 23.43
N ARG B 100 -29.17 -13.21 24.33
CA ARG B 100 -28.80 -13.02 25.73
C ARG B 100 -27.36 -12.54 25.89
N ARG B 101 -26.40 -13.17 25.19
CA ARG B 101 -24.99 -12.75 25.22
C ARG B 101 -24.82 -11.29 24.76
N GLU B 102 -25.55 -10.91 23.70
CA GLU B 102 -25.47 -9.60 23.05
C GLU B 102 -26.36 -8.51 23.63
N GLY B 103 -27.25 -8.89 24.54
CA GLY B 103 -28.19 -7.98 25.16
C GLY B 103 -29.25 -7.50 24.18
N LEU B 104 -29.53 -8.30 23.14
CA LEU B 104 -30.52 -7.95 22.11
C LEU B 104 -31.94 -8.23 22.60
N GLY B 105 -32.88 -7.38 22.19
CA GLY B 105 -34.29 -7.52 22.56
C GLY B 105 -34.96 -8.69 21.88
N GLN B 106 -36.12 -9.14 22.40
CA GLN B 106 -36.89 -10.25 21.80
C GLN B 106 -37.41 -9.95 20.39
N ASP B 107 -37.55 -8.66 20.07
CA ASP B 107 -37.93 -8.25 18.73
C ASP B 107 -36.82 -8.56 17.72
N GLN B 108 -35.61 -8.78 18.22
CA GLN B 108 -34.46 -9.09 17.33
C GLN B 108 -34.30 -10.61 17.10
N ALA B 109 -35.18 -11.45 17.72
CA ALA B 109 -35.14 -12.91 17.60
C ALA B 109 -35.34 -13.45 16.18
N GLU B 110 -36.39 -13.02 15.46
CA GLU B 110 -36.67 -13.52 14.11
C GLU B 110 -35.50 -13.26 13.12
N PRO B 111 -34.92 -12.04 13.00
CA PRO B 111 -33.79 -11.86 12.08
C PRO B 111 -32.61 -12.76 12.39
N VAL B 112 -32.26 -12.91 13.68
CA VAL B 112 -31.15 -13.75 14.14
C VAL B 112 -31.45 -15.23 13.84
N LEU B 113 -32.69 -15.69 14.15
CA LEU B 113 -33.08 -17.08 13.85
C LEU B 113 -33.07 -17.32 12.31
N GLU B 114 -33.52 -16.31 11.52
CA GLU B 114 -33.56 -16.44 10.06
C GLU B 114 -32.14 -16.67 9.48
N VAL B 115 -31.13 -15.94 10.00
CA VAL B 115 -29.73 -16.12 9.61
C VAL B 115 -29.31 -17.57 9.86
N TYR B 116 -29.52 -18.07 11.07
CA TYR B 116 -29.14 -19.42 11.46
C TYR B 116 -29.85 -20.49 10.64
N GLN B 117 -31.17 -20.35 10.44
CA GLN B 117 -31.97 -21.25 9.63
C GLN B 117 -31.56 -21.29 8.18
N ARG B 118 -31.25 -20.11 7.59
CA ARG B 118 -30.88 -20.01 6.18
C ARG B 118 -29.41 -20.38 5.95
N LEU B 119 -28.57 -20.29 6.96
CA LEU B 119 -27.19 -20.80 6.85
C LEU B 119 -27.24 -22.33 6.95
N HIS B 120 -28.13 -22.83 7.81
CA HIS B 120 -28.32 -24.27 8.06
C HIS B 120 -28.84 -24.98 6.83
N SER B 121 -29.70 -24.32 6.03
CA SER B 121 -30.27 -24.94 4.82
C SER B 121 -29.57 -24.49 3.53
N ASP B 122 -28.47 -23.71 3.66
CA ASP B 122 -27.76 -23.14 2.52
C ASP B 122 -27.19 -24.17 1.55
N LYS B 123 -27.21 -23.81 0.27
CA LYS B 123 -26.71 -24.62 -0.85
C LYS B 123 -25.79 -23.75 -1.68
N GLY B 124 -24.58 -24.25 -1.92
CA GLY B 124 -23.58 -23.54 -2.73
C GLY B 124 -23.20 -22.14 -2.26
N GLY B 125 -23.32 -21.88 -0.95
CA GLY B 125 -22.97 -20.63 -0.28
C GLY B 125 -23.80 -19.43 -0.70
N SER B 126 -24.98 -19.69 -1.32
CA SER B 126 -25.90 -18.68 -1.83
C SER B 126 -26.37 -17.65 -0.78
N PHE B 127 -26.92 -18.12 0.37
CA PHE B 127 -27.40 -17.22 1.43
C PHE B 127 -26.21 -16.56 2.12
N GLU B 128 -25.12 -17.33 2.33
CA GLU B 128 -23.88 -16.87 2.95
C GLU B 128 -23.30 -15.67 2.17
N ALA B 129 -23.31 -15.74 0.82
CA ALA B 129 -22.82 -14.65 -0.04
C ALA B 129 -23.73 -13.42 0.01
N ALA B 130 -25.04 -13.63 0.18
CA ALA B 130 -26.03 -12.53 0.29
C ALA B 130 -25.78 -11.73 1.58
N LEU B 131 -25.42 -12.45 2.66
CA LEU B 131 -25.11 -11.88 3.97
C LEU B 131 -23.85 -10.99 3.86
N TRP B 132 -22.79 -11.53 3.21
CA TRP B 132 -21.53 -10.82 2.98
C TRP B 132 -21.75 -9.53 2.18
N GLN B 133 -22.56 -9.60 1.12
CA GLN B 133 -22.87 -8.50 0.24
C GLN B 133 -23.78 -7.44 0.89
N GLN B 134 -24.82 -7.87 1.62
CA GLN B 134 -25.85 -6.97 2.13
C GLN B 134 -25.66 -6.46 3.55
N TRP B 135 -24.91 -7.17 4.40
CA TRP B 135 -24.70 -6.65 5.75
C TRP B 135 -23.49 -5.74 5.80
N ASP B 136 -23.51 -4.76 6.73
CA ASP B 136 -22.33 -3.91 6.93
C ASP B 136 -21.30 -4.78 7.71
N ARG B 137 -20.00 -4.49 7.51
CA ARG B 137 -18.87 -5.20 8.11
C ARG B 137 -19.03 -5.36 9.62
N GLN B 138 -19.46 -4.28 10.31
CA GLN B 138 -19.64 -4.23 11.76
C GLN B 138 -20.66 -5.23 12.26
N SER B 139 -21.81 -5.33 11.57
CA SER B 139 -22.90 -6.29 11.84
C SER B 139 -22.41 -7.75 11.72
N LEU B 140 -21.60 -8.05 10.69
CA LEU B 140 -21.06 -9.38 10.44
C LEU B 140 -20.04 -9.75 11.54
N ILE B 141 -19.15 -8.79 11.93
CA ILE B 141 -18.17 -9.01 12.99
C ILE B 141 -18.87 -9.32 14.32
N MET B 142 -19.91 -8.51 14.68
CA MET B 142 -20.71 -8.70 15.91
C MET B 142 -21.32 -10.11 15.93
N PHE B 143 -22.00 -10.50 14.83
CA PHE B 143 -22.66 -11.79 14.67
C PHE B 143 -21.68 -12.97 14.74
N ILE B 144 -20.56 -12.91 14.00
CA ILE B 144 -19.52 -13.94 13.96
C ILE B 144 -18.89 -14.14 15.35
N THR B 145 -18.55 -13.03 16.06
CA THR B 145 -18.00 -13.11 17.44
C THR B 145 -18.99 -13.77 18.41
N ALA B 146 -20.25 -13.34 18.37
CA ALA B 146 -21.31 -13.87 19.24
C ALA B 146 -21.46 -15.40 19.00
N PHE B 147 -21.57 -15.81 17.70
CA PHE B 147 -21.67 -17.23 17.34
C PHE B 147 -20.47 -18.07 17.84
N LEU B 148 -19.25 -17.63 17.54
CA LEU B 148 -18.03 -18.35 17.94
C LEU B 148 -17.87 -18.49 19.46
N ASN B 149 -18.39 -17.53 20.21
CA ASN B 149 -18.34 -17.54 21.66
C ASN B 149 -19.50 -18.30 22.33
N ILE B 150 -20.46 -18.82 21.55
CA ILE B 150 -21.59 -19.58 22.10
C ILE B 150 -21.64 -21.01 21.55
N ALA B 151 -21.15 -21.22 20.30
CA ALA B 151 -21.21 -22.50 19.58
C ALA B 151 -20.59 -23.70 20.31
N LEU B 152 -19.42 -23.52 20.95
CA LEU B 152 -18.70 -24.60 21.61
C LEU B 152 -19.26 -24.99 22.99
N GLN B 153 -20.07 -24.13 23.61
CA GLN B 153 -20.68 -24.40 24.92
C GLN B 153 -22.10 -24.94 24.81
N LEU B 154 -22.78 -24.71 23.69
CA LEU B 154 -24.14 -25.22 23.51
C LEU B 154 -24.14 -26.67 23.04
N PRO B 155 -25.13 -27.49 23.49
CA PRO B 155 -25.26 -28.83 22.89
C PRO B 155 -25.61 -28.69 21.39
N CYS B 156 -25.07 -29.58 20.56
CA CYS B 156 -25.29 -29.53 19.11
C CYS B 156 -26.58 -30.26 18.70
N GLU B 157 -27.27 -30.88 19.70
CA GLU B 157 -28.51 -31.63 19.58
C GLU B 157 -29.52 -31.14 20.61
N SER B 158 -30.77 -30.97 20.20
CA SER B 158 -31.83 -30.54 21.11
C SER B 158 -32.81 -31.69 21.46
N SER B 159 -32.99 -32.67 20.56
CA SER B 159 -33.92 -33.79 20.74
C SER B 159 -33.70 -34.52 22.07
N ALA B 160 -34.75 -34.56 22.90
CA ALA B 160 -34.77 -35.27 24.18
C ALA B 160 -34.52 -36.75 23.97
N VAL B 161 -34.99 -37.30 22.84
CA VAL B 161 -34.79 -38.71 22.49
C VAL B 161 -33.30 -39.00 22.18
N VAL B 162 -32.65 -38.10 21.43
CA VAL B 162 -31.23 -38.21 21.07
C VAL B 162 -30.37 -38.08 22.34
N VAL B 163 -30.62 -37.03 23.12
CA VAL B 163 -29.88 -36.74 24.37
C VAL B 163 -30.02 -37.92 25.38
N SER B 164 -31.25 -38.44 25.60
CA SER B 164 -31.49 -39.58 26.47
C SER B 164 -30.87 -40.85 25.90
N GLY B 165 -30.92 -41.01 24.58
CA GLY B 165 -30.33 -42.12 23.86
C GLY B 165 -28.82 -42.17 24.01
N LEU B 166 -28.16 -41.01 23.96
CA LEU B 166 -26.70 -40.90 24.07
C LEU B 166 -26.14 -40.96 25.49
N ARG B 167 -27.04 -40.73 26.50
CA ARG B 167 -26.70 -40.67 27.93
C ARG B 167 -25.79 -41.79 28.41
N THR B 168 -26.19 -43.06 28.17
CA THR B 168 -25.43 -44.27 28.56
C THR B 168 -24.01 -44.35 28.01
N LEU B 169 -23.68 -43.58 26.95
CA LEU B 169 -22.38 -43.63 26.28
C LEU B 169 -21.35 -42.64 26.77
N VAL B 170 -21.79 -41.49 27.30
CA VAL B 170 -20.92 -40.41 27.76
C VAL B 170 -20.21 -40.79 29.05
N THR C 19 -20.54 48.64 26.37
CA THR C 19 -19.25 48.03 26.04
C THR C 19 -18.18 49.08 25.71
N VAL C 20 -17.10 49.08 26.48
CA VAL C 20 -15.95 49.97 26.30
C VAL C 20 -14.77 49.17 25.76
N ALA C 21 -14.30 49.52 24.56
CA ALA C 21 -13.17 48.88 23.90
C ALA C 21 -11.84 49.27 24.58
N PRO C 22 -10.80 48.40 24.61
CA PRO C 22 -9.51 48.83 25.18
C PRO C 22 -8.86 49.90 24.28
N PRO C 23 -7.83 50.66 24.71
CA PRO C 23 -7.20 51.62 23.77
C PRO C 23 -6.49 50.87 22.65
N ALA C 24 -6.46 51.49 21.47
CA ALA C 24 -5.82 50.93 20.29
C ALA C 24 -4.31 50.83 20.50
N PRO C 25 -3.65 49.90 19.81
CA PRO C 25 -2.20 49.73 19.94
C PRO C 25 -1.44 50.99 19.55
N VAL C 26 -0.57 51.47 20.43
CA VAL C 26 0.20 52.68 20.17
C VAL C 26 1.48 52.35 19.39
N TYR C 27 1.60 52.92 18.19
CA TYR C 27 2.78 52.69 17.36
C TYR C 27 3.84 53.74 17.61
N ARG C 28 5.10 53.30 17.63
CA ARG C 28 6.23 54.20 17.87
C ARG C 28 7.24 54.12 16.73
N LYS C 46 2.32 24.47 12.04
CA LYS C 46 1.96 23.04 12.08
C LYS C 46 0.41 22.79 12.11
N ILE C 47 -0.28 22.80 13.27
CA ILE C 47 -1.73 22.56 13.22
C ILE C 47 -2.49 23.88 12.97
N THR C 48 -2.34 24.43 11.75
CA THR C 48 -3.05 25.62 11.29
C THR C 48 -4.48 25.19 10.96
N LEU C 49 -5.39 26.15 10.69
CA LEU C 49 -6.77 25.83 10.31
C LEU C 49 -6.80 25.04 9.00
N LEU C 50 -5.92 25.40 8.07
CA LEU C 50 -5.84 24.73 6.78
C LEU C 50 -5.42 23.28 6.97
N THR C 51 -4.51 23.06 7.91
CA THR C 51 -4.01 21.72 8.20
C THR C 51 -5.15 20.83 8.70
N LEU C 52 -5.90 21.34 9.66
CA LEU C 52 -7.03 20.59 10.23
C LEU C 52 -8.00 20.19 9.12
N ILE C 53 -8.24 21.10 8.19
CA ILE C 53 -9.16 20.83 7.06
C ILE C 53 -8.60 19.70 6.17
N LYS C 54 -7.29 19.78 5.85
CA LYS C 54 -6.59 18.80 5.02
C LYS C 54 -6.56 17.43 5.70
N THR C 55 -6.32 17.40 7.03
CA THR C 55 -6.32 16.17 7.82
C THR C 55 -7.73 15.55 7.82
N ALA C 56 -8.77 16.36 8.01
CA ALA C 56 -10.16 15.91 8.00
C ALA C 56 -10.57 15.36 6.61
N GLU C 57 -10.19 16.07 5.53
CA GLU C 57 -10.42 15.70 4.12
C GLU C 57 -9.85 14.31 3.81
N HIS C 58 -8.60 14.09 4.24
CA HIS C 58 -7.88 12.82 4.08
C HIS C 58 -8.56 11.67 4.83
N TRP C 59 -8.84 11.87 6.12
CA TRP C 59 -9.43 10.84 6.95
C TRP C 59 -10.91 10.57 6.67
N ALA C 60 -11.62 11.54 6.10
CA ALA C 60 -13.03 11.35 5.69
C ALA C 60 -13.11 10.28 4.57
N ARG C 61 -12.05 10.20 3.72
CA ARG C 61 -11.91 9.28 2.60
C ARG C 61 -11.46 7.87 3.03
N GLN C 62 -10.90 7.71 4.23
CA GLN C 62 -10.36 6.43 4.72
C GLN C 62 -11.40 5.50 5.33
N ASP C 63 -11.14 4.19 5.20
CA ASP C 63 -11.93 3.15 5.85
C ASP C 63 -11.22 2.99 7.21
N ILE C 64 -11.87 3.48 8.26
CA ILE C 64 -11.27 3.49 9.60
C ILE C 64 -11.74 2.29 10.45
N ARG C 65 -12.55 1.39 9.88
CA ARG C 65 -13.05 0.18 10.55
C ARG C 65 -11.94 -0.73 11.04
N THR C 66 -10.76 -0.71 10.38
CA THR C 66 -9.63 -1.58 10.73
C THR C 66 -8.41 -0.88 11.36
N ILE C 67 -8.41 0.47 11.46
CA ILE C 67 -7.28 1.22 12.04
C ILE C 67 -7.07 0.88 13.53
N GLU C 68 -5.82 1.05 13.99
CA GLU C 68 -5.40 0.83 15.37
C GLU C 68 -6.09 1.82 16.34
N ASP C 69 -6.22 1.42 17.62
CA ASP C 69 -6.84 2.22 18.68
C ASP C 69 -6.19 3.61 18.87
N SER C 70 -4.88 3.69 18.73
CA SER C 70 -4.18 4.96 18.88
C SER C 70 -4.63 5.95 17.82
N LYS C 71 -4.87 5.45 16.61
CA LYS C 71 -5.31 6.28 15.50
C LYS C 71 -6.74 6.75 15.74
N LEU C 72 -7.60 5.83 16.15
CA LEU C 72 -9.00 6.15 16.43
C LEU C 72 -9.09 7.19 17.54
N ARG C 73 -8.26 7.02 18.56
CA ARG C 73 -8.23 7.94 19.70
C ARG C 73 -7.87 9.35 19.21
N ALA C 74 -6.90 9.44 18.28
CA ALA C 74 -6.45 10.68 17.65
C ALA C 74 -7.60 11.27 16.77
N LEU C 75 -8.38 10.41 16.07
CA LEU C 75 -9.52 10.86 15.26
C LEU C 75 -10.64 11.44 16.12
N LEU C 76 -10.81 10.94 17.35
CA LEU C 76 -11.79 11.48 18.30
C LEU C 76 -11.38 12.92 18.70
N THR C 77 -10.06 13.15 18.94
CA THR C 77 -9.50 14.47 19.20
C THR C 77 -9.73 15.39 18.00
N LEU C 78 -9.52 14.87 16.76
CA LEU C 78 -9.76 15.63 15.53
C LEU C 78 -11.21 16.12 15.45
N CYS C 79 -12.17 15.23 15.77
CA CYS C 79 -13.58 15.58 15.74
C CYS C 79 -13.92 16.60 16.81
N ALA C 80 -13.30 16.46 18.02
CA ALA C 80 -13.49 17.37 19.16
C ALA C 80 -13.00 18.78 18.81
N VAL C 81 -11.77 18.87 18.25
CA VAL C 81 -11.18 20.14 17.84
C VAL C 81 -12.03 20.83 16.76
N MET C 82 -12.46 20.05 15.73
CA MET C 82 -13.25 20.54 14.60
C MET C 82 -14.65 21.01 14.99
N THR C 83 -15.29 20.34 15.98
CA THR C 83 -16.63 20.73 16.43
C THR C 83 -16.54 22.16 16.98
N ARG C 84 -15.40 22.45 17.66
CA ARG C 84 -15.07 23.72 18.25
C ARG C 84 -14.75 24.80 17.22
N LYS C 85 -14.67 24.44 15.93
CA LYS C 85 -14.49 25.34 14.79
C LYS C 85 -15.87 25.69 14.20
N PHE C 86 -16.95 25.14 14.78
CA PHE C 86 -18.32 25.47 14.41
C PHE C 86 -18.85 26.35 15.51
N SER C 87 -19.68 27.35 15.17
CA SER C 87 -20.29 28.21 16.19
C SER C 87 -21.30 27.36 16.97
N LYS C 88 -21.54 27.70 18.24
CA LYS C 88 -22.47 26.96 19.10
C LYS C 88 -23.86 26.78 18.44
N SER C 89 -24.33 27.82 17.77
CA SER C 89 -25.62 27.91 17.10
C SER C 89 -25.72 27.05 15.83
N GLN C 90 -24.59 26.64 15.28
CA GLN C 90 -24.55 25.78 14.10
C GLN C 90 -24.67 24.28 14.46
N LEU C 91 -24.44 23.90 15.76
CA LEU C 91 -24.48 22.48 16.20
C LEU C 91 -25.83 21.77 15.94
N SER C 92 -26.98 22.49 15.94
CA SER C 92 -28.31 21.90 15.66
C SER C 92 -28.44 21.42 14.20
N LEU C 93 -27.91 22.23 13.23
CA LEU C 93 -27.87 21.86 11.83
C LEU C 93 -26.86 20.73 11.61
N LEU C 94 -25.73 20.75 12.34
CA LEU C 94 -24.71 19.71 12.29
C LEU C 94 -25.33 18.36 12.71
N CYS C 95 -26.06 18.37 13.81
CA CYS C 95 -26.78 17.23 14.34
C CYS C 95 -27.81 16.71 13.31
N GLU C 96 -28.64 17.62 12.77
CA GLU C 96 -29.66 17.23 11.78
C GLU C 96 -29.05 16.67 10.46
N THR C 97 -27.88 17.20 10.04
CA THR C 97 -27.18 16.71 8.84
C THR C 97 -26.63 15.30 9.11
N HIS C 98 -26.10 15.08 10.34
CA HIS C 98 -25.59 13.80 10.83
C HIS C 98 -26.72 12.76 10.76
N LEU C 99 -27.94 13.12 11.22
CA LEU C 99 -29.08 12.19 11.22
C LEU C 99 -29.45 11.78 9.81
N ARG C 100 -29.59 12.77 8.92
CA ARG C 100 -29.98 12.53 7.53
C ARG C 100 -28.98 11.65 6.79
N ARG C 101 -27.67 11.92 6.97
CA ARG C 101 -26.61 11.16 6.33
C ARG C 101 -26.60 9.70 6.80
N GLU C 102 -26.90 9.47 8.08
CA GLU C 102 -26.88 8.15 8.71
C GLU C 102 -28.20 7.38 8.67
N GLY C 103 -29.26 8.07 8.26
CA GLY C 103 -30.62 7.51 8.20
C GLY C 103 -31.17 7.26 9.58
N LEU C 104 -30.72 8.04 10.59
CA LEU C 104 -31.17 7.89 11.98
C LEU C 104 -32.51 8.61 12.20
N GLY C 105 -33.38 8.05 13.02
CA GLY C 105 -34.67 8.64 13.30
C GLY C 105 -34.56 9.97 14.02
N GLN C 106 -35.68 10.66 14.15
CA GLN C 106 -35.71 11.95 14.83
C GLN C 106 -35.57 11.80 16.34
N ASP C 107 -35.77 10.57 16.82
CA ASP C 107 -35.66 10.29 18.24
C ASP C 107 -34.21 10.16 18.67
N GLN C 108 -33.30 10.25 17.70
CA GLN C 108 -31.87 10.15 17.98
C GLN C 108 -31.17 11.48 17.76
N ALA C 109 -31.92 12.57 17.86
CA ALA C 109 -31.38 13.90 17.68
C ALA C 109 -30.72 14.41 18.96
N GLU C 110 -31.42 14.28 20.08
CA GLU C 110 -30.91 14.73 21.37
C GLU C 110 -29.55 14.09 21.65
N PRO C 111 -29.48 12.78 21.54
CA PRO C 111 -28.24 12.05 21.79
C PRO C 111 -27.10 12.55 20.92
N VAL C 112 -27.37 12.77 19.63
CA VAL C 112 -26.36 13.26 18.71
C VAL C 112 -26.00 14.71 19.00
N LEU C 113 -27.01 15.52 19.30
CA LEU C 113 -26.80 16.93 19.59
C LEU C 113 -25.98 17.10 20.86
N GLU C 114 -26.23 16.25 21.85
CA GLU C 114 -25.51 16.31 23.11
C GLU C 114 -24.01 16.16 22.90
N VAL C 115 -23.61 15.12 22.19
CA VAL C 115 -22.19 14.86 21.92
C VAL C 115 -21.56 16.11 21.33
N TYR C 116 -22.20 16.71 20.29
CA TYR C 116 -21.67 17.89 19.63
C TYR C 116 -21.54 19.06 20.56
N GLN C 117 -22.53 19.24 21.40
CA GLN C 117 -22.54 20.35 22.35
C GLN C 117 -21.48 20.17 23.44
N ARG C 118 -21.35 18.94 23.94
CA ARG C 118 -20.43 18.67 25.02
C ARG C 118 -18.97 18.60 24.53
N LEU C 119 -18.73 18.32 23.25
CA LEU C 119 -17.38 18.39 22.70
C LEU C 119 -17.06 19.87 22.46
N HIS C 120 -18.08 20.63 22.03
CA HIS C 120 -17.95 22.09 21.80
C HIS C 120 -17.61 22.86 23.07
N SER C 121 -18.14 22.43 24.23
CA SER C 121 -17.88 23.13 25.50
C SER C 121 -16.80 22.44 26.37
N ASP C 122 -16.18 21.40 25.83
CA ASP C 122 -15.21 20.56 26.54
C ASP C 122 -13.96 21.33 26.99
N LYS C 123 -13.44 20.95 28.15
CA LYS C 123 -12.25 21.52 28.79
C LYS C 123 -11.37 20.38 29.23
N GLY C 124 -10.10 20.42 28.82
CA GLY C 124 -9.10 19.40 29.16
C GLY C 124 -9.40 18.00 28.67
N GLY C 125 -10.21 17.88 27.62
CA GLY C 125 -10.61 16.63 27.00
C GLY C 125 -11.44 15.71 27.88
N SER C 126 -12.06 16.28 28.92
CA SER C 126 -12.88 15.58 29.91
C SER C 126 -14.06 14.78 29.31
N PHE C 127 -14.93 15.45 28.52
CA PHE C 127 -16.07 14.79 27.89
C PHE C 127 -15.59 13.84 26.76
N GLU C 128 -14.55 14.26 26.04
CA GLU C 128 -13.96 13.48 24.96
C GLU C 128 -13.47 12.11 25.48
N ALA C 129 -12.80 12.10 26.65
CA ALA C 129 -12.29 10.88 27.29
C ALA C 129 -13.42 9.99 27.80
N ALA C 130 -14.55 10.60 28.25
CA ALA C 130 -15.72 9.86 28.71
C ALA C 130 -16.37 9.09 27.53
N LEU C 131 -16.40 9.73 26.35
CA LEU C 131 -16.93 9.17 25.10
C LEU C 131 -16.08 7.93 24.68
N TRP C 132 -14.74 8.07 24.71
CA TRP C 132 -13.78 7.02 24.41
C TRP C 132 -13.94 5.80 25.35
N GLN C 133 -14.12 6.07 26.64
CA GLN C 133 -14.27 5.08 27.69
C GLN C 133 -15.61 4.37 27.65
N GLN C 134 -16.71 5.11 27.44
CA GLN C 134 -18.06 4.58 27.54
C GLN C 134 -18.69 4.07 26.25
N TRP C 135 -18.28 4.57 25.08
CA TRP C 135 -18.88 4.09 23.85
C TRP C 135 -18.15 2.87 23.31
N ASP C 136 -18.89 2.01 22.58
CA ASP C 136 -18.30 0.85 21.93
C ASP C 136 -17.55 1.37 20.69
N ARG C 137 -16.50 0.64 20.27
CA ARG C 137 -15.63 0.99 19.13
C ARG C 137 -16.44 1.28 17.87
N GLN C 138 -17.45 0.45 17.57
CA GLN C 138 -18.33 0.61 16.41
C GLN C 138 -19.06 1.95 16.37
N SER C 139 -19.63 2.38 17.51
CA SER C 139 -20.34 3.65 17.68
C SER C 139 -19.41 4.84 17.45
N LEU C 140 -18.17 4.79 17.94
CA LEU C 140 -17.16 5.82 17.76
C LEU C 140 -16.77 5.92 16.28
N ILE C 141 -16.54 4.76 15.62
CA ILE C 141 -16.18 4.70 14.19
C ILE C 141 -17.30 5.32 13.34
N MET C 142 -18.57 4.94 13.59
CA MET C 142 -19.72 5.46 12.82
C MET C 142 -19.89 6.97 13.01
N PHE C 143 -19.76 7.48 14.26
CA PHE C 143 -19.89 8.91 14.58
C PHE C 143 -18.78 9.73 13.95
N ILE C 144 -17.50 9.27 14.07
CA ILE C 144 -16.31 9.94 13.52
C ILE C 144 -16.40 10.05 11.99
N THR C 145 -16.78 8.94 11.31
CA THR C 145 -16.94 8.92 9.84
C THR C 145 -18.03 9.87 9.37
N ALA C 146 -19.20 9.84 10.02
CA ALA C 146 -20.36 10.70 9.72
C ALA C 146 -19.95 12.18 9.87
N PHE C 147 -19.30 12.55 11.01
CA PHE C 147 -18.82 13.91 11.25
C PHE C 147 -17.84 14.37 10.19
N LEU C 148 -16.75 13.60 9.95
CA LEU C 148 -15.73 13.95 8.95
C LEU C 148 -16.29 14.12 7.53
N ASN C 149 -17.36 13.38 7.18
CA ASN C 149 -18.03 13.46 5.88
C ASN C 149 -19.11 14.54 5.75
N ILE C 150 -19.41 15.28 6.83
CA ILE C 150 -20.38 16.38 6.83
C ILE C 150 -19.74 17.71 7.21
N ALA C 151 -18.68 17.69 8.04
CA ALA C 151 -17.98 18.87 8.56
C ALA C 151 -17.46 19.84 7.51
N LEU C 152 -16.85 19.33 6.43
CA LEU C 152 -16.24 20.15 5.38
C LEU C 152 -17.26 20.78 4.40
N GLN C 153 -18.49 20.25 4.33
CA GLN C 153 -19.53 20.79 3.45
C GLN C 153 -20.48 21.75 4.16
N LEU C 154 -20.58 21.68 5.48
CA LEU C 154 -21.47 22.57 6.22
C LEU C 154 -20.85 23.90 6.52
N PRO C 155 -21.62 25.02 6.47
CA PRO C 155 -21.06 26.30 6.93
C PRO C 155 -20.69 26.18 8.43
N CYS C 156 -19.58 26.80 8.82
CA CYS C 156 -19.12 26.74 10.20
C CYS C 156 -19.80 27.81 11.10
N GLU C 157 -20.64 28.65 10.48
CA GLU C 157 -21.38 29.77 11.08
C GLU C 157 -22.83 29.68 10.65
N SER C 158 -23.75 29.86 11.60
CA SER C 158 -25.19 29.84 11.32
C SER C 158 -25.83 31.24 11.37
N SER C 159 -25.26 32.16 12.15
CA SER C 159 -25.79 33.52 12.30
C SER C 159 -26.04 34.23 10.97
N ALA C 160 -27.30 34.65 10.75
CA ALA C 160 -27.74 35.40 9.56
C ALA C 160 -26.98 36.74 9.48
N VAL C 161 -26.66 37.35 10.64
CA VAL C 161 -25.90 38.61 10.78
C VAL C 161 -24.46 38.37 10.30
N VAL C 162 -23.82 37.27 10.76
CA VAL C 162 -22.45 36.91 10.39
C VAL C 162 -22.36 36.63 8.88
N VAL C 163 -23.24 35.76 8.38
CA VAL C 163 -23.30 35.36 6.98
C VAL C 163 -23.55 36.59 6.07
N SER C 164 -24.53 37.44 6.41
CA SER C 164 -24.81 38.67 5.63
C SER C 164 -23.65 39.66 5.72
N GLY C 165 -23.02 39.72 6.91
CA GLY C 165 -21.87 40.57 7.15
C GLY C 165 -20.68 40.18 6.29
N LEU C 166 -20.44 38.87 6.16
CA LEU C 166 -19.30 38.34 5.38
C LEU C 166 -19.53 38.28 3.87
N ARG C 167 -20.81 38.37 3.42
CA ARG C 167 -21.25 38.27 2.02
C ARG C 167 -20.38 39.08 1.03
N THR C 168 -20.20 40.37 1.29
CA THR C 168 -19.41 41.27 0.42
C THR C 168 -17.94 40.84 0.22
N LEU C 169 -17.40 39.97 1.10
CA LEU C 169 -15.99 39.57 1.04
C LEU C 169 -15.70 38.27 0.28
N VAL C 170 -16.67 37.35 0.25
CA VAL C 170 -16.50 36.01 -0.30
C VAL C 170 -16.20 36.03 -1.82
N PRO C 171 -15.03 35.41 -2.21
CA PRO C 171 -14.65 35.36 -3.64
C PRO C 171 -15.54 34.47 -4.50
N THR D 19 -18.28 12.08 34.84
CA THR D 19 -18.97 12.55 33.62
C THR D 19 -19.54 11.36 32.82
N VAL D 20 -20.84 11.44 32.54
CA VAL D 20 -21.59 10.40 31.85
C VAL D 20 -21.92 10.84 30.43
N ALA D 21 -21.44 10.03 29.45
CA ALA D 21 -21.69 10.29 28.03
C ALA D 21 -23.15 9.98 27.69
N PRO D 22 -23.81 10.65 26.71
CA PRO D 22 -25.17 10.21 26.33
C PRO D 22 -25.11 8.82 25.64
N PRO D 23 -26.21 8.06 25.50
CA PRO D 23 -26.12 6.79 24.76
C PRO D 23 -25.79 7.06 23.29
N ALA D 24 -25.11 6.11 22.67
CA ALA D 24 -24.72 6.19 21.27
C ALA D 24 -25.96 6.13 20.37
N PRO D 25 -25.92 6.75 19.16
CA PRO D 25 -27.10 6.66 18.27
C PRO D 25 -27.50 5.20 17.99
N VAL D 26 -28.80 4.92 17.97
CA VAL D 26 -29.34 3.60 17.66
C VAL D 26 -29.67 3.56 16.17
N TYR D 27 -28.99 2.66 15.43
CA TYR D 27 -29.17 2.47 14.00
C TYR D 27 -30.24 1.40 13.78
N ARG D 28 -31.31 1.74 13.07
CA ARG D 28 -32.42 0.84 12.75
C ARG D 28 -32.40 0.53 11.28
N PRO D 45 -24.13 32.94 0.57
CA PRO D 45 -22.77 32.37 0.43
C PRO D 45 -22.48 31.27 1.46
N LYS D 46 -21.95 30.08 1.06
CA LYS D 46 -21.68 29.03 2.07
C LYS D 46 -20.40 29.33 2.85
N ILE D 47 -20.54 29.79 4.11
CA ILE D 47 -19.37 30.13 4.91
C ILE D 47 -18.82 28.89 5.64
N THR D 48 -18.21 27.97 4.86
CA THR D 48 -17.53 26.78 5.39
C THR D 48 -16.19 27.25 6.00
N LEU D 49 -15.49 26.37 6.71
CA LEU D 49 -14.19 26.72 7.29
C LEU D 49 -13.15 27.04 6.18
N LEU D 50 -13.19 26.29 5.09
CA LEU D 50 -12.28 26.50 3.98
C LEU D 50 -12.54 27.85 3.34
N THR D 51 -13.81 28.24 3.30
CA THR D 51 -14.20 29.52 2.71
C THR D 51 -13.58 30.67 3.50
N LEU D 52 -13.73 30.62 4.82
CA LEU D 52 -13.19 31.65 5.69
C LEU D 52 -11.68 31.79 5.45
N ILE D 53 -11.01 30.66 5.28
CA ILE D 53 -9.57 30.66 5.03
C ILE D 53 -9.25 31.34 3.69
N LYS D 54 -10.01 31.00 2.64
CA LYS D 54 -9.87 31.55 1.29
C LYS D 54 -10.16 33.05 1.27
N THR D 55 -11.20 33.48 2.03
CA THR D 55 -11.56 34.89 2.17
C THR D 55 -10.41 35.65 2.85
N ALA D 56 -9.87 35.08 3.96
CA ALA D 56 -8.76 35.68 4.71
C ALA D 56 -7.51 35.79 3.85
N GLU D 57 -7.17 34.70 3.10
CA GLU D 57 -6.02 34.60 2.19
C GLU D 57 -6.07 35.72 1.16
N HIS D 58 -7.24 35.91 0.53
CA HIS D 58 -7.49 36.96 -0.44
C HIS D 58 -7.30 38.37 0.12
N TRP D 59 -7.95 38.67 1.25
CA TRP D 59 -7.91 39.99 1.89
C TRP D 59 -6.59 40.30 2.59
N ALA D 60 -5.81 39.28 2.98
CA ALA D 60 -4.47 39.49 3.54
C ALA D 60 -3.53 40.10 2.45
N ARG D 61 -3.79 39.77 1.17
CA ARG D 61 -3.01 40.23 0.01
C ARG D 61 -3.44 41.63 -0.49
N GLN D 62 -4.61 42.13 -0.05
CA GLN D 62 -5.13 43.44 -0.46
C GLN D 62 -4.60 44.61 0.37
N ASP D 63 -4.43 45.79 -0.26
CA ASP D 63 -4.06 47.00 0.48
C ASP D 63 -5.41 47.55 0.91
N ILE D 64 -5.71 47.48 2.21
CA ILE D 64 -7.03 47.85 2.72
C ILE D 64 -7.08 49.30 3.25
N ARG D 65 -5.95 50.04 3.15
CA ARG D 65 -5.86 51.45 3.56
C ARG D 65 -6.88 52.33 2.85
N THR D 66 -7.27 51.97 1.62
CA THR D 66 -8.18 52.82 0.83
C THR D 66 -9.57 52.24 0.55
N ILE D 67 -9.84 50.98 1.01
CA ILE D 67 -11.16 50.34 0.77
C ILE D 67 -12.31 51.09 1.46
N GLU D 68 -13.53 50.93 0.93
CA GLU D 68 -14.75 51.54 1.49
C GLU D 68 -15.06 51.02 2.92
N ASP D 69 -15.76 51.84 3.73
CA ASP D 69 -16.17 51.51 5.10
C ASP D 69 -16.96 50.22 5.20
N SER D 70 -17.82 49.91 4.23
CA SER D 70 -18.65 48.70 4.22
C SER D 70 -17.80 47.43 4.11
N LYS D 71 -16.68 47.48 3.36
CA LYS D 71 -15.76 46.37 3.19
C LYS D 71 -14.91 46.24 4.45
N LEU D 72 -14.48 47.37 5.05
CA LEU D 72 -13.71 47.40 6.29
C LEU D 72 -14.54 46.83 7.47
N ARG D 73 -15.84 47.17 7.52
CA ARG D 73 -16.77 46.68 8.55
C ARG D 73 -16.89 45.15 8.43
N ALA D 74 -16.98 44.65 7.20
CA ALA D 74 -17.08 43.22 6.89
C ALA D 74 -15.76 42.50 7.28
N LEU D 75 -14.61 43.17 7.05
CA LEU D 75 -13.29 42.69 7.42
C LEU D 75 -13.15 42.53 8.97
N LEU D 76 -13.76 43.44 9.75
CA LEU D 76 -13.80 43.35 11.20
C LEU D 76 -14.56 42.07 11.64
N THR D 77 -15.73 41.78 10.99
CA THR D 77 -16.50 40.57 11.23
C THR D 77 -15.64 39.35 10.92
N LEU D 78 -14.89 39.39 9.79
CA LEU D 78 -14.01 38.30 9.40
C LEU D 78 -12.97 38.02 10.49
N CYS D 79 -12.36 39.08 11.05
CA CYS D 79 -11.36 38.94 12.10
C CYS D 79 -11.97 38.39 13.39
N ALA D 80 -13.18 38.84 13.76
CA ALA D 80 -13.91 38.37 14.94
C ALA D 80 -14.23 36.87 14.83
N VAL D 81 -14.80 36.41 13.67
CA VAL D 81 -15.16 35.02 13.38
C VAL D 81 -13.92 34.12 13.40
N MET D 82 -12.83 34.57 12.76
CA MET D 82 -11.57 33.85 12.65
C MET D 82 -10.86 33.72 13.99
N THR D 83 -10.96 34.77 14.87
CA THR D 83 -10.35 34.74 16.21
C THR D 83 -10.99 33.56 16.98
N ARG D 84 -12.30 33.32 16.75
CA ARG D 84 -13.06 32.25 17.41
C ARG D 84 -12.71 30.85 16.86
N LYS D 85 -11.87 30.78 15.80
CA LYS D 85 -11.38 29.53 15.23
C LYS D 85 -10.01 29.18 15.84
N PHE D 86 -9.53 30.02 16.76
CA PHE D 86 -8.31 29.77 17.55
C PHE D 86 -8.80 29.35 18.92
N SER D 87 -8.17 28.33 19.52
CA SER D 87 -8.53 27.90 20.89
C SER D 87 -8.16 29.08 21.81
N LYS D 88 -8.88 29.27 22.94
CA LYS D 88 -8.63 30.35 23.91
C LYS D 88 -7.14 30.47 24.38
N SER D 89 -6.49 29.32 24.57
CA SER D 89 -5.12 29.29 25.10
C SER D 89 -4.05 29.69 24.08
N GLN D 90 -4.44 29.83 22.79
CA GLN D 90 -3.57 30.25 21.68
C GLN D 90 -3.59 31.78 21.50
N LEU D 91 -4.48 32.49 22.21
CA LEU D 91 -4.60 33.95 22.02
C LEU D 91 -3.36 34.74 22.44
N SER D 92 -2.59 34.23 23.43
CA SER D 92 -1.34 34.83 23.91
C SER D 92 -0.26 34.84 22.82
N LEU D 93 -0.12 33.73 22.06
CA LEU D 93 0.81 33.61 20.95
C LEU D 93 0.34 34.48 19.77
N LEU D 94 -0.98 34.54 19.54
CA LEU D 94 -1.57 35.37 18.48
C LEU D 94 -1.24 36.83 18.79
N CYS D 95 -1.37 37.24 20.07
CA CYS D 95 -1.03 38.58 20.57
C CYS D 95 0.45 38.91 20.36
N GLU D 96 1.34 38.01 20.79
CA GLU D 96 2.78 38.17 20.67
C GLU D 96 3.26 38.20 19.21
N THR D 97 2.65 37.39 18.32
CA THR D 97 2.97 37.39 16.88
C THR D 97 2.57 38.74 16.26
N HIS D 98 1.41 39.27 16.66
CA HIS D 98 0.87 40.56 16.26
C HIS D 98 1.87 41.69 16.63
N LEU D 99 2.34 41.74 17.90
CA LEU D 99 3.30 42.76 18.35
C LEU D 99 4.61 42.70 17.58
N ARG D 100 5.16 41.49 17.35
CA ARG D 100 6.41 41.30 16.62
C ARG D 100 6.31 41.75 15.17
N ARG D 101 5.23 41.34 14.45
CA ARG D 101 5.00 41.74 13.07
C ARG D 101 4.92 43.28 12.94
N GLU D 102 4.22 43.92 13.87
CA GLU D 102 3.95 45.36 13.88
C GLU D 102 5.04 46.24 14.49
N GLY D 103 6.04 45.63 15.11
CA GLY D 103 7.10 46.34 15.79
C GLY D 103 6.60 47.05 17.03
N LEU D 104 5.49 46.53 17.65
CA LEU D 104 4.92 47.15 18.85
C LEU D 104 5.68 46.72 20.09
N GLY D 105 5.80 47.62 21.07
CA GLY D 105 6.48 47.35 22.33
C GLY D 105 5.67 46.40 23.23
N GLN D 106 6.34 45.76 24.21
CA GLN D 106 5.69 44.83 25.14
C GLN D 106 4.61 45.50 26.02
N ASP D 107 4.68 46.81 26.20
CA ASP D 107 3.63 47.52 26.91
C ASP D 107 2.28 47.46 26.18
N GLN D 108 2.34 47.21 24.87
CA GLN D 108 1.15 47.13 24.00
C GLN D 108 0.52 45.71 24.03
N ALA D 109 1.14 44.76 24.74
CA ALA D 109 0.63 43.38 24.86
C ALA D 109 -0.80 43.30 25.43
N GLU D 110 -1.05 43.83 26.66
CA GLU D 110 -2.38 43.78 27.29
C GLU D 110 -3.55 44.30 26.39
N PRO D 111 -3.45 45.47 25.68
CA PRO D 111 -4.58 45.91 24.84
C PRO D 111 -4.84 45.05 23.62
N VAL D 112 -3.79 44.59 22.94
CA VAL D 112 -3.89 43.69 21.80
C VAL D 112 -4.54 42.37 22.26
N LEU D 113 -4.06 41.79 23.40
CA LEU D 113 -4.60 40.53 23.97
C LEU D 113 -6.05 40.71 24.41
N GLU D 114 -6.40 41.88 24.97
CA GLU D 114 -7.78 42.19 25.37
C GLU D 114 -8.74 42.17 24.15
N VAL D 115 -8.30 42.71 23.00
CA VAL D 115 -9.08 42.69 21.76
C VAL D 115 -9.36 41.24 21.34
N TYR D 116 -8.31 40.41 21.27
CA TYR D 116 -8.42 38.99 20.88
C TYR D 116 -9.29 38.19 21.82
N GLN D 117 -9.11 38.36 23.11
CA GLN D 117 -9.90 37.67 24.14
C GLN D 117 -11.37 38.06 24.10
N ARG D 118 -11.66 39.34 23.88
CA ARG D 118 -13.03 39.84 23.88
C ARG D 118 -13.74 39.60 22.55
N LEU D 119 -12.98 39.42 21.46
CA LEU D 119 -13.56 39.01 20.19
C LEU D 119 -13.86 37.49 20.30
N HIS D 120 -12.95 36.75 20.98
CA HIS D 120 -13.08 35.29 21.15
C HIS D 120 -14.31 34.91 21.99
N SER D 121 -14.68 35.74 22.97
CA SER D 121 -15.83 35.50 23.86
C SER D 121 -17.05 36.34 23.49
N ASP D 122 -16.99 37.04 22.34
CA ASP D 122 -18.06 37.95 21.90
C ASP D 122 -19.37 37.23 21.64
N LYS D 123 -20.47 37.92 21.93
CA LYS D 123 -21.84 37.42 21.74
C LYS D 123 -22.62 38.53 21.03
N GLY D 124 -23.29 38.17 19.92
CA GLY D 124 -24.10 39.10 19.14
C GLY D 124 -23.38 40.31 18.56
N GLY D 125 -22.06 40.17 18.36
CA GLY D 125 -21.18 41.20 17.81
C GLY D 125 -21.04 42.44 18.67
N SER D 126 -21.37 42.33 19.96
CA SER D 126 -21.36 43.43 20.93
C SER D 126 -19.99 44.12 21.07
N PHE D 127 -18.90 43.33 21.34
CA PHE D 127 -17.56 43.90 21.50
C PHE D 127 -17.00 44.38 20.16
N GLU D 128 -17.29 43.63 19.10
CA GLU D 128 -16.91 43.91 17.72
C GLU D 128 -17.48 45.30 17.29
N ALA D 129 -18.78 45.58 17.62
CA ALA D 129 -19.41 46.87 17.30
C ALA D 129 -18.81 48.01 18.11
N ALA D 130 -18.42 47.75 19.35
CA ALA D 130 -17.82 48.77 20.20
C ALA D 130 -16.50 49.24 19.60
N LEU D 131 -15.76 48.32 19.00
CA LEU D 131 -14.48 48.63 18.40
C LEU D 131 -14.67 49.53 17.18
N TRP D 132 -15.57 49.13 16.29
CA TRP D 132 -15.86 49.91 15.09
C TRP D 132 -16.29 51.32 15.46
N GLN D 133 -17.09 51.42 16.52
CA GLN D 133 -17.58 52.71 16.99
C GLN D 133 -16.47 53.56 17.67
N GLN D 134 -15.64 52.94 18.52
CA GLN D 134 -14.66 53.66 19.35
C GLN D 134 -13.25 53.78 18.79
N TRP D 135 -12.81 52.90 17.89
CA TRP D 135 -11.47 53.04 17.35
C TRP D 135 -11.48 53.91 16.11
N ASP D 136 -10.37 54.63 15.87
CA ASP D 136 -10.19 55.42 14.67
C ASP D 136 -9.95 54.42 13.51
N ARG D 137 -10.31 54.84 12.28
CA ARG D 137 -10.16 54.04 11.06
C ARG D 137 -8.74 53.47 10.88
N GLN D 138 -7.72 54.29 11.15
CA GLN D 138 -6.30 53.88 11.04
C GLN D 138 -5.96 52.67 11.94
N SER D 139 -6.43 52.70 13.19
CA SER D 139 -6.22 51.66 14.20
C SER D 139 -6.88 50.35 13.77
N LEU D 140 -8.09 50.42 13.18
CA LEU D 140 -8.83 49.28 12.67
C LEU D 140 -8.10 48.65 11.47
N ILE D 141 -7.61 49.49 10.54
CA ILE D 141 -6.87 49.04 9.36
C ILE D 141 -5.61 48.32 9.78
N MET D 142 -4.82 48.92 10.71
CA MET D 142 -3.56 48.33 11.18
C MET D 142 -3.78 46.99 11.86
N PHE D 143 -4.79 46.90 12.74
CA PHE D 143 -5.10 45.67 13.45
C PHE D 143 -5.59 44.55 12.51
N ILE D 144 -6.54 44.88 11.59
CA ILE D 144 -7.11 43.92 10.65
C ILE D 144 -6.03 43.35 9.70
N THR D 145 -5.15 44.22 9.15
CA THR D 145 -4.04 43.82 8.26
C THR D 145 -3.11 42.87 9.00
N ALA D 146 -2.68 43.25 10.25
CA ALA D 146 -1.78 42.45 11.07
C ALA D 146 -2.39 41.06 11.33
N PHE D 147 -3.67 41.02 11.79
CA PHE D 147 -4.36 39.74 12.02
C PHE D 147 -4.44 38.83 10.79
N LEU D 148 -4.91 39.38 9.63
CA LEU D 148 -5.05 38.62 8.39
C LEU D 148 -3.71 38.06 7.88
N ASN D 149 -2.63 38.76 8.16
CA ASN D 149 -1.31 38.36 7.75
C ASN D 149 -0.59 37.44 8.73
N ILE D 150 -1.20 37.10 9.88
CA ILE D 150 -0.62 36.19 10.88
C ILE D 150 -1.51 34.97 11.13
N ALA D 151 -2.85 35.13 10.98
CA ALA D 151 -3.83 34.08 11.26
C ALA D 151 -3.64 32.75 10.50
N LEU D 152 -3.31 32.82 9.20
CA LEU D 152 -3.17 31.62 8.37
C LEU D 152 -1.86 30.84 8.58
N GLN D 153 -0.85 31.47 9.19
CA GLN D 153 0.44 30.85 9.46
C GLN D 153 0.56 30.28 10.87
N LEU D 154 -0.27 30.78 11.81
CA LEU D 154 -0.22 30.28 13.18
C LEU D 154 -1.03 29.02 13.38
N PRO D 155 -0.59 28.08 14.24
CA PRO D 155 -1.47 26.94 14.57
C PRO D 155 -2.73 27.46 15.28
N CYS D 156 -3.88 26.84 15.02
CA CYS D 156 -5.15 27.27 15.62
C CYS D 156 -5.36 26.65 17.02
N GLU D 157 -4.45 25.72 17.41
CA GLU D 157 -4.44 25.00 18.68
C GLU D 157 -3.12 25.16 19.38
N SER D 158 -3.15 25.38 20.71
CA SER D 158 -1.94 25.56 21.52
C SER D 158 -1.61 24.35 22.40
N SER D 159 -2.63 23.59 22.82
CA SER D 159 -2.48 22.45 23.72
C SER D 159 -1.49 21.40 23.19
N ALA D 160 -0.46 21.10 24.00
CA ALA D 160 0.56 20.09 23.70
C ALA D 160 -0.09 18.70 23.56
N VAL D 161 -1.16 18.44 24.35
CA VAL D 161 -1.95 17.22 24.34
C VAL D 161 -2.68 17.08 22.99
N VAL D 162 -3.35 18.17 22.54
CA VAL D 162 -4.08 18.22 21.27
C VAL D 162 -3.10 18.04 20.09
N VAL D 163 -2.02 18.83 20.07
CA VAL D 163 -1.00 18.81 19.02
C VAL D 163 -0.33 17.43 18.92
N SER D 164 0.07 16.82 20.06
CA SER D 164 0.66 15.48 20.05
C SER D 164 -0.37 14.44 19.64
N GLY D 165 -1.62 14.62 20.08
CA GLY D 165 -2.73 13.76 19.70
C GLY D 165 -3.00 13.78 18.20
N LEU D 166 -2.92 14.96 17.56
CA LEU D 166 -3.18 15.12 16.13
C LEU D 166 -2.00 14.77 15.21
N ARG D 167 -0.78 14.69 15.77
CA ARG D 167 0.48 14.38 15.08
C ARG D 167 0.39 13.19 14.12
N THR D 168 -0.05 12.02 14.63
CA THR D 168 -0.18 10.77 13.86
C THR D 168 -1.14 10.87 12.66
N LEU D 169 -2.00 11.90 12.60
CA LEU D 169 -3.00 12.03 11.55
C LEU D 169 -2.61 12.91 10.38
N VAL D 170 -1.71 13.88 10.58
CA VAL D 170 -1.28 14.82 9.56
C VAL D 170 -0.38 14.15 8.52
N THR E 19 9.88 36.88 -31.34
CA THR E 19 8.62 36.45 -31.93
C THR E 19 7.84 37.66 -32.47
N VAL E 20 7.30 37.53 -33.68
CA VAL E 20 6.52 38.56 -34.36
C VAL E 20 5.05 38.18 -34.37
N ALA E 21 4.21 38.96 -33.69
CA ALA E 21 2.78 38.72 -33.62
C ALA E 21 2.10 39.09 -34.94
N PRO E 22 1.01 38.41 -35.36
CA PRO E 22 0.33 38.83 -36.60
C PRO E 22 -0.35 40.20 -36.38
N PRO E 23 -0.75 40.93 -37.44
CA PRO E 23 -1.48 42.18 -37.20
C PRO E 23 -2.84 41.90 -36.54
N ALA E 24 -3.30 42.86 -35.74
CA ALA E 24 -4.61 42.78 -35.08
C ALA E 24 -5.74 42.78 -36.15
N PRO E 25 -6.92 42.19 -35.87
CA PRO E 25 -7.99 42.24 -36.86
C PRO E 25 -8.36 43.67 -37.29
N VAL E 26 -8.61 43.87 -38.59
CA VAL E 26 -9.04 45.16 -39.14
C VAL E 26 -10.57 45.10 -39.24
N TYR E 27 -11.25 46.00 -38.50
CA TYR E 27 -12.71 46.03 -38.44
C TYR E 27 -13.41 46.74 -39.61
N ARG E 28 -12.72 47.65 -40.33
CA ARG E 28 -13.25 48.36 -41.51
C ARG E 28 -14.36 49.38 -41.17
N PRO E 45 -26.00 17.41 -26.88
CA PRO E 45 -25.07 16.92 -27.91
C PRO E 45 -23.83 17.82 -28.12
N LYS E 46 -23.92 19.15 -27.84
CA LYS E 46 -22.76 20.05 -27.99
C LYS E 46 -21.75 19.78 -26.86
N ILE E 47 -20.55 19.31 -27.23
CA ILE E 47 -19.52 18.99 -26.24
C ILE E 47 -18.69 20.24 -25.91
N THR E 48 -19.31 21.19 -25.19
CA THR E 48 -18.67 22.38 -24.67
C THR E 48 -17.81 21.93 -23.46
N LEU E 49 -16.96 22.82 -22.94
CA LEU E 49 -16.14 22.49 -21.78
C LEU E 49 -17.02 22.23 -20.54
N LEU E 50 -18.14 22.96 -20.41
CA LEU E 50 -19.10 22.77 -19.32
C LEU E 50 -19.79 21.40 -19.39
N THR E 51 -20.26 20.97 -20.61
CA THR E 51 -20.89 19.67 -20.84
C THR E 51 -19.91 18.53 -20.49
N LEU E 52 -18.61 18.71 -20.81
CA LEU E 52 -17.54 17.74 -20.53
C LEU E 52 -17.44 17.52 -19.01
N ILE E 53 -17.44 18.63 -18.23
CA ILE E 53 -17.37 18.67 -16.77
C ILE E 53 -18.59 17.97 -16.17
N LYS E 54 -19.79 18.31 -16.67
CA LYS E 54 -21.07 17.75 -16.24
C LYS E 54 -21.14 16.25 -16.51
N THR E 55 -20.62 15.81 -17.67
CA THR E 55 -20.59 14.39 -18.04
C THR E 55 -19.66 13.65 -17.08
N ALA E 56 -18.46 14.22 -16.81
CA ALA E 56 -17.48 13.62 -15.88
C ALA E 56 -18.04 13.52 -14.46
N GLU E 57 -18.71 14.61 -13.96
CA GLU E 57 -19.39 14.72 -12.65
C GLU E 57 -20.40 13.60 -12.48
N HIS E 58 -21.25 13.42 -13.49
CA HIS E 58 -22.29 12.37 -13.54
C HIS E 58 -21.69 10.96 -13.45
N TRP E 59 -20.72 10.65 -14.32
CA TRP E 59 -20.09 9.34 -14.41
C TRP E 59 -19.15 9.01 -13.24
N ALA E 60 -18.59 10.04 -12.57
CA ALA E 60 -17.76 9.83 -11.37
C ALA E 60 -18.63 9.20 -10.24
N ARG E 61 -19.95 9.55 -10.21
CA ARG E 61 -20.95 9.10 -9.24
C ARG E 61 -21.51 7.70 -9.56
N GLN E 62 -21.34 7.19 -10.79
CA GLN E 62 -21.89 5.91 -11.21
C GLN E 62 -21.04 4.71 -10.86
N ASP E 63 -21.70 3.54 -10.65
CA ASP E 63 -21.00 2.27 -10.44
C ASP E 63 -20.85 1.71 -11.85
N ILE E 64 -19.61 1.73 -12.37
CA ILE E 64 -19.34 1.33 -13.75
C ILE E 64 -18.85 -0.12 -13.85
N ARG E 65 -18.72 -0.81 -12.71
CA ARG E 65 -18.26 -2.21 -12.66
C ARG E 65 -19.10 -3.15 -13.51
N THR E 66 -20.39 -2.83 -13.70
CA THR E 66 -21.32 -3.68 -14.45
C THR E 66 -21.81 -3.07 -15.78
N ILE E 67 -21.35 -1.85 -16.15
CA ILE E 67 -21.77 -1.21 -17.41
C ILE E 67 -21.32 -2.00 -18.64
N GLU E 68 -22.03 -1.81 -19.77
CA GLU E 68 -21.73 -2.46 -21.04
C GLU E 68 -20.45 -1.91 -21.69
N ASP E 69 -19.73 -2.75 -22.46
CA ASP E 69 -18.46 -2.44 -23.14
C ASP E 69 -18.49 -1.14 -23.96
N SER E 70 -19.62 -0.85 -24.63
CA SER E 70 -19.79 0.33 -25.45
C SER E 70 -19.75 1.61 -24.62
N LYS E 71 -20.31 1.58 -23.38
CA LYS E 71 -20.30 2.72 -22.46
C LYS E 71 -18.89 2.87 -21.86
N LEU E 72 -18.24 1.73 -21.56
CA LEU E 72 -16.88 1.73 -21.00
C LEU E 72 -15.87 2.28 -22.02
N ARG E 73 -16.04 1.92 -23.31
CA ARG E 73 -15.20 2.41 -24.42
C ARG E 73 -15.34 3.94 -24.54
N ALA E 74 -16.58 4.44 -24.39
CA ALA E 74 -16.91 5.86 -24.43
C ALA E 74 -16.30 6.60 -23.23
N LEU E 75 -16.25 5.94 -22.08
CA LEU E 75 -15.64 6.50 -20.85
C LEU E 75 -14.14 6.64 -20.98
N LEU E 76 -13.49 5.72 -21.72
CA LEU E 76 -12.06 5.80 -22.00
C LEU E 76 -11.79 7.05 -22.85
N THR E 77 -12.66 7.34 -23.85
CA THR E 77 -12.58 8.54 -24.70
C THR E 77 -12.75 9.77 -23.82
N LEU E 78 -13.73 9.75 -22.87
CA LEU E 78 -13.95 10.85 -21.94
C LEU E 78 -12.67 11.15 -21.11
N CYS E 79 -11.98 10.08 -20.62
CA CYS E 79 -10.76 10.25 -19.84
C CYS E 79 -9.62 10.79 -20.68
N ALA E 80 -9.50 10.35 -21.95
CA ALA E 80 -8.48 10.80 -22.90
C ALA E 80 -8.66 12.29 -23.21
N VAL E 81 -9.91 12.70 -23.57
CA VAL E 81 -10.27 14.10 -23.86
C VAL E 81 -10.01 15.02 -22.66
N MET E 82 -10.45 14.58 -21.46
CA MET E 82 -10.27 15.36 -20.24
C MET E 82 -8.82 15.48 -19.78
N THR E 83 -7.98 14.44 -20.03
CA THR E 83 -6.54 14.48 -19.70
C THR E 83 -5.91 15.64 -20.51
N ARG E 84 -6.40 15.86 -21.73
CA ARG E 84 -5.92 16.92 -22.63
C ARG E 84 -6.38 18.30 -22.22
N LYS E 85 -7.25 18.39 -21.18
CA LYS E 85 -7.72 19.67 -20.64
C LYS E 85 -6.83 20.06 -19.43
N PHE E 86 -5.84 19.21 -19.09
CA PHE E 86 -4.84 19.47 -18.08
C PHE E 86 -3.59 19.86 -18.79
N SER E 87 -2.82 20.83 -18.26
CA SER E 87 -1.56 21.22 -18.89
C SER E 87 -0.58 20.05 -18.70
N LYS E 88 0.38 19.89 -19.62
CA LYS E 88 1.38 18.82 -19.59
C LYS E 88 2.12 18.73 -18.23
N SER E 89 2.42 19.88 -17.65
CA SER E 89 3.13 20.03 -16.39
C SER E 89 2.28 19.65 -15.16
N GLN E 90 0.95 19.55 -15.33
CA GLN E 90 0.05 19.14 -14.25
C GLN E 90 -0.10 17.59 -14.15
N LEU E 91 0.37 16.83 -15.17
CA LEU E 91 0.24 15.37 -15.22
C LEU E 91 0.92 14.62 -14.08
N SER E 92 2.03 15.17 -13.55
CA SER E 92 2.79 14.60 -12.43
C SER E 92 1.94 14.56 -11.14
N LEU E 93 1.21 15.67 -10.85
CA LEU E 93 0.32 15.78 -9.71
C LEU E 93 -0.91 14.90 -9.92
N LEU E 94 -1.42 14.81 -11.18
CA LEU E 94 -2.54 13.94 -11.53
C LEU E 94 -2.16 12.48 -11.24
N CYS E 95 -0.93 12.07 -11.67
CA CYS E 95 -0.37 10.74 -11.41
C CYS E 95 -0.33 10.44 -9.93
N GLU E 96 0.30 11.34 -9.15
CA GLU E 96 0.48 11.22 -7.70
C GLU E 96 -0.85 11.16 -6.92
N THR E 97 -1.86 11.94 -7.35
CA THR E 97 -3.18 11.96 -6.73
C THR E 97 -3.87 10.62 -6.98
N HIS E 98 -3.70 10.06 -8.19
CA HIS E 98 -4.22 8.76 -8.61
C HIS E 98 -3.65 7.65 -7.71
N LEU E 99 -2.31 7.66 -7.46
CA LEU E 99 -1.63 6.67 -6.59
C LEU E 99 -2.10 6.73 -5.14
N ARG E 100 -2.32 7.94 -4.62
CA ARG E 100 -2.77 8.13 -3.24
C ARG E 100 -4.22 7.66 -3.06
N ARG E 101 -5.14 8.05 -3.96
CA ARG E 101 -6.55 7.63 -3.91
C ARG E 101 -6.68 6.12 -3.95
N GLU E 102 -5.92 5.45 -4.83
CA GLU E 102 -5.96 4.02 -5.06
C GLU E 102 -5.13 3.17 -4.11
N GLY E 103 -4.30 3.80 -3.29
CA GLY E 103 -3.40 3.12 -2.37
C GLY E 103 -2.29 2.38 -3.09
N LEU E 104 -1.93 2.87 -4.30
CA LEU E 104 -0.87 2.25 -5.11
C LEU E 104 0.49 2.71 -4.62
N GLY E 105 1.49 1.84 -4.72
CA GLY E 105 2.83 2.17 -4.29
C GLY E 105 3.51 3.15 -5.21
N GLN E 106 4.65 3.69 -4.76
CA GLN E 106 5.40 4.66 -5.55
C GLN E 106 6.03 3.99 -6.77
N ASP E 107 6.21 2.68 -6.70
CA ASP E 107 6.80 1.92 -7.79
C ASP E 107 5.88 1.86 -9.01
N GLN E 108 4.59 2.10 -8.77
CA GLN E 108 3.60 2.07 -9.84
C GLN E 108 3.26 3.48 -10.33
N ALA E 109 4.22 4.38 -10.20
CA ALA E 109 4.03 5.77 -10.62
C ALA E 109 4.34 5.94 -12.11
N GLU E 110 5.44 5.33 -12.54
CA GLU E 110 5.86 5.42 -13.94
C GLU E 110 4.75 4.96 -14.87
N PRO E 111 4.23 3.76 -14.63
CA PRO E 111 3.15 3.20 -15.45
C PRO E 111 1.93 4.13 -15.49
N VAL E 112 1.54 4.65 -14.33
CA VAL E 112 0.40 5.54 -14.25
C VAL E 112 0.67 6.86 -14.97
N LEU E 113 1.87 7.40 -14.78
CA LEU E 113 2.25 8.65 -15.42
C LEU E 113 2.31 8.50 -16.93
N GLU E 114 2.80 7.36 -17.39
CA GLU E 114 2.91 7.08 -18.82
C GLU E 114 1.55 7.16 -19.50
N VAL E 115 0.54 6.56 -18.86
CA VAL E 115 -0.81 6.56 -19.41
C VAL E 115 -1.31 7.98 -19.64
N TYR E 116 -1.16 8.83 -18.63
CA TYR E 116 -1.61 10.21 -18.72
C TYR E 116 -0.84 10.96 -19.80
N GLN E 117 0.48 10.88 -19.76
CA GLN E 117 1.34 11.54 -20.75
C GLN E 117 1.01 11.14 -22.18
N ARG E 118 0.75 9.84 -22.40
CA ARG E 118 0.50 9.32 -23.74
C ARG E 118 -0.95 9.55 -24.17
N LEU E 119 -1.88 9.74 -23.22
CA LEU E 119 -3.25 10.16 -23.58
C LEU E 119 -3.22 11.65 -23.92
N HIS E 120 -2.39 12.42 -23.19
CA HIS E 120 -2.24 13.86 -23.36
C HIS E 120 -1.64 14.21 -24.74
N SER E 121 -0.73 13.36 -25.25
CA SER E 121 -0.08 13.62 -26.55
C SER E 121 -0.70 12.81 -27.69
N ASP E 122 -1.78 12.07 -27.40
CA ASP E 122 -2.43 11.18 -28.36
C ASP E 122 -2.96 11.88 -29.60
N LYS E 123 -2.84 11.18 -30.73
CA LYS E 123 -3.33 11.63 -32.04
C LYS E 123 -4.12 10.49 -32.67
N GLY E 124 -5.31 10.80 -33.16
CA GLY E 124 -6.21 9.83 -33.78
C GLY E 124 -6.63 8.66 -32.91
N GLY E 125 -6.61 8.83 -31.57
CA GLY E 125 -6.97 7.81 -30.58
C GLY E 125 -6.10 6.58 -30.57
N SER E 126 -4.89 6.69 -31.17
CA SER E 126 -3.92 5.60 -31.31
C SER E 126 -3.51 4.94 -29.98
N PHE E 127 -3.04 5.75 -28.99
CA PHE E 127 -2.63 5.22 -27.69
C PHE E 127 -3.85 4.75 -26.88
N GLU E 128 -4.95 5.49 -27.00
CA GLU E 128 -6.23 5.20 -26.32
C GLU E 128 -6.75 3.79 -26.77
N ALA E 129 -6.67 3.47 -28.08
CA ALA E 129 -7.09 2.18 -28.62
C ALA E 129 -6.15 1.05 -28.15
N ALA E 130 -4.83 1.35 -27.97
CA ALA E 130 -3.86 0.36 -27.49
C ALA E 130 -4.18 -0.04 -26.05
N LEU E 131 -4.61 0.93 -25.24
CA LEU E 131 -5.02 0.77 -23.85
C LEU E 131 -6.26 -0.15 -23.77
N TRP E 132 -7.28 0.12 -24.62
CA TRP E 132 -8.51 -0.65 -24.72
C TRP E 132 -8.23 -2.10 -25.11
N GLN E 133 -7.34 -2.31 -26.09
CA GLN E 133 -6.95 -3.60 -26.61
C GLN E 133 -6.07 -4.42 -25.63
N GLN E 134 -5.09 -3.75 -24.99
CA GLN E 134 -4.11 -4.46 -24.16
C GLN E 134 -4.43 -4.55 -22.67
N TRP E 135 -5.24 -3.65 -22.11
CA TRP E 135 -5.56 -3.77 -20.69
C TRP E 135 -6.79 -4.65 -20.47
N ASP E 136 -6.85 -5.32 -19.33
CA ASP E 136 -8.01 -6.11 -18.95
C ASP E 136 -9.12 -5.13 -18.52
N ARG E 137 -10.39 -5.54 -18.65
CA ARG E 137 -11.57 -4.74 -18.29
C ARG E 137 -11.48 -4.15 -16.89
N GLN E 138 -11.03 -4.95 -15.92
CA GLN E 138 -10.91 -4.54 -14.52
C GLN E 138 -9.96 -3.35 -14.34
N SER E 139 -8.80 -3.40 -14.99
CA SER E 139 -7.77 -2.37 -14.97
C SER E 139 -8.29 -1.05 -15.56
N LEU E 140 -9.07 -1.13 -16.65
CA LEU E 140 -9.70 0.03 -17.29
C LEU E 140 -10.75 0.66 -16.37
N ILE E 141 -11.62 -0.18 -15.73
CA ILE E 141 -12.65 0.27 -14.80
C ILE E 141 -12.02 1.02 -13.61
N MET E 142 -10.97 0.42 -13.01
CA MET E 142 -10.28 1.01 -11.87
C MET E 142 -9.63 2.35 -12.21
N PHE E 143 -8.92 2.42 -13.37
CA PHE E 143 -8.25 3.63 -13.84
C PHE E 143 -9.23 4.75 -14.16
N ILE E 144 -10.32 4.44 -14.91
CA ILE E 144 -11.36 5.41 -15.30
C ILE E 144 -12.06 5.99 -14.07
N THR E 145 -12.46 5.14 -13.06
CA THR E 145 -13.11 5.64 -11.83
C THR E 145 -12.18 6.53 -11.02
N ALA E 146 -10.89 6.12 -10.87
CA ALA E 146 -9.90 6.90 -10.13
C ALA E 146 -9.73 8.28 -10.80
N PHE E 147 -9.55 8.33 -12.15
CA PHE E 147 -9.43 9.58 -12.90
C PHE E 147 -10.66 10.49 -12.73
N LEU E 148 -11.88 9.96 -12.99
CA LEU E 148 -13.12 10.74 -12.89
C LEU E 148 -13.37 11.31 -11.47
N ASN E 149 -12.87 10.62 -10.45
CA ASN E 149 -13.01 11.04 -9.06
C ASN E 149 -11.88 11.97 -8.56
N ILE E 150 -10.88 12.28 -9.43
CA ILE E 150 -9.78 13.20 -9.07
C ILE E 150 -9.73 14.40 -10.02
N ALA E 151 -10.16 14.23 -11.29
CA ALA E 151 -10.08 15.25 -12.35
C ALA E 151 -10.79 16.57 -12.05
N LEU E 152 -11.99 16.52 -11.47
CA LEU E 152 -12.78 17.71 -11.20
C LEU E 152 -12.31 18.52 -9.97
N GLN E 153 -11.51 17.90 -9.09
CA GLN E 153 -11.01 18.58 -7.89
C GLN E 153 -9.60 19.14 -8.08
N LEU E 154 -8.85 18.64 -9.06
CA LEU E 154 -7.48 19.11 -9.30
C LEU E 154 -7.43 20.33 -10.18
N PRO E 155 -6.52 21.29 -9.91
CA PRO E 155 -6.37 22.42 -10.84
C PRO E 155 -5.93 21.88 -12.21
N CYS E 156 -6.43 22.49 -13.29
CA CYS E 156 -6.10 22.03 -14.63
C CYS E 156 -4.77 22.65 -15.15
N GLU E 157 -4.18 23.54 -14.35
CA GLU E 157 -2.93 24.28 -14.62
C GLU E 157 -2.00 24.16 -13.42
N SER E 158 -0.73 23.89 -13.66
CA SER E 158 0.24 23.79 -12.57
C SER E 158 1.21 24.99 -12.49
N SER E 159 1.46 25.67 -13.64
CA SER E 159 2.38 26.81 -13.72
C SER E 159 2.06 27.89 -12.69
N ALA E 160 3.06 28.21 -11.82
CA ALA E 160 2.96 29.25 -10.80
C ALA E 160 2.69 30.62 -11.45
N VAL E 161 3.26 30.85 -12.64
CA VAL E 161 3.07 32.07 -13.44
C VAL E 161 1.59 32.18 -13.89
N VAL E 162 1.03 31.07 -14.43
CA VAL E 162 -0.35 31.01 -14.92
C VAL E 162 -1.32 31.20 -13.72
N VAL E 163 -1.13 30.43 -12.64
CA VAL E 163 -1.96 30.47 -11.44
C VAL E 163 -1.92 31.87 -10.79
N SER E 164 -0.72 32.50 -10.65
CA SER E 164 -0.61 33.86 -10.12
C SER E 164 -1.26 34.87 -11.06
N GLY E 165 -1.10 34.65 -12.36
CA GLY E 165 -1.72 35.46 -13.40
C GLY E 165 -3.24 35.42 -13.35
N LEU E 166 -3.83 34.23 -13.10
CA LEU E 166 -5.29 34.06 -13.06
C LEU E 166 -5.96 34.44 -11.73
N ARG E 167 -5.16 34.54 -10.63
CA ARG E 167 -5.57 34.88 -9.27
C ARG E 167 -6.51 36.10 -9.22
N THR E 168 -6.07 37.25 -9.78
CA THR E 168 -6.80 38.51 -9.83
C THR E 168 -8.15 38.46 -10.54
N LEU E 169 -8.40 37.41 -11.34
CA LEU E 169 -9.63 37.27 -12.13
C LEU E 169 -10.74 36.49 -11.49
N VAL E 170 -10.42 35.55 -10.60
CA VAL E 170 -11.42 34.70 -9.94
C VAL E 170 -12.42 35.57 -9.10
N PRO E 171 -13.71 35.57 -9.56
CA PRO E 171 -14.71 36.46 -8.95
C PRO E 171 -15.10 36.10 -7.51
N THR F 19 1.68 -0.01 -31.32
CA THR F 19 1.65 0.75 -30.06
C THR F 19 1.58 -0.20 -28.86
N VAL F 20 2.55 -0.05 -27.94
CA VAL F 20 2.60 -0.86 -26.73
C VAL F 20 2.19 0.01 -25.52
N ALA F 21 1.08 -0.36 -24.87
CA ALA F 21 0.59 0.34 -23.69
C ALA F 21 1.47 -0.05 -22.48
N PRO F 22 1.70 0.84 -21.48
CA PRO F 22 2.46 0.41 -20.28
C PRO F 22 1.65 -0.64 -19.49
N PRO F 23 2.25 -1.39 -18.54
CA PRO F 23 1.44 -2.34 -17.76
C PRO F 23 0.44 -1.57 -16.88
N ALA F 24 -0.73 -2.16 -16.64
CA ALA F 24 -1.76 -1.57 -15.79
C ALA F 24 -1.24 -1.47 -14.36
N PRO F 25 -1.69 -0.50 -13.52
CA PRO F 25 -1.18 -0.43 -12.14
C PRO F 25 -1.38 -1.75 -11.37
N VAL F 26 -0.37 -2.17 -10.59
CA VAL F 26 -0.48 -3.40 -9.81
C VAL F 26 -0.94 -3.02 -8.39
N TYR F 27 -2.13 -3.49 -8.00
CA TYR F 27 -2.72 -3.22 -6.69
C TYR F 27 -2.29 -4.27 -5.66
N ARG F 28 -2.12 -3.83 -4.40
CA ARG F 28 -1.71 -4.69 -3.28
C ARG F 28 -2.90 -5.01 -2.37
N LYS F 46 -8.12 27.44 -6.30
CA LYS F 46 -7.77 26.33 -7.17
C LYS F 46 -8.34 26.55 -8.56
N ILE F 47 -7.47 26.60 -9.59
CA ILE F 47 -7.89 26.83 -10.96
C ILE F 47 -8.21 25.47 -11.64
N THR F 48 -9.34 24.90 -11.27
CA THR F 48 -9.91 23.67 -11.80
C THR F 48 -10.59 24.08 -13.11
N LEU F 49 -11.01 23.12 -13.93
CA LEU F 49 -11.68 23.43 -15.18
C LEU F 49 -12.99 24.21 -14.97
N LEU F 50 -13.75 23.88 -13.89
CA LEU F 50 -14.99 24.60 -13.55
C LEU F 50 -14.73 26.08 -13.16
N THR F 51 -13.68 26.34 -12.34
CA THR F 51 -13.32 27.69 -11.95
C THR F 51 -12.89 28.52 -13.16
N LEU F 52 -12.22 27.90 -14.16
CA LEU F 52 -11.79 28.54 -15.40
C LEU F 52 -13.02 29.02 -16.16
N ILE F 53 -14.06 28.14 -16.28
CA ILE F 53 -15.32 28.40 -16.96
C ILE F 53 -16.08 29.54 -16.27
N LYS F 54 -16.16 29.49 -14.93
CA LYS F 54 -16.83 30.49 -14.09
C LYS F 54 -16.16 31.85 -14.21
N THR F 55 -14.81 31.86 -14.25
CA THR F 55 -14.02 33.09 -14.42
C THR F 55 -14.32 33.71 -15.80
N ALA F 56 -14.33 32.87 -16.85
CA ALA F 56 -14.61 33.30 -18.22
C ALA F 56 -16.04 33.85 -18.36
N GLU F 57 -17.04 33.15 -17.78
CA GLU F 57 -18.46 33.52 -17.75
C GLU F 57 -18.64 34.92 -17.16
N HIS F 58 -17.97 35.17 -16.05
CA HIS F 58 -18.00 36.43 -15.37
C HIS F 58 -17.40 37.58 -16.16
N TRP F 59 -16.20 37.38 -16.65
CA TRP F 59 -15.48 38.39 -17.41
C TRP F 59 -16.02 38.65 -18.80
N ALA F 60 -16.77 37.68 -19.38
CA ALA F 60 -17.45 37.85 -20.67
C ALA F 60 -18.54 38.95 -20.53
N ARG F 61 -19.15 39.05 -19.33
CA ARG F 61 -20.22 40.01 -19.01
C ARG F 61 -19.70 41.41 -18.63
N GLN F 62 -18.40 41.55 -18.32
CA GLN F 62 -17.81 42.81 -17.89
C GLN F 62 -17.41 43.75 -19.01
N ASP F 63 -17.47 45.08 -18.74
CA ASP F 63 -16.99 46.12 -19.64
C ASP F 63 -15.52 46.28 -19.22
N ILE F 64 -14.62 45.78 -20.08
CA ILE F 64 -13.19 45.77 -19.77
C ILE F 64 -12.45 46.93 -20.43
N ARG F 65 -13.19 47.84 -21.10
CA ARG F 65 -12.61 49.02 -21.76
C ARG F 65 -11.87 49.95 -20.80
N THR F 66 -12.26 49.95 -19.52
CA THR F 66 -11.65 50.85 -18.53
C THR F 66 -10.80 50.17 -17.43
N ILE F 67 -10.77 48.82 -17.39
CA ILE F 67 -10.01 48.07 -16.37
C ILE F 67 -8.50 48.37 -16.44
N GLU F 68 -7.81 48.19 -15.30
CA GLU F 68 -6.36 48.40 -15.14
C GLU F 68 -5.56 47.39 -16.01
N ASP F 69 -4.34 47.77 -16.41
CA ASP F 69 -3.43 46.95 -17.21
C ASP F 69 -3.14 45.57 -16.61
N SER F 70 -3.04 45.47 -15.27
CA SER F 70 -2.77 44.21 -14.56
C SER F 70 -3.93 43.22 -14.72
N LYS F 71 -5.18 43.70 -14.76
CA LYS F 71 -6.37 42.88 -14.97
C LYS F 71 -6.47 42.46 -16.44
N LEU F 72 -6.14 43.38 -17.36
CA LEU F 72 -6.14 43.12 -18.79
C LEU F 72 -5.06 42.08 -19.17
N ARG F 73 -3.88 42.16 -18.54
CA ARG F 73 -2.77 41.22 -18.72
C ARG F 73 -3.20 39.83 -18.28
N ALA F 74 -3.93 39.75 -17.15
CA ALA F 74 -4.46 38.51 -16.58
C ALA F 74 -5.53 37.93 -17.52
N LEU F 75 -6.35 38.79 -18.15
CA LEU F 75 -7.37 38.34 -19.10
C LEU F 75 -6.76 37.74 -20.38
N LEU F 76 -5.59 38.24 -20.80
CA LEU F 76 -4.86 37.69 -21.94
C LEU F 76 -4.40 36.25 -21.58
N THR F 77 -3.90 36.03 -20.33
CA THR F 77 -3.51 34.71 -19.81
C THR F 77 -4.74 33.80 -19.80
N LEU F 78 -5.92 34.33 -19.37
CA LEU F 78 -7.16 33.55 -19.36
C LEU F 78 -7.52 33.05 -20.77
N CYS F 79 -7.39 33.93 -21.77
CA CYS F 79 -7.68 33.57 -23.16
C CYS F 79 -6.70 32.54 -23.70
N ALA F 80 -5.40 32.68 -23.38
CA ALA F 80 -4.34 31.75 -23.78
C ALA F 80 -4.59 30.35 -23.18
N VAL F 81 -4.89 30.26 -21.88
CA VAL F 81 -5.17 29.02 -21.13
C VAL F 81 -6.43 28.34 -21.69
N MET F 82 -7.50 29.12 -21.91
CA MET F 82 -8.76 28.61 -22.46
C MET F 82 -8.68 28.15 -23.91
N THR F 83 -7.85 28.83 -24.76
CA THR F 83 -7.61 28.41 -26.15
C THR F 83 -7.05 26.96 -26.13
N ARG F 84 -6.17 26.67 -25.17
CA ARG F 84 -5.53 25.37 -24.99
C ARG F 84 -6.48 24.29 -24.45
N LYS F 85 -7.72 24.67 -24.12
CA LYS F 85 -8.78 23.73 -23.67
C LYS F 85 -9.67 23.34 -24.87
N PHE F 86 -9.33 23.89 -26.05
CA PHE F 86 -9.97 23.54 -27.32
C PHE F 86 -9.00 22.61 -28.02
N SER F 87 -9.52 21.60 -28.74
CA SER F 87 -8.63 20.71 -29.50
C SER F 87 -8.06 21.54 -30.67
N LYS F 88 -6.86 21.20 -31.15
CA LYS F 88 -6.20 21.90 -32.26
C LYS F 88 -7.13 22.03 -33.51
N SER F 89 -7.89 20.97 -33.78
CA SER F 89 -8.82 20.87 -34.91
C SER F 89 -10.08 21.75 -34.76
N GLN F 90 -10.38 22.23 -33.54
CA GLN F 90 -11.52 23.10 -33.30
C GLN F 90 -11.19 24.61 -33.52
N LEU F 91 -9.88 24.97 -33.64
CA LEU F 91 -9.43 26.36 -33.79
C LEU F 91 -9.96 27.08 -35.04
N SER F 92 -10.23 26.34 -36.13
CA SER F 92 -10.77 26.90 -37.38
C SER F 92 -12.21 27.43 -37.20
N LEU F 93 -13.05 26.68 -36.45
CA LEU F 93 -14.41 27.08 -36.12
C LEU F 93 -14.38 28.26 -35.12
N LEU F 94 -13.43 28.24 -34.17
CA LEU F 94 -13.24 29.31 -33.19
C LEU F 94 -12.92 30.61 -33.95
N CYS F 95 -12.03 30.54 -34.96
CA CYS F 95 -11.67 31.66 -35.83
C CYS F 95 -12.88 32.23 -36.57
N GLU F 96 -13.60 31.33 -37.26
CA GLU F 96 -14.78 31.70 -38.02
C GLU F 96 -15.92 32.31 -37.16
N THR F 97 -16.11 31.79 -35.92
CA THR F 97 -17.13 32.29 -35.00
C THR F 97 -16.75 33.71 -34.55
N HIS F 98 -15.44 33.93 -34.30
CA HIS F 98 -14.86 35.21 -33.92
C HIS F 98 -15.13 36.26 -35.02
N LEU F 99 -14.88 35.90 -36.32
CA LEU F 99 -15.12 36.81 -37.45
C LEU F 99 -16.59 37.20 -37.57
N ARG F 100 -17.50 36.21 -37.46
CA ARG F 100 -18.93 36.44 -37.58
C ARG F 100 -19.48 37.34 -36.46
N ARG F 101 -19.08 37.09 -35.19
CA ARG F 101 -19.51 37.90 -34.05
C ARG F 101 -19.06 39.36 -34.21
N GLU F 102 -17.82 39.56 -34.68
CA GLU F 102 -17.18 40.85 -34.83
C GLU F 102 -17.48 41.58 -36.12
N GLY F 103 -18.14 40.91 -37.06
CA GLY F 103 -18.45 41.48 -38.37
C GLY F 103 -17.22 41.62 -39.24
N LEU F 104 -16.17 40.80 -38.97
CA LEU F 104 -14.92 40.86 -39.73
C LEU F 104 -15.04 40.14 -41.08
N GLY F 105 -14.31 40.65 -42.08
CA GLY F 105 -14.21 40.08 -43.41
C GLY F 105 -13.39 38.79 -43.43
N GLN F 106 -13.58 37.95 -44.48
CA GLN F 106 -12.85 36.67 -44.61
C GLN F 106 -11.35 36.86 -44.76
N ASP F 107 -10.89 38.02 -45.23
CA ASP F 107 -9.45 38.28 -45.31
C ASP F 107 -8.77 38.26 -43.94
N GLN F 108 -9.54 38.57 -42.91
CA GLN F 108 -9.09 38.64 -41.51
C GLN F 108 -8.97 37.25 -40.86
N ALA F 109 -9.53 36.20 -41.49
CA ALA F 109 -9.44 34.83 -40.99
C ALA F 109 -8.05 34.38 -40.56
N GLU F 110 -7.03 34.59 -41.41
CA GLU F 110 -5.65 34.15 -41.16
C GLU F 110 -5.04 34.79 -39.93
N PRO F 111 -5.03 36.15 -39.75
CA PRO F 111 -4.45 36.72 -38.51
C PRO F 111 -5.18 36.21 -37.27
N VAL F 112 -6.52 36.10 -37.35
CA VAL F 112 -7.32 35.63 -36.20
C VAL F 112 -6.96 34.14 -35.89
N LEU F 113 -6.91 33.28 -36.91
CA LEU F 113 -6.54 31.86 -36.74
C LEU F 113 -5.09 31.75 -36.23
N GLU F 114 -4.19 32.63 -36.70
CA GLU F 114 -2.79 32.60 -36.28
C GLU F 114 -2.64 32.88 -34.78
N VAL F 115 -3.43 33.83 -34.26
CA VAL F 115 -3.47 34.12 -32.82
C VAL F 115 -3.86 32.87 -32.04
N TYR F 116 -4.99 32.24 -32.40
CA TYR F 116 -5.51 31.04 -31.72
C TYR F 116 -4.56 29.86 -31.79
N GLN F 117 -3.97 29.61 -32.98
CA GLN F 117 -3.01 28.54 -33.19
C GLN F 117 -1.74 28.75 -32.38
N ARG F 118 -1.25 29.98 -32.30
CA ARG F 118 0.01 30.29 -31.62
C ARG F 118 -0.18 30.41 -30.12
N LEU F 119 -1.41 30.70 -29.66
CA LEU F 119 -1.70 30.64 -28.22
C LEU F 119 -1.81 29.17 -27.81
N HIS F 120 -2.40 28.35 -28.71
CA HIS F 120 -2.64 26.91 -28.49
C HIS F 120 -1.34 26.15 -28.38
N SER F 121 -0.30 26.57 -29.13
CA SER F 121 1.00 25.87 -29.12
C SER F 121 2.05 26.60 -28.26
N ASP F 122 1.62 27.66 -27.53
CA ASP F 122 2.51 28.51 -26.74
C ASP F 122 3.23 27.78 -25.63
N LYS F 123 4.48 28.18 -25.39
CA LYS F 123 5.34 27.63 -24.34
C LYS F 123 5.92 28.80 -23.55
N GLY F 124 5.76 28.74 -22.23
CA GLY F 124 6.24 29.76 -21.29
C GLY F 124 5.74 31.17 -21.53
N GLY F 125 4.53 31.28 -22.14
CA GLY F 125 3.88 32.56 -22.43
C GLY F 125 4.59 33.44 -23.45
N SER F 126 5.48 32.86 -24.25
CA SER F 126 6.27 33.55 -25.27
C SER F 126 5.44 34.32 -26.33
N PHE F 127 4.50 33.63 -27.02
CA PHE F 127 3.64 34.28 -28.01
C PHE F 127 2.64 35.25 -27.34
N GLU F 128 2.11 34.84 -26.18
CA GLU F 128 1.18 35.63 -25.40
C GLU F 128 1.82 37.00 -25.00
N ALA F 129 3.12 36.98 -24.58
CA ALA F 129 3.84 38.22 -24.22
C ALA F 129 4.09 39.12 -25.43
N ALA F 130 4.32 38.52 -26.63
CA ALA F 130 4.54 39.25 -27.89
C ALA F 130 3.27 40.00 -28.27
N LEU F 131 2.11 39.38 -28.06
CA LEU F 131 0.79 39.94 -28.33
C LEU F 131 0.56 41.19 -27.45
N TRP F 132 0.87 41.07 -26.14
CA TRP F 132 0.76 42.12 -25.15
C TRP F 132 1.64 43.33 -25.51
N GLN F 133 2.87 43.07 -25.98
CA GLN F 133 3.85 44.10 -26.38
C GLN F 133 3.46 44.81 -27.66
N GLN F 134 3.10 44.01 -28.67
CA GLN F 134 2.91 44.51 -30.02
C GLN F 134 1.51 45.01 -30.36
N TRP F 135 0.48 44.51 -29.69
CA TRP F 135 -0.86 45.00 -30.02
C TRP F 135 -1.20 46.23 -29.19
N ASP F 136 -2.05 47.11 -29.75
CA ASP F 136 -2.54 48.27 -29.02
C ASP F 136 -3.60 47.76 -28.03
N ARG F 137 -3.76 48.46 -26.91
CA ARG F 137 -4.70 48.12 -25.85
C ARG F 137 -6.13 47.87 -26.38
N GLN F 138 -6.63 48.69 -27.30
CA GLN F 138 -8.00 48.54 -27.82
C GLN F 138 -8.20 47.24 -28.63
N SER F 139 -7.18 46.80 -29.42
CA SER F 139 -7.15 45.54 -30.16
C SER F 139 -7.21 44.36 -29.24
N LEU F 140 -6.45 44.40 -28.11
CA LEU F 140 -6.45 43.34 -27.09
C LEU F 140 -7.83 43.26 -26.40
N ILE F 141 -8.43 44.43 -26.04
CA ILE F 141 -9.75 44.48 -25.41
C ILE F 141 -10.81 43.84 -26.33
N MET F 142 -10.83 44.21 -27.64
CA MET F 142 -11.79 43.69 -28.62
C MET F 142 -11.63 42.18 -28.83
N PHE F 143 -10.38 41.68 -28.95
CA PHE F 143 -10.11 40.25 -29.13
C PHE F 143 -10.52 39.43 -27.91
N ILE F 144 -10.15 39.90 -26.68
CA ILE F 144 -10.45 39.21 -25.41
C ILE F 144 -11.96 39.12 -25.19
N THR F 145 -12.71 40.23 -25.44
CA THR F 145 -14.17 40.26 -25.32
C THR F 145 -14.84 39.27 -26.31
N ALA F 146 -14.41 39.30 -27.57
CA ALA F 146 -14.93 38.41 -28.61
C ALA F 146 -14.70 36.92 -28.21
N PHE F 147 -13.46 36.57 -27.78
CA PHE F 147 -13.14 35.22 -27.34
C PHE F 147 -13.99 34.75 -26.15
N LEU F 148 -14.05 35.56 -25.07
CA LEU F 148 -14.83 35.24 -23.88
C LEU F 148 -16.32 35.05 -24.15
N ASN F 149 -16.85 35.76 -25.15
CA ASN F 149 -18.26 35.68 -25.53
C ASN F 149 -18.58 34.57 -26.54
N ILE F 150 -17.57 33.81 -27.02
CA ILE F 150 -17.79 32.69 -27.96
C ILE F 150 -17.29 31.37 -27.37
N ALA F 151 -16.25 31.40 -26.51
CA ALA F 151 -15.60 30.22 -25.94
C ALA F 151 -16.52 29.25 -25.18
N LEU F 152 -17.44 29.77 -24.37
CA LEU F 152 -18.33 28.95 -23.56
C LEU F 152 -19.51 28.32 -24.33
N GLN F 153 -19.82 28.84 -25.53
CA GLN F 153 -20.90 28.29 -26.34
C GLN F 153 -20.41 27.31 -27.41
N LEU F 154 -19.14 27.37 -27.78
CA LEU F 154 -18.60 26.45 -28.79
C LEU F 154 -18.19 25.12 -28.21
N PRO F 155 -18.40 23.98 -28.94
CA PRO F 155 -17.85 22.71 -28.46
C PRO F 155 -16.31 22.80 -28.40
N CYS F 156 -15.71 22.19 -27.37
CA CYS F 156 -14.26 22.23 -27.17
C CYS F 156 -13.53 21.15 -27.99
N GLU F 157 -14.32 20.30 -28.67
CA GLU F 157 -13.87 19.17 -29.50
C GLU F 157 -14.57 19.22 -30.85
N SER F 158 -13.80 18.99 -31.93
CA SER F 158 -14.38 18.99 -33.29
C SER F 158 -14.46 17.59 -33.91
N SER F 159 -13.57 16.67 -33.48
CA SER F 159 -13.51 15.30 -34.02
C SER F 159 -14.84 14.58 -33.97
N ALA F 160 -15.33 14.12 -35.17
CA ALA F 160 -16.59 13.36 -35.31
C ALA F 160 -16.50 12.04 -34.53
N VAL F 161 -15.28 11.45 -34.46
CA VAL F 161 -15.01 10.21 -33.71
C VAL F 161 -15.19 10.48 -32.18
N VAL F 162 -14.62 11.58 -31.67
CA VAL F 162 -14.70 11.98 -30.26
C VAL F 162 -16.16 12.29 -29.89
N VAL F 163 -16.81 13.14 -30.68
CA VAL F 163 -18.20 13.56 -30.48
C VAL F 163 -19.17 12.33 -30.51
N SER F 164 -19.02 11.43 -31.51
CA SER F 164 -19.84 10.21 -31.57
C SER F 164 -19.51 9.26 -30.41
N GLY F 165 -18.23 9.20 -30.03
CA GLY F 165 -17.75 8.41 -28.92
C GLY F 165 -18.35 8.87 -27.60
N LEU F 166 -18.48 10.20 -27.40
CA LEU F 166 -19.01 10.79 -26.17
C LEU F 166 -20.53 10.83 -26.10
N ARG F 167 -21.22 10.67 -27.26
CA ARG F 167 -22.68 10.73 -27.42
C ARG F 167 -23.46 9.94 -26.35
N THR F 168 -23.14 8.63 -26.21
CA THR F 168 -23.78 7.72 -25.25
C THR F 168 -23.68 8.16 -23.78
N LEU F 169 -22.70 9.04 -23.44
CA LEU F 169 -22.44 9.46 -22.07
C LEU F 169 -23.14 10.72 -21.60
N VAL F 170 -23.45 11.66 -22.53
CA VAL F 170 -24.06 12.94 -22.22
C VAL F 170 -25.48 12.78 -21.63
N PRO F 171 -25.71 13.24 -20.35
CA PRO F 171 -27.05 13.12 -19.75
C PRO F 171 -28.01 14.20 -20.24
N PRO G 18 44.60 -21.34 8.88
CA PRO G 18 44.05 -20.34 7.96
C PRO G 18 43.31 -20.95 6.74
N THR G 19 41.97 -21.09 6.87
CA THR G 19 41.14 -21.64 5.80
C THR G 19 40.83 -20.55 4.76
N VAL G 20 41.16 -20.84 3.49
CA VAL G 20 40.90 -19.93 2.37
C VAL G 20 39.74 -20.47 1.54
N ALA G 21 38.63 -19.71 1.50
CA ALA G 21 37.44 -20.05 0.75
C ALA G 21 37.70 -19.87 -0.77
N PRO G 22 37.04 -20.64 -1.67
CA PRO G 22 37.19 -20.35 -3.10
C PRO G 22 36.50 -19.00 -3.43
N PRO G 23 36.80 -18.33 -4.57
CA PRO G 23 36.04 -17.10 -4.89
C PRO G 23 34.58 -17.46 -5.17
N ALA G 24 33.66 -16.53 -4.86
CA ALA G 24 32.24 -16.73 -5.06
C ALA G 24 31.92 -16.81 -6.57
N PRO G 25 30.83 -17.53 -6.97
CA PRO G 25 30.49 -17.58 -8.42
C PRO G 25 30.33 -16.19 -9.02
N VAL G 26 30.84 -15.99 -10.25
CA VAL G 26 30.71 -14.74 -10.97
C VAL G 26 29.47 -14.82 -11.87
N TYR G 27 28.47 -13.96 -11.60
CA TYR G 27 27.23 -13.89 -12.35
C TYR G 27 27.42 -12.92 -13.52
N ARG G 28 27.16 -13.39 -14.74
CA ARG G 28 27.30 -12.60 -15.97
C ARG G 28 25.93 -12.39 -16.56
N LYS G 46 13.54 -41.77 -8.13
CA LYS G 46 14.54 -40.81 -7.63
C LYS G 46 14.77 -41.01 -6.13
N ILE G 47 16.01 -41.34 -5.75
CA ILE G 47 16.34 -41.57 -4.33
C ILE G 47 16.72 -40.23 -3.66
N THR G 48 15.70 -39.37 -3.46
CA THR G 48 15.82 -38.11 -2.73
C THR G 48 15.87 -38.46 -1.24
N LEU G 49 16.19 -37.49 -0.38
CA LEU G 49 16.21 -37.72 1.07
C LEU G 49 14.82 -38.08 1.58
N LEU G 50 13.76 -37.46 1.00
CA LEU G 50 12.37 -37.72 1.35
C LEU G 50 11.95 -39.16 0.99
N THR G 51 12.34 -39.65 -0.21
CA THR G 51 12.07 -41.02 -0.69
C THR G 51 12.73 -42.03 0.24
N LEU G 52 13.97 -41.75 0.70
CA LEU G 52 14.73 -42.58 1.64
C LEU G 52 13.93 -42.75 2.93
N ILE G 53 13.41 -41.62 3.47
CA ILE G 53 12.62 -41.56 4.72
C ILE G 53 11.32 -42.37 4.57
N LYS G 54 10.62 -42.16 3.45
CA LYS G 54 9.35 -42.82 3.11
C LYS G 54 9.56 -44.32 2.96
N THR G 55 10.67 -44.74 2.32
CA THR G 55 11.04 -46.15 2.17
C THR G 55 11.31 -46.78 3.54
N ALA G 56 12.08 -46.09 4.40
CA ALA G 56 12.39 -46.56 5.76
C ALA G 56 11.12 -46.69 6.60
N GLU G 57 10.21 -45.68 6.54
CA GLU G 57 8.92 -45.61 7.24
C GLU G 57 8.08 -46.84 6.89
N HIS G 58 7.94 -47.13 5.60
CA HIS G 58 7.20 -48.26 5.06
C HIS G 58 7.77 -49.62 5.56
N TRP G 59 9.07 -49.82 5.41
CA TRP G 59 9.74 -51.06 5.77
C TRP G 59 9.91 -51.28 7.26
N ALA G 60 9.85 -50.21 8.08
CA ALA G 60 9.88 -50.29 9.55
C ALA G 60 8.57 -50.97 10.03
N ARG G 61 7.46 -50.75 9.28
CA ARG G 61 6.11 -51.29 9.51
C ARG G 61 5.94 -52.77 9.07
N GLN G 62 6.83 -53.28 8.21
CA GLN G 62 6.79 -54.66 7.70
C GLN G 62 7.47 -55.70 8.60
N ASP G 63 7.00 -56.95 8.55
CA ASP G 63 7.59 -58.09 9.25
C ASP G 63 8.63 -58.61 8.25
N ILE G 64 9.90 -58.49 8.58
CA ILE G 64 10.90 -58.82 7.60
C ILE G 64 11.53 -60.17 7.86
N ARG G 65 10.95 -60.93 8.76
CA ARG G 65 11.38 -62.26 8.99
C ARG G 65 10.90 -63.13 7.87
N THR G 66 9.86 -62.69 7.17
CA THR G 66 9.31 -63.45 6.06
C THR G 66 9.42 -62.65 4.75
N ILE G 67 10.66 -62.38 4.35
CA ILE G 67 10.90 -61.63 3.12
C ILE G 67 12.00 -62.28 2.29
N GLU G 68 11.92 -62.11 0.98
CA GLU G 68 12.92 -62.68 0.07
C GLU G 68 14.30 -62.10 0.33
N ASP G 69 15.32 -62.93 0.17
CA ASP G 69 16.70 -62.50 0.40
C ASP G 69 17.01 -61.23 -0.39
N SER G 70 16.54 -61.19 -1.63
CA SER G 70 16.77 -60.03 -2.50
C SER G 70 16.24 -58.73 -1.86
N LYS G 71 15.12 -58.82 -1.12
CA LYS G 71 14.52 -57.67 -0.43
C LYS G 71 15.35 -57.38 0.84
N LEU G 72 15.80 -58.44 1.56
CA LEU G 72 16.63 -58.32 2.75
C LEU G 72 17.98 -57.69 2.41
N ARG G 73 18.60 -58.09 1.28
CA ARG G 73 19.87 -57.55 0.80
C ARG G 73 19.72 -56.05 0.52
N ALA G 74 18.59 -55.66 -0.10
CA ALA G 74 18.25 -54.28 -0.43
C ALA G 74 18.03 -53.47 0.86
N LEU G 75 17.43 -54.08 1.91
CA LEU G 75 17.22 -53.44 3.21
C LEU G 75 18.55 -53.20 3.94
N LEU G 76 19.56 -54.06 3.73
CA LEU G 76 20.89 -53.85 4.29
C LEU G 76 21.51 -52.58 3.64
N THR G 77 21.33 -52.40 2.31
CA THR G 77 21.78 -51.21 1.56
C THR G 77 21.05 -49.98 2.11
N LEU G 78 19.72 -50.09 2.35
CA LEU G 78 18.94 -48.99 2.93
C LEU G 78 19.51 -48.57 4.30
N CYS G 79 19.88 -49.55 5.16
CA CYS G 79 20.44 -49.25 6.48
C CYS G 79 21.81 -48.60 6.38
N ALA G 80 22.66 -49.06 5.46
CA ALA G 80 23.99 -48.52 5.19
C ALA G 80 23.90 -47.06 4.72
N VAL G 81 23.03 -46.76 3.72
CA VAL G 81 22.81 -45.43 3.16
C VAL G 81 22.28 -44.46 4.23
N MET G 82 21.29 -44.91 5.01
CA MET G 82 20.68 -44.11 6.07
C MET G 82 21.63 -43.86 7.23
N THR G 83 22.52 -44.83 7.58
CA THR G 83 23.52 -44.63 8.64
C THR G 83 24.41 -43.41 8.24
N ARG G 84 24.70 -43.27 6.93
CA ARG G 84 25.52 -42.18 6.39
C ARG G 84 24.77 -40.82 6.37
N LYS G 85 23.49 -40.80 6.75
CA LYS G 85 22.68 -39.59 6.86
C LYS G 85 22.68 -39.11 8.31
N PHE G 86 23.42 -39.82 9.17
CA PHE G 86 23.63 -39.45 10.57
C PHE G 86 25.04 -38.92 10.63
N SER G 87 25.29 -37.89 11.45
CA SER G 87 26.66 -37.37 11.62
C SER G 87 27.45 -38.43 12.40
N LYS G 88 28.77 -38.50 12.18
CA LYS G 88 29.65 -39.47 12.85
C LYS G 88 29.48 -39.46 14.40
N SER G 89 29.32 -38.28 14.97
CA SER G 89 29.17 -38.02 16.39
C SER G 89 27.83 -38.48 16.96
N GLN G 90 26.83 -38.73 16.10
CA GLN G 90 25.52 -39.21 16.51
C GLN G 90 25.46 -40.76 16.61
N LEU G 91 26.46 -41.47 16.09
CA LEU G 91 26.48 -42.94 16.04
C LEU G 91 26.45 -43.62 17.42
N SER G 92 27.03 -42.98 18.47
CA SER G 92 27.02 -43.48 19.85
C SER G 92 25.60 -43.56 20.42
N LEU G 93 24.77 -42.52 20.16
CA LEU G 93 23.37 -42.46 20.57
C LEU G 93 22.54 -43.47 19.76
N LEU G 94 22.87 -43.65 18.48
CA LEU G 94 22.21 -44.61 17.60
C LEU G 94 22.43 -46.04 18.14
N CYS G 95 23.64 -46.37 18.59
CA CYS G 95 24.03 -47.65 19.21
C CYS G 95 23.23 -47.91 20.49
N GLU G 96 23.23 -46.91 21.40
CA GLU G 96 22.54 -47.00 22.66
C GLU G 96 21.01 -47.13 22.51
N THR G 97 20.40 -46.41 21.54
CA THR G 97 18.97 -46.50 21.25
C THR G 97 18.66 -47.91 20.74
N HIS G 98 19.58 -48.48 19.92
CA HIS G 98 19.46 -49.83 19.39
C HIS G 98 19.45 -50.87 20.51
N LEU G 99 20.48 -50.83 21.41
CA LEU G 99 20.62 -51.75 22.53
C LEU G 99 19.37 -51.70 23.40
N ARG G 100 18.93 -50.48 23.75
CA ARG G 100 17.78 -50.24 24.64
C ARG G 100 16.49 -50.78 24.03
N ARG G 101 16.25 -50.53 22.75
CA ARG G 101 15.09 -51.02 22.03
C ARG G 101 15.06 -52.58 21.99
N GLU G 102 16.25 -53.19 21.83
CA GLU G 102 16.45 -54.63 21.69
C GLU G 102 16.60 -55.38 22.99
N GLY G 103 16.78 -54.66 24.09
CA GLY G 103 17.00 -55.24 25.41
C GLY G 103 18.35 -55.91 25.50
N LEU G 104 19.32 -55.45 24.71
CA LEU G 104 20.69 -55.99 24.68
C LEU G 104 21.50 -55.38 25.80
N GLY G 105 22.43 -56.17 26.36
CA GLY G 105 23.32 -55.73 27.43
C GLY G 105 24.37 -54.74 26.94
N GLN G 106 24.98 -53.98 27.88
CA GLN G 106 26.01 -52.99 27.54
C GLN G 106 27.28 -53.62 26.97
N ASP G 107 27.52 -54.89 27.22
CA ASP G 107 28.65 -55.58 26.60
C ASP G 107 28.52 -55.65 25.07
N GLN G 108 27.27 -55.59 24.59
CA GLN G 108 26.94 -55.65 23.16
C GLN G 108 27.11 -54.28 22.47
N ALA G 109 27.48 -53.23 23.21
CA ALA G 109 27.67 -51.89 22.66
C ALA G 109 28.79 -51.81 21.62
N GLU G 110 29.98 -52.37 21.89
CA GLU G 110 31.09 -52.34 20.95
C GLU G 110 30.74 -52.96 19.56
N PRO G 111 30.18 -54.21 19.46
CA PRO G 111 29.87 -54.77 18.14
C PRO G 111 28.86 -53.95 17.38
N VAL G 112 27.77 -53.54 18.04
CA VAL G 112 26.71 -52.74 17.45
C VAL G 112 27.31 -51.40 16.94
N LEU G 113 28.13 -50.72 17.79
CA LEU G 113 28.71 -49.41 17.42
C LEU G 113 29.73 -49.57 16.27
N GLU G 114 30.52 -50.66 16.30
CA GLU G 114 31.46 -50.98 15.21
C GLU G 114 30.72 -51.13 13.85
N VAL G 115 29.53 -51.78 13.87
CA VAL G 115 28.71 -51.95 12.67
C VAL G 115 28.30 -50.56 12.10
N TYR G 116 27.71 -49.68 12.93
CA TYR G 116 27.30 -48.33 12.55
C TYR G 116 28.47 -47.48 12.05
N GLN G 117 29.62 -47.52 12.75
CA GLN G 117 30.81 -46.76 12.37
C GLN G 117 31.40 -47.22 11.06
N ARG G 118 31.42 -48.54 10.83
CA ARG G 118 31.98 -49.12 9.60
C ARG G 118 31.01 -49.04 8.42
N LEU G 119 29.69 -48.95 8.69
CA LEU G 119 28.71 -48.68 7.61
C LEU G 119 28.83 -47.18 7.23
N HIS G 120 29.06 -46.32 8.25
CA HIS G 120 29.18 -44.86 8.08
C HIS G 120 30.40 -44.47 7.26
N SER G 121 31.50 -45.23 7.40
CA SER G 121 32.76 -44.95 6.68
C SER G 121 32.95 -45.85 5.46
N ASP G 122 31.94 -46.68 5.14
CA ASP G 122 32.01 -47.65 4.05
C ASP G 122 32.22 -47.02 2.67
N LYS G 123 32.98 -47.72 1.84
CA LYS G 123 33.27 -47.33 0.47
C LYS G 123 33.07 -48.54 -0.43
N GLY G 124 32.30 -48.37 -1.50
CA GLY G 124 31.99 -49.41 -2.47
C GLY G 124 31.26 -50.61 -1.91
N GLY G 125 30.49 -50.40 -0.82
CA GLY G 125 29.72 -51.44 -0.13
C GLY G 125 30.53 -52.57 0.46
N SER G 126 31.85 -52.37 0.66
CA SER G 126 32.81 -53.36 1.17
C SER G 126 32.43 -53.96 2.51
N PHE G 127 32.22 -53.12 3.53
CA PHE G 127 31.87 -53.59 4.87
C PHE G 127 30.45 -54.17 4.89
N GLU G 128 29.54 -53.52 4.16
CA GLU G 128 28.14 -53.94 4.00
C GLU G 128 28.07 -55.38 3.43
N ALA G 129 28.89 -55.69 2.39
CA ALA G 129 28.93 -57.03 1.80
C ALA G 129 29.52 -58.07 2.77
N ALA G 130 30.52 -57.66 3.61
CA ALA G 130 31.12 -58.54 4.63
C ALA G 130 30.07 -58.96 5.67
N LEU G 131 29.20 -58.01 6.04
CA LEU G 131 28.10 -58.20 6.98
C LEU G 131 27.11 -59.24 6.43
N TRP G 132 26.70 -59.07 5.15
CA TRP G 132 25.80 -59.97 4.43
C TRP G 132 26.35 -61.39 4.35
N GLN G 133 27.63 -61.51 4.03
CA GLN G 133 28.35 -62.76 3.86
C GLN G 133 28.61 -63.49 5.21
N GLN G 134 29.00 -62.75 6.25
CA GLN G 134 29.42 -63.34 7.52
C GLN G 134 28.36 -63.45 8.62
N TRP G 135 27.32 -62.62 8.59
CA TRP G 135 26.29 -62.73 9.62
C TRP G 135 25.23 -63.72 9.20
N ASP G 136 24.61 -64.38 10.18
CA ASP G 136 23.50 -65.30 9.96
C ASP G 136 22.27 -64.42 9.65
N ARG G 137 21.31 -64.97 8.87
CA ARG G 137 20.07 -64.30 8.46
C ARG G 137 19.34 -63.67 9.62
N GLN G 138 19.23 -64.41 10.74
CA GLN G 138 18.54 -63.94 11.97
C GLN G 138 19.15 -62.65 12.54
N SER G 139 20.49 -62.58 12.60
CA SER G 139 21.24 -61.42 13.09
C SER G 139 21.01 -60.20 12.22
N LEU G 140 20.97 -60.37 10.90
CA LEU G 140 20.70 -59.32 9.91
C LEU G 140 19.28 -58.79 10.07
N ILE G 141 18.29 -59.70 10.20
CA ILE G 141 16.88 -59.35 10.39
C ILE G 141 16.70 -58.53 11.66
N MET G 142 17.29 -58.98 12.79
CA MET G 142 17.21 -58.29 14.10
C MET G 142 17.80 -56.87 14.01
N PHE G 143 19.00 -56.76 13.40
CA PHE G 143 19.71 -55.47 13.24
C PHE G 143 18.95 -54.49 12.36
N ILE G 144 18.49 -54.95 11.19
CA ILE G 144 17.76 -54.12 10.23
C ILE G 144 16.43 -53.60 10.82
N THR G 145 15.65 -54.47 11.51
CA THR G 145 14.38 -54.11 12.16
C THR G 145 14.62 -53.05 13.24
N ALA G 146 15.64 -53.29 14.13
CA ALA G 146 16.02 -52.39 15.21
C ALA G 146 16.37 -51.01 14.64
N PHE G 147 17.25 -50.96 13.61
CA PHE G 147 17.64 -49.69 12.96
C PHE G 147 16.46 -48.93 12.35
N LEU G 148 15.63 -49.62 11.52
CA LEU G 148 14.49 -48.98 10.85
C LEU G 148 13.45 -48.42 11.81
N ASN G 149 13.33 -49.03 12.98
CA ASN G 149 12.40 -48.62 14.01
C ASN G 149 12.95 -47.55 14.98
N ILE G 150 14.23 -47.12 14.82
CA ILE G 150 14.85 -46.08 15.65
C ILE G 150 15.35 -44.89 14.83
N ALA G 151 15.74 -45.13 13.55
CA ALA G 151 16.33 -44.13 12.65
C ALA G 151 15.51 -42.86 12.42
N LEU G 152 14.18 -43.01 12.23
CA LEU G 152 13.30 -41.90 11.91
C LEU G 152 12.95 -41.01 13.13
N GLN G 153 13.13 -41.53 14.36
CA GLN G 153 12.82 -40.78 15.58
C GLN G 153 14.05 -40.09 16.17
N LEU G 154 15.25 -40.55 15.82
CA LEU G 154 16.48 -39.94 16.35
C LEU G 154 16.91 -38.72 15.57
N PRO G 155 17.47 -37.68 16.24
CA PRO G 155 18.03 -36.56 15.46
C PRO G 155 19.22 -37.08 14.63
N CYS G 156 19.39 -36.55 13.43
CA CYS G 156 20.47 -36.97 12.52
C CYS G 156 21.79 -36.22 12.81
N GLU G 157 21.74 -35.24 13.75
CA GLU G 157 22.85 -34.40 14.18
C GLU G 157 22.96 -34.40 15.69
N SER G 158 24.16 -34.52 16.23
CA SER G 158 24.37 -34.52 17.68
C SER G 158 25.02 -33.22 18.19
N SER G 159 25.81 -32.54 17.34
CA SER G 159 26.51 -31.31 17.73
C SER G 159 25.60 -30.23 18.33
N ALA G 160 25.92 -29.82 19.57
CA ALA G 160 25.16 -28.76 20.29
C ALA G 160 25.23 -27.43 19.53
N VAL G 161 26.35 -27.19 18.83
CA VAL G 161 26.55 -26.00 18.03
C VAL G 161 25.62 -26.01 16.77
N VAL G 162 25.54 -27.16 16.09
CA VAL G 162 24.67 -27.37 14.93
C VAL G 162 23.19 -27.25 15.34
N VAL G 163 22.78 -27.97 16.37
CA VAL G 163 21.42 -27.99 16.89
C VAL G 163 20.98 -26.58 17.35
N SER G 164 21.84 -25.87 18.11
CA SER G 164 21.55 -24.48 18.54
C SER G 164 21.54 -23.54 17.35
N GLY G 165 22.44 -23.76 16.40
CA GLY G 165 22.50 -22.99 15.17
C GLY G 165 21.24 -23.13 14.32
N LEU G 166 20.67 -24.35 14.25
CA LEU G 166 19.46 -24.62 13.45
C LEU G 166 18.14 -24.25 14.14
N ARG G 167 18.18 -24.04 15.49
CA ARG G 167 17.04 -23.71 16.35
C ARG G 167 16.13 -22.60 15.81
N THR G 168 16.73 -21.43 15.48
CA THR G 168 16.02 -20.25 14.99
C THR G 168 15.29 -20.49 13.65
N LEU G 169 15.63 -21.58 12.91
CA LEU G 169 15.02 -21.87 11.60
C LEU G 169 13.80 -22.80 11.63
N VAL G 170 13.71 -23.70 12.63
CA VAL G 170 12.62 -24.67 12.77
C VAL G 170 11.35 -23.96 13.25
N THR H 19 37.58 -58.07 4.24
CA THR H 19 37.08 -57.34 5.41
C THR H 19 36.36 -58.30 6.37
N VAL H 20 36.72 -58.25 7.66
CA VAL H 20 36.15 -59.11 8.68
C VAL H 20 35.12 -58.33 9.51
N ALA H 21 33.84 -58.77 9.48
CA ALA H 21 32.75 -58.16 10.21
C ALA H 21 32.88 -58.43 11.70
N PRO H 22 32.43 -57.50 12.60
CA PRO H 22 32.46 -57.83 14.04
C PRO H 22 31.45 -58.95 14.35
N PRO H 23 31.50 -59.62 15.52
CA PRO H 23 30.45 -60.62 15.81
C PRO H 23 29.10 -59.92 15.97
N ALA H 24 28.02 -60.61 15.59
CA ALA H 24 26.66 -60.06 15.67
C ALA H 24 26.27 -59.87 17.13
N PRO H 25 25.35 -58.92 17.48
CA PRO H 25 24.91 -58.81 18.89
C PRO H 25 24.39 -60.15 19.45
N VAL H 26 24.74 -60.46 20.71
CA VAL H 26 24.30 -61.69 21.37
C VAL H 26 23.09 -61.34 22.21
N TYR H 27 21.93 -61.93 21.88
CA TYR H 27 20.67 -61.73 22.61
C TYR H 27 20.58 -62.73 23.75
N ARG H 28 20.31 -62.23 24.97
CA ARG H 28 20.25 -63.07 26.17
C ARG H 28 18.84 -63.25 26.69
N LYS H 46 13.69 -31.50 17.82
CA LYS H 46 14.55 -32.63 17.45
C LYS H 46 14.96 -32.49 15.98
N ILE H 47 16.27 -32.41 15.70
CA ILE H 47 16.72 -32.26 14.31
C ILE H 47 16.87 -33.65 13.64
N THR H 48 15.72 -34.28 13.36
CA THR H 48 15.62 -35.54 12.61
C THR H 48 15.85 -35.21 11.14
N LEU H 49 15.98 -36.24 10.30
CA LEU H 49 16.17 -36.04 8.86
C LEU H 49 14.93 -35.38 8.24
N LEU H 50 13.71 -35.73 8.75
CA LEU H 50 12.46 -35.15 8.29
C LEU H 50 12.35 -33.65 8.65
N THR H 51 12.73 -33.26 9.88
CA THR H 51 12.76 -31.86 10.34
C THR H 51 13.71 -31.02 9.47
N LEU H 52 14.86 -31.60 9.10
CA LEU H 52 15.86 -30.97 8.24
C LEU H 52 15.25 -30.63 6.87
N ILE H 53 14.51 -31.61 6.29
CA ILE H 53 13.83 -31.50 5.00
C ILE H 53 12.74 -30.42 5.05
N LYS H 54 11.92 -30.45 6.13
CA LYS H 54 10.82 -29.51 6.36
C LYS H 54 11.37 -28.09 6.53
N THR H 55 12.50 -27.93 7.24
CA THR H 55 13.16 -26.64 7.44
C THR H 55 13.65 -26.11 6.10
N ALA H 56 14.29 -26.96 5.30
CA ALA H 56 14.81 -26.60 3.97
C ALA H 56 13.68 -26.19 3.02
N GLU H 57 12.57 -26.98 3.00
CA GLU H 57 11.35 -26.75 2.19
C GLU H 57 10.79 -25.37 2.47
N HIS H 58 10.63 -25.03 3.78
CA HIS H 58 10.14 -23.75 4.26
C HIS H 58 11.03 -22.57 3.81
N TRP H 59 12.33 -22.66 4.07
CA TRP H 59 13.29 -21.60 3.77
C TRP H 59 13.60 -21.44 2.28
N ALA H 60 13.38 -22.49 1.47
CA ALA H 60 13.50 -22.42 0.00
C ALA H 60 12.45 -21.46 -0.57
N ARG H 61 11.27 -21.39 0.09
CA ARG H 61 10.13 -20.56 -0.28
C ARG H 61 10.25 -19.09 0.19
N GLN H 62 11.15 -18.80 1.14
CA GLN H 62 11.34 -17.46 1.71
C GLN H 62 12.25 -16.55 0.90
N ASP H 63 11.96 -15.24 0.99
CA ASP H 63 12.79 -14.20 0.42
C ASP H 63 13.79 -13.89 1.54
N ILE H 64 15.02 -14.34 1.38
CA ILE H 64 16.06 -14.19 2.41
C ILE H 64 16.96 -12.98 2.15
N ARG H 65 16.68 -12.21 1.07
CA ARG H 65 17.45 -11.00 0.70
C ARG H 65 17.48 -9.95 1.82
N THR H 66 16.44 -9.91 2.67
CA THR H 66 16.32 -8.91 3.74
C THR H 66 16.44 -9.45 5.16
N ILE H 67 16.58 -10.79 5.35
CA ILE H 67 16.66 -11.39 6.70
C ILE H 67 17.92 -10.95 7.46
N GLU H 68 17.84 -10.99 8.79
CA GLU H 68 18.92 -10.64 9.70
C GLU H 68 20.11 -11.61 9.57
N ASP H 69 21.31 -11.12 9.94
CA ASP H 69 22.57 -11.86 9.93
C ASP H 69 22.52 -13.18 10.70
N SER H 70 21.83 -13.20 11.86
CA SER H 70 21.69 -14.37 12.71
C SER H 70 20.91 -15.50 12.02
N LYS H 71 19.89 -15.15 11.20
CA LYS H 71 19.10 -16.13 10.45
C LYS H 71 19.90 -16.61 9.24
N LEU H 72 20.63 -15.69 8.56
CA LEU H 72 21.50 -16.01 7.43
C LEU H 72 22.63 -16.95 7.86
N ARG H 73 23.26 -16.71 9.03
CA ARG H 73 24.34 -17.54 9.58
C ARG H 73 23.82 -18.96 9.85
N ALA H 74 22.59 -19.06 10.41
CA ALA H 74 21.90 -20.31 10.66
C ALA H 74 21.59 -21.03 9.35
N LEU H 75 21.23 -20.25 8.30
CA LEU H 75 20.93 -20.79 6.96
C LEU H 75 22.13 -21.40 6.29
N LEU H 76 23.35 -20.88 6.56
CA LEU H 76 24.62 -21.40 6.07
C LEU H 76 24.87 -22.77 6.74
N THR H 77 24.59 -22.89 8.05
CA THR H 77 24.69 -24.16 8.82
C THR H 77 23.74 -25.18 8.21
N LEU H 78 22.50 -24.78 7.85
CA LEU H 78 21.51 -25.64 7.17
C LEU H 78 22.06 -26.21 5.85
N CYS H 79 22.67 -25.37 5.06
CA CYS H 79 23.24 -25.80 3.79
C CYS H 79 24.41 -26.75 3.98
N ALA H 80 25.29 -26.48 4.98
CA ALA H 80 26.45 -27.30 5.31
C ALA H 80 26.00 -28.70 5.76
N VAL H 81 25.01 -28.78 6.68
CA VAL H 81 24.45 -30.02 7.22
C VAL H 81 23.78 -30.85 6.12
N MET H 82 22.96 -30.18 5.27
CA MET H 82 22.26 -30.83 4.17
C MET H 82 23.19 -31.31 3.07
N THR H 83 24.33 -30.58 2.82
CA THR H 83 25.32 -31.02 1.81
C THR H 83 25.89 -32.40 2.25
N ARG H 84 26.04 -32.59 3.56
CA ARG H 84 26.55 -33.83 4.14
C ARG H 84 25.52 -34.99 4.12
N LYS H 85 24.28 -34.70 3.63
CA LYS H 85 23.22 -35.68 3.46
C LYS H 85 23.22 -36.16 2.00
N PHE H 86 24.16 -35.66 1.20
CA PHE H 86 24.38 -36.09 -0.19
C PHE H 86 25.63 -36.93 -0.16
N SER H 87 25.68 -38.00 -0.97
CA SER H 87 26.90 -38.82 -1.04
C SER H 87 27.97 -37.97 -1.75
N LYS H 88 29.26 -38.20 -1.44
CA LYS H 88 30.38 -37.45 -2.02
C LYS H 88 30.33 -37.41 -3.57
N SER H 89 29.95 -38.53 -4.17
CA SER H 89 29.85 -38.74 -5.62
C SER H 89 28.67 -38.02 -6.28
N GLN H 90 27.71 -37.55 -5.49
CA GLN H 90 26.56 -36.81 -6.00
C GLN H 90 26.86 -35.28 -6.08
N LEU H 91 27.96 -34.80 -5.46
CA LEU H 91 28.29 -33.37 -5.42
C LEU H 91 28.52 -32.73 -6.79
N SER H 92 29.02 -33.50 -7.78
CA SER H 92 29.24 -33.01 -9.14
C SER H 92 27.92 -32.65 -9.85
N LEU H 93 26.88 -33.49 -9.70
CA LEU H 93 25.55 -33.22 -10.23
C LEU H 93 24.89 -32.04 -9.45
N LEU H 94 25.12 -31.95 -8.13
CA LEU H 94 24.62 -30.86 -7.27
C LEU H 94 25.20 -29.53 -7.80
N CYS H 95 26.52 -29.49 -8.06
CA CYS H 95 27.25 -28.36 -8.64
C CYS H 95 26.63 -27.96 -10.02
N GLU H 96 26.52 -28.92 -10.91
CA GLU H 96 26.00 -28.69 -12.25
C GLU H 96 24.51 -28.22 -12.26
N THR H 97 23.67 -28.72 -11.35
CA THR H 97 22.26 -28.32 -11.22
C THR H 97 22.20 -26.87 -10.73
N HIS H 98 23.10 -26.52 -9.79
CA HIS H 98 23.28 -25.17 -9.24
C HIS H 98 23.64 -24.18 -10.38
N LEU H 99 24.62 -24.54 -11.24
CA LEU H 99 25.01 -23.68 -12.37
C LEU H 99 23.85 -23.42 -13.33
N ARG H 100 23.13 -24.49 -13.73
CA ARG H 100 21.99 -24.42 -14.66
C ARG H 100 20.86 -23.55 -14.12
N ARG H 101 20.50 -23.71 -12.84
CA ARG H 101 19.44 -22.90 -12.22
C ARG H 101 19.82 -21.40 -12.21
N GLU H 102 21.09 -21.12 -11.90
CA GLU H 102 21.62 -19.77 -11.77
C GLU H 102 22.08 -19.11 -13.07
N GLY H 103 22.13 -19.88 -14.16
CA GLY H 103 22.59 -19.41 -15.46
C GLY H 103 24.07 -19.14 -15.48
N LEU H 104 24.85 -19.77 -14.55
CA LEU H 104 26.30 -19.57 -14.46
C LEU H 104 27.05 -20.37 -15.53
N GLY H 105 28.18 -19.82 -15.99
CA GLY H 105 29.03 -20.46 -16.98
C GLY H 105 29.79 -21.65 -16.40
N GLN H 106 30.31 -22.51 -17.28
CA GLN H 106 31.07 -23.70 -16.88
C GLN H 106 32.38 -23.36 -16.17
N ASP H 107 32.93 -22.14 -16.38
CA ASP H 107 34.15 -21.71 -15.70
C ASP H 107 33.88 -21.44 -14.21
N GLN H 108 32.59 -21.44 -13.80
CA GLN H 108 32.17 -21.28 -12.39
C GLN H 108 31.93 -22.65 -11.71
N ALA H 109 32.09 -23.77 -12.44
CA ALA H 109 31.86 -25.12 -11.89
C ALA H 109 32.81 -25.49 -10.76
N GLU H 110 34.13 -25.33 -10.95
CA GLU H 110 35.11 -25.61 -9.90
C GLU H 110 34.86 -24.82 -8.58
N PRO H 111 34.69 -23.45 -8.57
CA PRO H 111 34.44 -22.77 -7.27
C PRO H 111 33.17 -23.25 -6.55
N VAL H 112 32.08 -23.55 -7.28
CA VAL H 112 30.82 -24.03 -6.73
C VAL H 112 31.04 -25.49 -6.21
N LEU H 113 31.75 -26.36 -6.99
CA LEU H 113 32.03 -27.74 -6.56
C LEU H 113 32.93 -27.73 -5.33
N GLU H 114 33.90 -26.80 -5.29
CA GLU H 114 34.80 -26.67 -4.12
C GLU H 114 34.04 -26.36 -2.84
N VAL H 115 33.03 -25.46 -2.91
CA VAL H 115 32.18 -25.11 -1.77
C VAL H 115 31.49 -26.39 -1.26
N TYR H 116 30.78 -27.11 -2.16
CA TYR H 116 30.04 -28.32 -1.81
C TYR H 116 30.94 -29.40 -1.24
N GLN H 117 32.11 -29.63 -1.88
CA GLN H 117 33.09 -30.63 -1.42
C GLN H 117 33.68 -30.29 -0.05
N ARG H 118 33.97 -29.00 0.19
CA ARG H 118 34.60 -28.58 1.45
C ARG H 118 33.56 -28.43 2.56
N LEU H 119 32.28 -28.23 2.23
CA LEU H 119 31.22 -28.26 3.25
C LEU H 119 30.97 -29.75 3.61
N HIS H 120 31.05 -30.63 2.59
CA HIS H 120 30.83 -32.07 2.77
C HIS H 120 31.87 -32.71 3.68
N SER H 121 33.13 -32.23 3.61
CA SER H 121 34.24 -32.78 4.41
C SER H 121 34.57 -31.94 5.63
N ASP H 122 33.76 -30.90 5.90
CA ASP H 122 33.98 -29.96 6.98
C ASP H 122 33.98 -30.61 8.37
N LYS H 123 34.87 -30.09 9.23
CA LYS H 123 35.06 -30.53 10.61
C LYS H 123 35.05 -29.31 11.49
N GLY H 124 34.18 -29.33 12.50
CA GLY H 124 34.01 -28.24 13.47
C GLY H 124 33.65 -26.89 12.91
N GLY H 125 32.96 -26.89 11.76
CA GLY H 125 32.47 -25.71 11.04
C GLY H 125 33.56 -24.79 10.54
N SER H 126 34.78 -25.31 10.40
CA SER H 126 35.98 -24.59 9.95
C SER H 126 35.83 -23.93 8.58
N PHE H 127 35.48 -24.70 7.54
CA PHE H 127 35.30 -24.18 6.18
C PHE H 127 34.05 -23.30 6.10
N GLU H 128 32.99 -23.68 6.79
CA GLU H 128 31.73 -22.96 6.87
C GLU H 128 31.96 -21.53 7.42
N ALA H 129 32.79 -21.39 8.49
CA ALA H 129 33.12 -20.09 9.08
C ALA H 129 33.99 -19.25 8.13
N ALA H 130 34.86 -19.89 7.36
CA ALA H 130 35.71 -19.17 6.41
C ALA H 130 34.87 -18.53 5.32
N LEU H 131 33.80 -19.20 4.93
CA LEU H 131 32.90 -18.69 3.90
C LEU H 131 32.16 -17.47 4.41
N TRP H 132 31.58 -17.59 5.60
CA TRP H 132 30.84 -16.49 6.21
C TRP H 132 31.74 -15.27 6.36
N GLN H 133 33.00 -15.51 6.72
CA GLN H 133 33.96 -14.44 6.89
C GLN H 133 34.43 -13.82 5.55
N GLN H 134 34.72 -14.67 4.55
CA GLN H 134 35.32 -14.21 3.29
C GLN H 134 34.36 -13.89 2.15
N TRP H 135 33.17 -14.46 2.12
CA TRP H 135 32.24 -14.10 1.03
C TRP H 135 31.43 -12.87 1.39
N ASP H 136 31.02 -12.11 0.36
CA ASP H 136 30.12 -10.97 0.57
C ASP H 136 28.73 -11.55 0.84
N ARG H 137 27.90 -10.80 1.60
CA ARG H 137 26.54 -11.18 2.00
C ARG H 137 25.69 -11.62 0.82
N GLN H 138 25.77 -10.87 -0.30
CA GLN H 138 25.02 -11.15 -1.52
C GLN H 138 25.34 -12.51 -2.15
N SER H 139 26.63 -12.87 -2.22
CA SER H 139 27.13 -14.16 -2.70
C SER H 139 26.60 -15.33 -1.85
N LEU H 140 26.58 -15.17 -0.53
CA LEU H 140 26.07 -16.16 0.41
C LEU H 140 24.58 -16.38 0.20
N ILE H 141 23.79 -15.30 0.10
CA ILE H 141 22.34 -15.35 -0.12
C ILE H 141 22.01 -16.06 -1.42
N MET H 142 22.70 -15.70 -2.53
CA MET H 142 22.48 -16.32 -3.85
C MET H 142 22.78 -17.82 -3.83
N PHE H 143 23.91 -18.21 -3.18
CA PHE H 143 24.31 -19.63 -3.07
C PHE H 143 23.32 -20.43 -2.22
N ILE H 144 22.93 -19.90 -1.04
CA ILE H 144 22.00 -20.54 -0.10
C ILE H 144 20.62 -20.75 -0.77
N THR H 145 20.09 -19.73 -1.49
CA THR H 145 18.80 -19.83 -2.21
C THR H 145 18.84 -20.90 -3.30
N ALA H 146 19.92 -20.88 -4.11
CA ALA H 146 20.12 -21.85 -5.19
C ALA H 146 20.13 -23.28 -4.63
N PHE H 147 20.94 -23.52 -3.56
CA PHE H 147 21.03 -24.82 -2.91
C PHE H 147 19.68 -25.31 -2.37
N LEU H 148 18.99 -24.46 -1.58
CA LEU H 148 17.70 -24.83 -0.98
C LEU H 148 16.63 -25.17 -2.03
N ASN H 149 16.70 -24.54 -3.21
CA ASN H 149 15.78 -24.75 -4.30
C ASN H 149 16.13 -25.93 -5.23
N ILE H 150 17.25 -26.62 -4.99
CA ILE H 150 17.67 -27.76 -5.81
C ILE H 150 17.84 -29.02 -4.97
N ALA H 151 18.22 -28.87 -3.67
CA ALA H 151 18.52 -29.97 -2.74
C ALA H 151 17.41 -31.00 -2.56
N LEU H 152 16.17 -30.55 -2.42
CA LEU H 152 15.04 -31.45 -2.15
C LEU H 152 14.55 -32.23 -3.39
N GLN H 153 14.90 -31.78 -4.60
CA GLN H 153 14.48 -32.46 -5.84
C GLN H 153 15.56 -33.39 -6.39
N LEU H 154 16.82 -33.21 -5.99
CA LEU H 154 17.91 -34.08 -6.46
C LEU H 154 18.02 -35.34 -5.67
N PRO H 155 18.33 -36.50 -6.30
CA PRO H 155 18.61 -37.70 -5.50
C PRO H 155 19.81 -37.45 -4.58
N CYS H 156 19.78 -37.98 -3.38
CA CYS H 156 20.87 -37.79 -2.43
C CYS H 156 22.02 -38.82 -2.61
N GLU H 157 21.81 -39.75 -3.57
CA GLU H 157 22.71 -40.84 -3.93
C GLU H 157 22.90 -40.88 -5.43
N SER H 158 24.15 -41.02 -5.89
CA SER H 158 24.46 -41.09 -7.32
C SER H 158 24.84 -42.51 -7.79
N SER H 159 25.40 -43.34 -6.86
CA SER H 159 25.83 -44.70 -7.18
C SER H 159 24.73 -45.56 -7.84
N ALA H 160 25.03 -46.08 -9.07
CA ALA H 160 24.13 -46.95 -9.84
C ALA H 160 23.87 -48.24 -9.06
N VAL H 161 24.87 -48.71 -8.29
CA VAL H 161 24.80 -49.89 -7.41
C VAL H 161 23.77 -49.65 -6.28
N VAL H 162 23.86 -48.48 -5.62
CA VAL H 162 22.95 -48.08 -4.52
C VAL H 162 21.52 -47.92 -5.05
N VAL H 163 21.36 -47.15 -6.12
CA VAL H 163 20.07 -46.87 -6.76
C VAL H 163 19.39 -48.18 -7.23
N SER H 164 20.13 -49.07 -7.92
CA SER H 164 19.61 -50.38 -8.34
C SER H 164 19.30 -51.27 -7.16
N GLY H 165 20.14 -51.21 -6.13
CA GLY H 165 19.95 -51.94 -4.89
C GLY H 165 18.69 -51.54 -4.16
N LEU H 166 18.38 -50.24 -4.13
CA LEU H 166 17.20 -49.70 -3.45
C LEU H 166 15.90 -49.82 -4.23
N ARG H 167 15.99 -50.03 -5.58
CA ARG H 167 14.88 -50.10 -6.53
C ARG H 167 13.69 -50.96 -6.03
N THR H 168 13.95 -52.21 -5.65
CA THR H 168 12.91 -53.13 -5.18
C THR H 168 12.14 -52.67 -3.90
N LEU H 169 12.70 -51.70 -3.16
CA LEU H 169 12.11 -51.23 -1.91
C LEU H 169 11.18 -50.04 -2.02
N VAL H 170 11.38 -49.19 -3.03
CA VAL H 170 10.60 -47.96 -3.22
C VAL H 170 9.12 -48.26 -3.55
N PRO H 171 8.18 -47.81 -2.68
CA PRO H 171 6.75 -48.06 -2.94
C PRO H 171 6.15 -47.00 -3.86
N THR I 19 23.41 35.17 -30.39
CA THR I 19 22.39 34.93 -29.37
C THR I 19 21.75 36.24 -28.93
N VAL I 20 20.41 36.30 -28.94
CA VAL I 20 19.65 37.47 -28.52
C VAL I 20 19.00 37.20 -27.17
N ALA I 21 19.42 37.95 -26.14
CA ALA I 21 18.88 37.84 -24.79
C ALA I 21 17.50 38.50 -24.73
N PRO I 22 16.55 38.01 -23.90
CA PRO I 22 15.26 38.71 -23.79
C PRO I 22 15.45 40.10 -23.13
N PRO I 23 14.45 41.02 -23.16
CA PRO I 23 14.64 42.29 -22.44
C PRO I 23 14.73 42.04 -20.94
N ALA I 24 15.49 42.90 -20.24
CA ALA I 24 15.65 42.77 -18.80
C ALA I 24 14.32 43.11 -18.09
N PRO I 25 14.05 42.57 -16.87
CA PRO I 25 12.80 42.95 -16.18
C PRO I 25 12.66 44.47 -16.00
N VAL I 26 11.45 44.99 -16.20
CA VAL I 26 11.17 46.42 -16.03
C VAL I 26 10.67 46.65 -14.61
N TYR I 27 11.45 47.38 -13.79
CA TYR I 27 11.09 47.74 -12.41
C TYR I 27 10.31 49.06 -12.44
N ARG I 28 9.13 49.07 -11.82
CA ARG I 28 8.26 50.25 -11.77
C ARG I 28 8.18 50.77 -10.34
N PRO I 45 8.62 18.58 4.68
CA PRO I 45 10.03 18.93 4.46
C PRO I 45 10.36 19.22 3.00
N LYS I 46 10.72 20.47 2.71
CA LYS I 46 11.06 20.99 1.39
C LYS I 46 12.32 20.29 0.83
N ILE I 47 12.23 19.78 -0.40
CA ILE I 47 13.37 19.12 -1.03
C ILE I 47 14.28 20.16 -1.74
N THR I 48 14.99 20.96 -0.92
CA THR I 48 15.97 21.95 -1.38
C THR I 48 17.23 21.15 -1.81
N LEU I 49 18.21 21.83 -2.43
CA LEU I 49 19.46 21.18 -2.82
C LEU I 49 20.25 20.74 -1.57
N LEU I 50 20.21 21.54 -0.51
CA LEU I 50 20.91 21.21 0.72
C LEU I 50 20.30 19.98 1.37
N THR I 51 18.97 19.87 1.27
CA THR I 51 18.26 18.73 1.83
C THR I 51 18.66 17.45 1.11
N LEU I 52 18.82 17.54 -0.20
CA LEU I 52 19.20 16.39 -1.01
C LEU I 52 20.55 15.86 -0.56
N ILE I 53 21.49 16.77 -0.31
CA ILE I 53 22.83 16.40 0.14
C ILE I 53 22.75 15.75 1.51
N LYS I 54 21.97 16.33 2.40
CA LYS I 54 21.80 15.80 3.74
C LYS I 54 21.19 14.39 3.72
N THR I 55 20.19 14.16 2.86
CA THR I 55 19.55 12.86 2.67
C THR I 55 20.57 11.85 2.10
N ALA I 56 21.36 12.26 1.09
CA ALA I 56 22.39 11.41 0.49
C ALA I 56 23.48 11.05 1.51
N GLU I 57 23.96 12.06 2.31
CA GLU I 57 24.98 11.91 3.36
C GLU I 57 24.52 10.85 4.37
N HIS I 58 23.27 10.95 4.83
CA HIS I 58 22.65 10.02 5.77
C HIS I 58 22.61 8.57 5.21
N TRP I 59 22.06 8.41 4.00
CA TRP I 59 21.87 7.10 3.37
C TRP I 59 23.16 6.47 2.88
N ALA I 60 24.22 7.27 2.61
CA ALA I 60 25.54 6.75 2.25
C ALA I 60 26.14 5.95 3.45
N ARG I 61 25.80 6.35 4.68
CA ARG I 61 26.26 5.77 5.95
C ARG I 61 25.44 4.53 6.36
N GLN I 62 24.27 4.31 5.74
CA GLN I 62 23.39 3.18 6.08
C GLN I 62 23.72 1.89 5.36
N ASP I 63 23.41 0.76 6.03
CA ASP I 63 23.49 -0.57 5.48
C ASP I 63 22.11 -0.78 4.86
N ILE I 64 22.03 -0.71 3.54
CA ILE I 64 20.78 -0.81 2.80
C ILE I 64 20.53 -2.25 2.26
N ARG I 65 21.44 -3.18 2.57
CA ARG I 65 21.34 -4.57 2.13
C ARG I 65 20.07 -5.27 2.62
N THR I 66 19.51 -4.83 3.77
CA THR I 66 18.32 -5.44 4.37
C THR I 66 17.06 -4.57 4.36
N ILE I 67 17.15 -3.29 3.89
CA ILE I 67 15.98 -2.38 3.88
C ILE I 67 14.85 -2.91 2.97
N GLU I 68 13.61 -2.51 3.28
CA GLU I 68 12.40 -2.85 2.51
C GLU I 68 12.45 -2.29 1.07
N ASP I 69 11.72 -2.95 0.15
CA ASP I 69 11.62 -2.57 -1.26
C ASP I 69 11.16 -1.12 -1.49
N SER I 70 10.24 -0.62 -0.63
CA SER I 70 9.72 0.74 -0.73
C SER I 70 10.80 1.81 -0.46
N LYS I 71 11.74 1.50 0.46
CA LYS I 71 12.85 2.41 0.79
C LYS I 71 13.89 2.34 -0.32
N LEU I 72 14.15 1.12 -0.85
CA LEU I 72 15.10 0.90 -1.95
C LEU I 72 14.62 1.59 -3.25
N ARG I 73 13.31 1.55 -3.52
CA ARG I 73 12.70 2.20 -4.67
C ARG I 73 12.90 3.73 -4.58
N ALA I 74 12.72 4.29 -3.37
CA ALA I 74 12.93 5.70 -3.04
C ALA I 74 14.40 6.08 -3.22
N LEU I 75 15.34 5.17 -2.85
CA LEU I 75 16.77 5.41 -3.00
C LEU I 75 17.20 5.46 -4.46
N LEU I 76 16.52 4.69 -5.34
CA LEU I 76 16.75 4.73 -6.78
C LEU I 76 16.35 6.14 -7.32
N THR I 77 15.22 6.70 -6.83
CA THR I 77 14.75 8.04 -7.18
C THR I 77 15.78 9.06 -6.70
N LEU I 78 16.33 8.88 -5.46
CA LEU I 78 17.37 9.77 -4.93
C LEU I 78 18.60 9.78 -5.84
N CYS I 79 19.05 8.62 -6.32
CA CYS I 79 20.20 8.51 -7.21
C CYS I 79 19.94 9.16 -8.57
N ALA I 80 18.72 8.95 -9.13
CA ALA I 80 18.29 9.55 -10.41
C ALA I 80 18.28 11.07 -10.34
N VAL I 81 17.66 11.64 -9.28
CA VAL I 81 17.57 13.09 -9.04
C VAL I 81 18.97 13.70 -8.85
N MET I 82 19.83 13.04 -8.03
CA MET I 82 21.19 13.49 -7.73
C MET I 82 22.10 13.43 -8.95
N THR I 83 21.89 12.41 -9.85
CA THR I 83 22.68 12.28 -11.09
C THR I 83 22.42 13.53 -11.95
N ARG I 84 21.18 14.04 -11.92
CA ARG I 84 20.77 15.24 -12.69
C ARG I 84 21.32 16.53 -12.06
N LYS I 85 22.00 16.44 -10.90
CA LYS I 85 22.65 17.58 -10.27
C LYS I 85 24.14 17.61 -10.68
N PHE I 86 24.56 16.66 -11.53
CA PHE I 86 25.89 16.60 -12.10
C PHE I 86 25.73 17.08 -13.52
N SER I 87 26.72 17.84 -14.03
CA SER I 87 26.68 18.28 -15.43
C SER I 87 26.89 17.04 -16.30
N LYS I 88 26.32 17.03 -17.52
CA LYS I 88 26.41 15.91 -18.46
C LYS I 88 27.87 15.45 -18.67
N SER I 89 28.79 16.41 -18.75
CA SER I 89 30.22 16.21 -18.99
C SER I 89 30.97 15.62 -17.79
N GLN I 90 30.35 15.65 -16.59
CA GLN I 90 30.96 15.10 -15.38
C GLN I 90 30.67 13.59 -15.20
N LEU I 91 29.70 13.05 -15.97
CA LEU I 91 29.24 11.67 -15.87
C LEU I 91 30.32 10.66 -16.19
N SER I 92 31.34 11.02 -17.01
CA SER I 92 32.49 10.14 -17.36
C SER I 92 33.38 9.89 -16.16
N LEU I 93 33.65 10.94 -15.34
CA LEU I 93 34.45 10.87 -14.13
C LEU I 93 33.63 10.18 -12.99
N LEU I 94 32.31 10.44 -12.89
CA LEU I 94 31.45 9.78 -11.90
C LEU I 94 31.49 8.24 -12.16
N CYS I 95 31.36 7.81 -13.44
CA CYS I 95 31.46 6.42 -13.89
C CYS I 95 32.83 5.81 -13.50
N GLU I 96 33.90 6.48 -13.87
CA GLU I 96 35.25 6.02 -13.58
C GLU I 96 35.54 5.93 -12.07
N THR I 97 34.99 6.86 -11.27
CA THR I 97 35.11 6.86 -9.82
C THR I 97 34.35 5.66 -9.21
N HIS I 98 33.17 5.36 -9.79
CA HIS I 98 32.31 4.22 -9.45
C HIS I 98 33.09 2.93 -9.67
N LEU I 99 33.72 2.77 -10.85
CA LEU I 99 34.51 1.59 -11.21
C LEU I 99 35.66 1.34 -10.24
N ARG I 100 36.43 2.39 -9.91
CA ARG I 100 37.58 2.35 -9.01
C ARG I 100 37.18 1.97 -7.58
N ARG I 101 36.13 2.61 -7.03
CA ARG I 101 35.62 2.27 -5.70
C ARG I 101 35.21 0.80 -5.61
N GLU I 102 34.53 0.28 -6.64
CA GLU I 102 33.97 -1.06 -6.69
C GLU I 102 34.93 -2.15 -7.17
N GLY I 103 36.10 -1.75 -7.68
CA GLY I 103 37.09 -2.68 -8.21
C GLY I 103 36.68 -3.29 -9.54
N LEU I 104 35.76 -2.62 -10.28
CA LEU I 104 35.24 -3.11 -11.54
C LEU I 104 36.23 -2.87 -12.68
N GLY I 105 36.26 -3.78 -13.65
CA GLY I 105 37.15 -3.66 -14.78
C GLY I 105 36.77 -2.52 -15.71
N GLN I 106 37.63 -2.24 -16.68
CA GLN I 106 37.38 -1.18 -17.64
C GLN I 106 36.29 -1.57 -18.63
N ASP I 107 36.03 -2.87 -18.73
CA ASP I 107 35.01 -3.38 -19.64
C ASP I 107 33.59 -3.06 -19.16
N GLN I 108 33.47 -2.71 -17.88
CA GLN I 108 32.17 -2.37 -17.30
C GLN I 108 31.95 -0.87 -17.26
N ALA I 109 32.69 -0.14 -18.08
CA ALA I 109 32.56 1.32 -18.14
C ALA I 109 31.33 1.73 -18.93
N GLU I 110 31.09 1.03 -20.03
CA GLU I 110 29.94 1.33 -20.89
C GLU I 110 28.63 1.11 -20.14
N PRO I 111 28.52 -0.03 -19.48
CA PRO I 111 27.31 -0.35 -18.71
C PRO I 111 27.06 0.66 -17.60
N VAL I 112 28.11 1.00 -16.86
CA VAL I 112 28.01 1.96 -15.76
C VAL I 112 27.72 3.37 -16.30
N LEU I 113 28.36 3.73 -17.39
CA LEU I 113 28.18 5.04 -18.01
C LEU I 113 26.74 5.21 -18.49
N GLU I 114 26.19 4.17 -19.11
CA GLU I 114 24.83 4.21 -19.61
C GLU I 114 23.86 4.61 -18.52
N VAL I 115 23.89 3.89 -17.41
CA VAL I 115 23.00 4.17 -16.28
C VAL I 115 23.01 5.65 -15.93
N TYR I 116 24.20 6.21 -15.72
CA TYR I 116 24.34 7.61 -15.39
C TYR I 116 23.78 8.53 -16.44
N GLN I 117 24.15 8.32 -17.70
CA GLN I 117 23.70 9.11 -18.83
C GLN I 117 22.18 9.03 -19.05
N ARG I 118 21.60 7.82 -18.89
CA ARG I 118 20.18 7.63 -19.12
C ARG I 118 19.33 8.07 -17.93
N LEU I 119 19.93 8.13 -16.72
CA LEU I 119 19.26 8.70 -15.55
C LEU I 119 19.29 10.22 -15.69
N HIS I 120 20.41 10.75 -16.21
CA HIS I 120 20.64 12.18 -16.42
C HIS I 120 19.66 12.78 -17.46
N SER I 121 19.31 12.02 -18.48
CA SER I 121 18.39 12.47 -19.53
C SER I 121 16.96 11.90 -19.37
N ASP I 122 16.69 11.22 -18.24
CA ASP I 122 15.40 10.61 -17.97
C ASP I 122 14.24 11.60 -17.92
N LYS I 123 13.08 11.16 -18.42
CA LYS I 123 11.83 11.92 -18.46
C LYS I 123 10.72 11.04 -17.89
N GLY I 124 10.00 11.55 -16.90
CA GLY I 124 8.89 10.86 -16.24
C GLY I 124 9.24 9.52 -15.60
N GLY I 125 10.50 9.39 -15.12
CA GLY I 125 11.05 8.22 -14.48
C GLY I 125 11.07 6.94 -15.31
N SER I 126 10.98 7.08 -16.63
CA SER I 126 10.93 5.98 -17.61
C SER I 126 12.12 5.02 -17.53
N PHE I 127 13.35 5.54 -17.62
CA PHE I 127 14.57 4.71 -17.56
C PHE I 127 14.76 4.15 -16.14
N GLU I 128 14.48 4.99 -15.14
CA GLU I 128 14.57 4.65 -13.73
C GLU I 128 13.65 3.43 -13.40
N ALA I 129 12.41 3.40 -13.97
CA ALA I 129 11.48 2.28 -13.78
C ALA I 129 11.94 1.01 -14.48
N ALA I 130 12.62 1.14 -15.64
CA ALA I 130 13.17 0.01 -16.39
C ALA I 130 14.31 -0.66 -15.60
N LEU I 131 15.12 0.15 -14.91
CA LEU I 131 16.22 -0.29 -14.05
C LEU I 131 15.67 -1.10 -12.86
N TRP I 132 14.61 -0.58 -12.21
CA TRP I 132 13.92 -1.22 -11.10
C TRP I 132 13.34 -2.58 -11.50
N GLN I 133 12.70 -2.62 -12.66
CA GLN I 133 12.06 -3.79 -13.22
C GLN I 133 13.06 -4.86 -13.69
N GLN I 134 14.14 -4.44 -14.40
CA GLN I 134 15.06 -5.36 -15.05
C GLN I 134 16.30 -5.76 -14.25
N TRP I 135 16.74 -4.94 -13.29
CA TRP I 135 17.92 -5.35 -12.53
C TRP I 135 17.52 -6.17 -11.32
N ASP I 136 18.42 -7.09 -10.90
CA ASP I 136 18.21 -7.85 -9.67
C ASP I 136 18.48 -6.88 -8.50
N ARG I 137 17.80 -7.10 -7.34
CA ARG I 137 17.89 -6.29 -6.14
C ARG I 137 19.34 -6.07 -5.70
N GLN I 138 20.20 -7.12 -5.77
CA GLN I 138 21.61 -7.03 -5.38
C GLN I 138 22.37 -5.99 -6.21
N SER I 139 22.16 -5.98 -7.54
CA SER I 139 22.77 -5.06 -8.49
C SER I 139 22.37 -3.62 -8.20
N LEU I 140 21.08 -3.41 -7.91
CA LEU I 140 20.55 -2.09 -7.53
C LEU I 140 21.18 -1.58 -6.23
N ILE I 141 21.26 -2.46 -5.18
CA ILE I 141 21.86 -2.16 -3.87
C ILE I 141 23.33 -1.75 -4.04
N MET I 142 24.13 -2.54 -4.80
CA MET I 142 25.54 -2.30 -5.10
C MET I 142 25.74 -0.91 -5.75
N PHE I 143 24.96 -0.63 -6.81
CA PHE I 143 25.01 0.60 -7.58
C PHE I 143 24.65 1.82 -6.74
N ILE I 144 23.54 1.76 -5.99
CA ILE I 144 23.05 2.84 -5.12
C ILE I 144 24.08 3.19 -4.02
N THR I 145 24.68 2.14 -3.33
CA THR I 145 25.67 2.41 -2.28
C THR I 145 26.93 3.05 -2.89
N ALA I 146 27.42 2.56 -4.04
CA ALA I 146 28.60 3.10 -4.71
C ALA I 146 28.36 4.57 -5.08
N PHE I 147 27.20 4.88 -5.70
CA PHE I 147 26.84 6.26 -6.06
C PHE I 147 26.80 7.20 -4.88
N LEU I 148 26.04 6.83 -3.81
CA LEU I 148 25.88 7.66 -2.62
C LEU I 148 27.20 7.92 -1.89
N ASN I 149 28.15 6.99 -2.00
CA ASN I 149 29.46 7.11 -1.37
C ASN I 149 30.50 7.84 -2.22
N ILE I 150 30.13 8.26 -3.44
CA ILE I 150 31.06 9.01 -4.33
C ILE I 150 30.50 10.36 -4.72
N ALA I 151 29.16 10.50 -4.82
CA ALA I 151 28.44 11.71 -5.23
C ALA I 151 28.80 12.99 -4.46
N LEU I 152 28.91 12.93 -3.13
CA LEU I 152 29.16 14.11 -2.30
C LEU I 152 30.62 14.59 -2.29
N GLN I 153 31.56 13.72 -2.70
CA GLN I 153 32.99 14.06 -2.76
C GLN I 153 33.43 14.53 -4.13
N LEU I 154 32.69 14.16 -5.20
CA LEU I 154 33.05 14.59 -6.54
C LEU I 154 32.53 15.99 -6.86
N PRO I 155 33.27 16.80 -7.64
CA PRO I 155 32.71 18.06 -8.11
C PRO I 155 31.50 17.76 -9.03
N CYS I 156 30.47 18.59 -8.94
CA CYS I 156 29.25 18.41 -9.73
C CYS I 156 29.36 19.03 -11.14
N GLU I 157 30.53 19.69 -11.40
CA GLU I 157 30.86 20.38 -12.64
C GLU I 157 32.25 19.93 -13.11
N SER I 158 32.38 19.64 -14.41
CA SER I 158 33.67 19.23 -14.97
C SER I 158 34.34 20.32 -15.83
N SER I 159 33.53 21.22 -16.42
CA SER I 159 34.01 22.29 -17.29
C SER I 159 35.10 23.14 -16.66
N ALA I 160 36.27 23.19 -17.33
CA ALA I 160 37.42 24.00 -16.90
C ALA I 160 37.02 25.49 -16.88
N VAL I 161 36.14 25.92 -17.81
CA VAL I 161 35.61 27.29 -17.91
C VAL I 161 34.75 27.62 -16.68
N VAL I 162 33.82 26.71 -16.31
CA VAL I 162 32.94 26.85 -15.13
C VAL I 162 33.77 26.90 -13.85
N VAL I 163 34.67 25.94 -13.67
CA VAL I 163 35.52 25.81 -12.48
C VAL I 163 36.44 27.06 -12.31
N SER I 164 37.09 27.51 -13.42
CA SER I 164 37.92 28.73 -13.41
C SER I 164 37.07 29.98 -13.20
N GLY I 165 35.86 29.99 -13.75
CA GLY I 165 34.92 31.10 -13.63
C GLY I 165 34.43 31.29 -12.22
N LEU I 166 34.25 30.19 -11.46
CA LEU I 166 33.75 30.23 -10.07
C LEU I 166 34.87 30.44 -9.04
N ARG I 167 36.13 30.18 -9.44
CA ARG I 167 37.32 30.29 -8.59
C ARG I 167 37.34 31.53 -7.69
N THR I 168 37.13 32.73 -8.26
CA THR I 168 37.13 33.98 -7.50
C THR I 168 36.06 34.10 -6.37
N LEU I 169 35.02 33.24 -6.42
CA LEU I 169 33.92 33.27 -5.46
C LEU I 169 34.09 32.38 -4.28
N VAL I 170 34.87 31.32 -4.46
CA VAL I 170 35.19 30.32 -3.44
C VAL I 170 36.53 30.74 -2.83
N THR J 19 11.51 0.42 -22.85
CA THR J 19 12.89 0.83 -22.55
C THR J 19 13.70 -0.34 -21.95
N VAL J 20 14.86 -0.63 -22.55
CA VAL J 20 15.76 -1.70 -22.15
C VAL J 20 16.97 -1.12 -21.44
N ALA J 21 17.14 -1.49 -20.16
CA ALA J 21 18.26 -1.07 -19.34
C ALA J 21 19.57 -1.78 -19.80
N PRO J 22 20.77 -1.16 -19.64
CA PRO J 22 22.01 -1.91 -19.98
C PRO J 22 22.21 -3.07 -19.00
N PRO J 23 23.08 -4.07 -19.25
CA PRO J 23 23.27 -5.13 -18.22
C PRO J 23 23.93 -4.52 -16.99
N ALA J 24 23.62 -5.09 -15.82
CA ALA J 24 24.17 -4.64 -14.54
C ALA J 24 25.68 -4.92 -14.48
N PRO J 25 26.49 -4.09 -13.77
CA PRO J 25 27.94 -4.34 -13.72
C PRO J 25 28.27 -5.77 -13.25
N VAL J 26 29.26 -6.40 -13.88
CA VAL J 26 29.72 -7.73 -13.53
C VAL J 26 30.88 -7.57 -12.54
N TYR J 27 30.68 -8.06 -11.30
CA TYR J 27 31.70 -8.03 -10.24
C TYR J 27 32.54 -9.28 -10.33
N ARG J 28 33.86 -9.10 -10.46
CA ARG J 28 34.80 -10.21 -10.57
C ARG J 28 35.65 -10.29 -9.32
N LYS J 46 37.00 20.28 -5.74
CA LYS J 46 36.52 21.49 -5.07
C LYS J 46 35.05 21.91 -5.40
N ILE J 47 34.58 21.96 -6.69
CA ILE J 47 33.20 22.43 -6.90
C ILE J 47 32.15 21.30 -6.71
N THR J 48 31.98 20.86 -5.47
CA THR J 48 31.00 19.86 -5.08
C THR J 48 29.65 20.59 -4.99
N LEU J 49 28.55 19.84 -4.82
CA LEU J 49 27.23 20.45 -4.66
C LEU J 49 27.16 21.28 -3.38
N LEU J 50 27.84 20.82 -2.31
CA LEU J 50 27.90 21.53 -1.03
C LEU J 50 28.66 22.86 -1.16
N THR J 51 29.81 22.87 -1.83
CA THR J 51 30.60 24.07 -2.01
C THR J 51 29.78 25.13 -2.74
N LEU J 52 28.95 24.68 -3.68
CA LEU J 52 28.10 25.57 -4.44
C LEU J 52 27.10 26.27 -3.54
N ILE J 53 26.41 25.49 -2.71
CA ILE J 53 25.43 26.03 -1.78
C ILE J 53 26.10 27.01 -0.82
N LYS J 54 27.30 26.65 -0.37
CA LYS J 54 28.05 27.49 0.55
C LYS J 54 28.45 28.80 -0.12
N THR J 55 28.87 28.76 -1.39
CA THR J 55 29.24 29.93 -2.18
C THR J 55 28.01 30.82 -2.38
N ALA J 56 26.86 30.22 -2.74
CA ALA J 56 25.60 30.94 -2.93
C ALA J 56 25.12 31.61 -1.64
N GLU J 57 25.17 30.87 -0.50
CA GLU J 57 24.82 31.33 0.85
C GLU J 57 25.60 32.59 1.21
N HIS J 58 26.93 32.53 1.02
CA HIS J 58 27.86 33.62 1.28
C HIS J 58 27.54 34.87 0.45
N TRP J 59 27.40 34.69 -0.88
CA TRP J 59 27.16 35.80 -1.80
C TRP J 59 25.75 36.37 -1.74
N ALA J 60 24.75 35.60 -1.27
CA ALA J 60 23.39 36.10 -1.06
C ALA J 60 23.39 37.18 0.03
N ARG J 61 24.32 37.07 1.02
CA ARG J 61 24.51 37.97 2.17
C ARG J 61 25.34 39.23 1.83
N GLN J 62 26.06 39.24 0.69
CA GLN J 62 26.90 40.36 0.27
C GLN J 62 26.14 41.44 -0.50
N ASP J 63 26.58 42.72 -0.39
CA ASP J 63 25.99 43.81 -1.18
C ASP J 63 26.76 43.76 -2.49
N ILE J 64 26.07 43.34 -3.56
CA ILE J 64 26.73 43.11 -4.84
C ILE J 64 26.56 44.32 -5.82
N ARG J 65 25.94 45.42 -5.35
CA ARG J 65 25.73 46.65 -6.12
C ARG J 65 27.04 47.37 -6.47
N THR J 66 28.08 47.20 -5.66
CA THR J 66 29.35 47.89 -5.87
C THR J 66 30.55 46.95 -6.15
N ILE J 67 30.35 45.60 -6.19
CA ILE J 67 31.46 44.64 -6.45
C ILE J 67 32.12 44.88 -7.82
N GLU J 68 33.36 44.40 -8.00
CA GLU J 68 34.10 44.47 -9.26
C GLU J 68 33.40 43.62 -10.35
N ASP J 69 33.56 44.01 -11.62
CA ASP J 69 32.99 43.32 -12.80
C ASP J 69 33.40 41.83 -12.88
N SER J 70 34.65 41.50 -12.48
CA SER J 70 35.16 40.12 -12.51
C SER J 70 34.40 39.22 -11.54
N LYS J 71 34.02 39.75 -10.38
CA LYS J 71 33.26 39.00 -9.36
C LYS J 71 31.80 38.89 -9.82
N LEU J 72 31.24 39.95 -10.42
CA LEU J 72 29.88 39.97 -10.96
C LEU J 72 29.73 38.99 -12.12
N ARG J 73 30.76 38.89 -13.00
CA ARG J 73 30.78 37.95 -14.12
C ARG J 73 30.75 36.50 -13.59
N ALA J 74 31.54 36.24 -12.51
CA ALA J 74 31.61 34.94 -11.84
C ALA J 74 30.26 34.62 -11.19
N LEU J 75 29.56 35.64 -10.61
CA LEU J 75 28.25 35.45 -10.00
C LEU J 75 27.20 35.08 -11.04
N LEU J 76 27.32 35.58 -12.29
CA LEU J 76 26.42 35.23 -13.38
C LEU J 76 26.59 33.73 -13.72
N THR J 77 27.87 33.22 -13.73
CA THR J 77 28.19 31.80 -13.91
C THR J 77 27.58 31.00 -12.76
N LEU J 78 27.69 31.49 -11.51
CA LEU J 78 27.12 30.83 -10.33
C LEU J 78 25.59 30.67 -10.49
N CYS J 79 24.91 31.73 -10.96
CA CYS J 79 23.47 31.68 -11.18
C CYS J 79 23.09 30.70 -12.30
N ALA J 80 23.85 30.66 -13.40
CA ALA J 80 23.66 29.76 -14.53
C ALA J 80 23.80 28.28 -14.09
N VAL J 81 24.89 27.94 -13.36
CA VAL J 81 25.16 26.61 -12.83
C VAL J 81 24.05 26.17 -11.86
N MET J 82 23.72 27.05 -10.89
CA MET J 82 22.69 26.79 -9.88
C MET J 82 21.30 26.61 -10.50
N THR J 83 20.98 27.36 -11.59
CA THR J 83 19.67 27.23 -12.28
C THR J 83 19.54 25.79 -12.82
N ARG J 84 20.65 25.21 -13.36
CA ARG J 84 20.70 23.85 -13.89
C ARG J 84 20.61 22.77 -12.78
N LYS J 85 20.64 23.17 -11.46
CA LYS J 85 20.46 22.28 -10.31
C LYS J 85 18.98 22.23 -9.91
N PHE J 86 18.13 22.99 -10.64
CA PHE J 86 16.67 22.98 -10.47
C PHE J 86 16.14 22.16 -11.63
N SER J 87 15.09 21.35 -11.40
CA SER J 87 14.49 20.58 -12.50
C SER J 87 13.78 21.57 -13.43
N LYS J 88 13.68 21.23 -14.72
CA LYS J 88 13.03 22.06 -15.75
C LYS J 88 11.61 22.53 -15.35
N SER J 89 10.86 21.64 -14.70
CA SER J 89 9.50 21.84 -14.23
C SER J 89 9.39 22.77 -13.02
N GLN J 90 10.52 23.03 -12.34
CA GLN J 90 10.56 23.95 -11.22
C GLN J 90 10.80 25.42 -11.63
N LEU J 91 11.21 25.69 -12.89
CA LEU J 91 11.54 27.03 -13.37
C LEU J 91 10.40 28.04 -13.30
N SER J 92 9.15 27.60 -13.45
CA SER J 92 7.94 28.42 -13.36
C SER J 92 7.77 29.03 -11.94
N LEU J 93 7.98 28.21 -10.90
CA LEU J 93 7.93 28.61 -9.50
C LEU J 93 9.13 29.50 -9.17
N LEU J 94 10.31 29.21 -9.74
CA LEU J 94 11.51 30.03 -9.55
C LEU J 94 11.26 31.44 -10.11
N CYS J 95 10.68 31.56 -11.31
CA CYS J 95 10.30 32.81 -11.97
C CYS J 95 9.28 33.60 -11.10
N GLU J 96 8.20 32.91 -10.66
CA GLU J 96 7.15 33.51 -9.84
C GLU J 96 7.65 33.99 -8.47
N THR J 97 8.58 33.24 -7.84
CA THR J 97 9.18 33.64 -6.57
C THR J 97 10.03 34.90 -6.76
N HIS J 98 10.77 34.95 -7.87
CA HIS J 98 11.61 36.08 -8.27
C HIS J 98 10.74 37.35 -8.41
N LEU J 99 9.57 37.28 -9.10
CA LEU J 99 8.68 38.44 -9.32
C LEU J 99 8.11 38.94 -8.02
N ARG J 100 7.69 38.01 -7.14
CA ARG J 100 7.13 38.36 -5.84
C ARG J 100 8.15 39.06 -4.94
N ARG J 101 9.38 38.52 -4.84
CA ARG J 101 10.45 39.14 -4.04
C ARG J 101 10.79 40.56 -4.54
N GLU J 102 10.83 40.74 -5.86
CA GLU J 102 11.21 41.98 -6.52
C GLU J 102 10.09 42.99 -6.71
N GLY J 103 8.86 42.58 -6.42
CA GLY J 103 7.68 43.43 -6.60
C GLY J 103 7.41 43.73 -8.07
N LEU J 104 7.84 42.82 -8.97
CA LEU J 104 7.66 42.97 -10.41
C LEU J 104 6.24 42.56 -10.80
N GLY J 105 5.70 43.17 -11.85
CA GLY J 105 4.38 42.84 -12.34
C GLY J 105 4.37 41.52 -13.08
N GLN J 106 3.17 40.92 -13.27
CA GLN J 106 3.00 39.67 -14.02
C GLN J 106 3.41 39.79 -15.49
N ASP J 107 3.36 40.99 -16.05
CA ASP J 107 3.82 41.19 -17.43
C ASP J 107 5.32 40.88 -17.59
N GLN J 108 6.06 41.01 -16.49
CA GLN J 108 7.50 40.76 -16.48
C GLN J 108 7.83 39.25 -16.31
N ALA J 109 6.79 38.38 -16.26
CA ALA J 109 6.96 36.93 -16.07
C ALA J 109 7.67 36.26 -17.22
N GLU J 110 7.19 36.46 -18.43
CA GLU J 110 7.82 35.85 -19.61
C GLU J 110 9.33 36.18 -19.70
N PRO J 111 9.80 37.45 -19.61
CA PRO J 111 11.26 37.70 -19.69
C PRO J 111 12.05 37.03 -18.58
N VAL J 112 11.53 37.00 -17.32
CA VAL J 112 12.23 36.33 -16.21
C VAL J 112 12.26 34.80 -16.41
N LEU J 113 11.15 34.21 -16.91
CA LEU J 113 11.07 32.78 -17.16
C LEU J 113 12.00 32.43 -18.33
N GLU J 114 12.05 33.30 -19.36
CA GLU J 114 12.93 33.07 -20.51
C GLU J 114 14.40 32.98 -20.08
N VAL J 115 14.84 33.85 -19.15
CA VAL J 115 16.21 33.84 -18.64
C VAL J 115 16.49 32.48 -17.97
N TYR J 116 15.61 32.05 -17.05
CA TYR J 116 15.78 30.81 -16.32
C TYR J 116 15.79 29.60 -17.22
N GLN J 117 14.84 29.53 -18.19
CA GLN J 117 14.74 28.45 -19.18
C GLN J 117 15.95 28.36 -20.08
N ARG J 118 16.47 29.52 -20.52
CA ARG J 118 17.61 29.57 -21.43
C ARG J 118 18.95 29.39 -20.70
N LEU J 119 19.00 29.70 -19.39
CA LEU J 119 20.19 29.38 -18.58
C LEU J 119 20.19 27.85 -18.31
N HIS J 120 19.00 27.26 -18.10
CA HIS J 120 18.84 25.83 -17.82
C HIS J 120 19.24 24.96 -19.01
N SER J 121 18.94 25.43 -20.23
CA SER J 121 19.27 24.68 -21.44
C SER J 121 20.58 25.14 -22.06
N ASP J 122 21.30 26.06 -21.40
CA ASP J 122 22.54 26.66 -21.94
C ASP J 122 23.66 25.65 -22.18
N LYS J 123 24.37 25.87 -23.30
CA LYS J 123 25.50 25.07 -23.77
C LYS J 123 26.66 25.98 -24.09
N GLY J 124 27.80 25.70 -23.48
CA GLY J 124 29.04 26.47 -23.64
C GLY J 124 28.97 27.93 -23.22
N GLY J 125 28.05 28.23 -22.28
CA GLY J 125 27.82 29.56 -21.73
C GLY J 125 27.35 30.60 -22.73
N SER J 126 26.78 30.13 -23.87
CA SER J 126 26.29 30.97 -24.97
C SER J 126 25.24 31.99 -24.55
N PHE J 127 24.16 31.54 -23.91
CA PHE J 127 23.09 32.43 -23.46
C PHE J 127 23.54 33.32 -22.30
N GLU J 128 24.33 32.74 -21.39
CA GLU J 128 24.91 33.42 -20.23
C GLU J 128 25.77 34.63 -20.69
N ALA J 129 26.62 34.42 -21.74
CA ALA J 129 27.47 35.48 -22.28
C ALA J 129 26.63 36.58 -22.95
N ALA J 130 25.48 36.22 -23.57
CA ALA J 130 24.57 37.15 -24.24
C ALA J 130 23.95 38.09 -23.20
N LEU J 131 23.59 37.57 -22.00
CA LEU J 131 23.04 38.39 -20.89
C LEU J 131 24.11 39.38 -20.40
N TRP J 132 25.33 38.90 -20.23
CA TRP J 132 26.44 39.74 -19.78
C TRP J 132 26.70 40.90 -20.75
N GLN J 133 26.70 40.60 -22.04
CA GLN J 133 26.96 41.52 -23.13
C GLN J 133 25.81 42.51 -23.38
N GLN J 134 24.57 42.03 -23.37
CA GLN J 134 23.40 42.84 -23.73
C GLN J 134 22.65 43.51 -22.59
N TRP J 135 22.72 42.98 -21.37
CA TRP J 135 21.99 43.63 -20.28
C TRP J 135 22.88 44.71 -19.66
N ASP J 136 22.22 45.75 -19.11
CA ASP J 136 22.93 46.80 -18.37
C ASP J 136 23.34 46.20 -17.01
N ARG J 137 24.46 46.71 -16.40
CA ARG J 137 25.00 46.24 -15.12
C ARG J 137 23.91 46.22 -14.03
N GLN J 138 23.06 47.30 -13.97
CA GLN J 138 21.99 47.36 -12.97
C GLN J 138 21.02 46.16 -13.03
N SER J 139 20.60 45.78 -14.25
CA SER J 139 19.70 44.66 -14.50
C SER J 139 20.35 43.33 -14.08
N LEU J 140 21.65 43.18 -14.35
CA LEU J 140 22.42 42.01 -13.94
C LEU J 140 22.56 41.95 -12.42
N ILE J 141 22.80 43.10 -11.73
CA ILE J 141 22.92 43.12 -10.25
C ILE J 141 21.57 42.72 -9.61
N MET J 142 20.45 43.29 -10.13
CA MET J 142 19.09 43.04 -9.63
C MET J 142 18.71 41.56 -9.74
N PHE J 143 18.92 40.97 -10.93
CA PHE J 143 18.60 39.57 -11.21
C PHE J 143 19.40 38.59 -10.36
N ILE J 144 20.74 38.80 -10.29
CA ILE J 144 21.65 37.93 -9.51
C ILE J 144 21.32 37.95 -8.01
N THR J 145 21.05 39.15 -7.44
CA THR J 145 20.67 39.32 -6.02
C THR J 145 19.38 38.55 -5.73
N ALA J 146 18.35 38.76 -6.57
CA ALA J 146 17.03 38.13 -6.45
C ALA J 146 17.18 36.60 -6.48
N PHE J 147 17.94 36.05 -7.47
CA PHE J 147 18.17 34.62 -7.59
C PHE J 147 18.89 34.02 -6.37
N LEU J 148 20.02 34.60 -5.93
CA LEU J 148 20.78 34.09 -4.77
C LEU J 148 20.02 34.18 -3.46
N ASN J 149 19.03 35.07 -3.38
CA ASN J 149 18.19 35.20 -2.20
C ASN J 149 16.90 34.35 -2.24
N ILE J 150 16.65 33.59 -3.32
CA ILE J 150 15.49 32.70 -3.44
C ILE J 150 15.91 31.24 -3.69
N ALA J 151 17.07 31.01 -4.34
CA ALA J 151 17.56 29.69 -4.73
C ALA J 151 17.72 28.67 -3.61
N LEU J 152 18.27 29.08 -2.45
CA LEU J 152 18.51 28.16 -1.34
C LEU J 152 17.26 27.83 -0.51
N GLN J 153 16.19 28.61 -0.64
CA GLN J 153 14.94 28.37 0.08
C GLN J 153 13.91 27.57 -0.75
N LEU J 154 14.07 27.53 -2.09
CA LEU J 154 13.12 26.80 -2.93
C LEU J 154 13.49 25.35 -3.08
N PRO J 155 12.50 24.42 -3.14
CA PRO J 155 12.84 23.01 -3.47
C PRO J 155 13.46 22.95 -4.87
N CYS J 156 14.43 22.05 -5.08
CA CYS J 156 15.10 21.94 -6.39
C CYS J 156 14.34 21.02 -7.37
N GLU J 157 13.25 20.40 -6.88
CA GLU J 157 12.38 19.48 -7.61
C GLU J 157 10.93 19.87 -7.42
N SER J 158 10.14 19.84 -8.51
CA SER J 158 8.72 20.18 -8.44
C SER J 158 7.79 18.96 -8.55
N SER J 159 8.25 17.89 -9.24
CA SER J 159 7.44 16.68 -9.46
C SER J 159 6.87 16.09 -8.18
N ALA J 160 5.53 15.95 -8.13
CA ALA J 160 4.81 15.38 -6.97
C ALA J 160 5.24 13.92 -6.75
N VAL J 161 5.54 13.19 -7.86
CA VAL J 161 6.02 11.81 -7.86
C VAL J 161 7.41 11.74 -7.18
N VAL J 162 8.34 12.64 -7.59
CA VAL J 162 9.70 12.71 -7.06
C VAL J 162 9.67 13.06 -5.58
N VAL J 163 8.95 14.15 -5.23
CA VAL J 163 8.82 14.65 -3.86
C VAL J 163 8.21 13.58 -2.93
N SER J 164 7.11 12.93 -3.36
CA SER J 164 6.49 11.85 -2.57
C SER J 164 7.43 10.65 -2.46
N GLY J 165 8.14 10.37 -3.54
CA GLY J 165 9.13 9.30 -3.59
C GLY J 165 10.27 9.52 -2.62
N LEU J 166 10.76 10.78 -2.50
CA LEU J 166 11.89 11.12 -1.61
C LEU J 166 11.52 11.30 -0.14
N ARG J 167 10.21 11.51 0.15
CA ARG J 167 9.64 11.73 1.49
C ARG J 167 10.16 10.75 2.55
N THR J 168 10.02 9.44 2.31
CA THR J 168 10.44 8.37 3.22
C THR J 168 11.93 8.38 3.58
N LEU J 169 12.78 9.06 2.79
CA LEU J 169 14.22 9.09 2.99
C LEU J 169 14.75 10.24 3.86
N VAL J 170 14.06 11.40 3.86
CA VAL J 170 14.44 12.59 4.62
C VAL J 170 14.19 12.36 6.11
S SO4 K . -25.16 -30.61 5.17
O1 SO4 K . -26.25 -29.64 5.22
O2 SO4 K . -25.23 -31.29 3.87
O3 SO4 K . -23.88 -29.91 5.25
O4 SO4 K . -25.29 -31.57 6.28
S SO4 L . -30.17 -34.36 3.43
O1 SO4 L . -31.17 -34.18 4.51
O2 SO4 L . -30.84 -34.32 2.11
O3 SO4 L . -29.16 -33.30 3.50
O4 SO4 L . -29.52 -35.65 3.61
S SO4 M . -32.60 -27.77 6.62
O1 SO4 M . -33.97 -27.41 6.20
O2 SO4 M . -31.80 -28.14 5.45
O3 SO4 M . -31.99 -26.64 7.28
O4 SO4 M . -32.64 -28.86 7.57
S SO4 N . -29.88 -31.81 11.06
O1 SO4 N . -31.13 -31.20 11.54
O2 SO4 N . -30.17 -32.68 9.92
O3 SO4 N . -28.83 -30.84 10.73
O4 SO4 N . -29.36 -32.63 12.11
S SO4 O . -18.37 29.79 18.99
O1 SO4 O . -19.73 29.47 19.46
O2 SO4 O . -18.46 30.58 17.75
O3 SO4 O . -17.70 30.62 19.99
O4 SO4 O . -17.59 28.60 18.69
S SO4 P . -19.95 26.80 24.50
O1 SO4 P . -21.01 27.05 25.49
O2 SO4 P . -19.99 27.83 23.46
O3 SO4 P . -18.65 26.84 25.18
O4 SO4 P . -20.16 25.49 23.92
S SO4 Q . -12.15 27.30 22.21
O1 SO4 Q . -13.41 26.94 22.83
O2 SO4 Q . -12.41 28.34 21.23
O3 SO4 Q . -11.23 27.77 23.23
O4 SO4 Q . -11.59 26.14 21.50
S SO4 R . -14.23 32.01 25.70
O1 SO4 R . -15.64 32.22 25.33
O2 SO4 R . -13.79 30.71 25.16
O3 SO4 R . -13.41 33.08 25.15
O4 SO4 R . -14.08 32.03 27.16
S SO4 S . -0.99 21.94 -22.76
O1 SO4 S . -1.95 20.82 -22.73
O2 SO4 S . -0.72 22.32 -24.14
O3 SO4 S . -1.59 23.10 -22.12
O4 SO4 S . 0.25 21.60 -22.03
S SO4 T . 2.03 17.03 -25.50
O1 SO4 T . 1.68 16.05 -24.46
O2 SO4 T . 1.04 17.00 -26.61
O3 SO4 T . 2.03 18.39 -24.91
O4 SO4 T . 3.36 16.71 -26.04
S SO4 U . 2.53 6.81 -28.50
O1 SO4 U . 2.50 7.73 -29.64
O2 SO4 U . 3.69 5.93 -28.62
O3 SO4 U . 2.62 7.59 -27.27
O4 SO4 U . 1.31 6.01 -28.52
S SO4 V . -5.20 19.18 -28.23
O1 SO4 V . -6.36 18.33 -28.34
O2 SO4 V . -4.77 19.56 -29.59
O3 SO4 V . -5.53 20.36 -27.43
O4 SO4 V . -4.14 18.43 -27.59
S SO4 W . -0.24 22.15 -30.89
O1 SO4 W . -1.02 23.37 -31.08
O2 SO4 W . -1.16 20.99 -30.81
O3 SO4 W . 0.69 21.98 -32.02
O4 SO4 W . 0.54 22.27 -29.63
S SO4 X . -0.89 51.12 -26.39
O1 SO4 X . -2.13 51.07 -25.63
O2 SO4 X . -1.21 51.03 -27.80
O3 SO4 X . -0.19 52.38 -26.10
O4 SO4 X . -0.06 49.99 -26.01
S SO4 Y . 5.89 31.01 -31.74
O1 SO4 Y . 5.61 31.54 -30.41
O2 SO4 Y . 4.63 30.71 -32.42
O3 SO4 Y . 6.69 31.99 -32.49
O4 SO4 Y . 6.65 29.77 -31.63
S SO4 Z . 29.18 -36.74 8.67
O1 SO4 Z . 28.48 -35.61 9.27
O2 SO4 Z . 28.19 -37.64 8.07
O3 SO4 Z . 30.06 -36.23 7.63
O4 SO4 Z . 29.95 -37.43 9.71
S SO4 AA . 33.59 -41.20 8.39
O1 SO4 AA . 32.82 -42.29 8.97
O2 SO4 AA . 33.55 -41.26 6.91
O3 SO4 AA . 33.01 -39.91 8.86
O4 SO4 AA . 34.98 -41.30 8.87
S SO4 BA . 8.68 -49.43 17.83
O1 SO4 BA . 7.96 -48.91 18.99
O2 SO4 BA . 8.20 -48.77 16.61
O3 SO4 BA . 10.11 -49.18 18.02
O4 SO4 BA . 8.43 -50.87 17.70
S SO4 CA . 29.26 -39.93 2.14
O1 SO4 CA . 28.12 -39.03 2.40
O2 SO4 CA . 29.89 -39.68 0.85
O3 SO4 CA . 30.29 -39.73 3.18
O4 SO4 CA . 28.77 -41.26 2.21
S SO4 DA . 34.37 -36.59 2.67
O1 SO4 DA . 33.82 -35.42 1.98
O2 SO4 DA . 33.47 -37.73 2.47
O3 SO4 DA . 35.70 -36.87 2.12
O4 SO4 DA . 34.48 -36.30 4.11
S SO4 EA . 39.65 -27.26 4.39
O1 SO4 EA . 38.98 -26.28 5.24
O2 SO4 EA . 38.72 -27.79 3.38
O3 SO4 EA . 40.81 -26.61 3.72
O4 SO4 EA . 40.13 -28.37 5.21
S SO4 FA . 23.46 19.76 -17.32
O1 SO4 FA . 22.60 18.94 -16.47
O2 SO4 FA . 22.60 20.69 -18.09
O3 SO4 FA . 24.36 20.57 -16.51
O4 SO4 FA . 24.25 18.95 -18.24
S SO4 GA . 21.02 15.51 -21.11
O1 SO4 GA . 19.55 15.60 -20.99
O2 SO4 GA . 21.39 15.46 -22.51
O3 SO4 GA . 21.65 16.69 -20.49
O4 SO4 GA . 21.47 14.29 -20.45
S SO4 HA . 29.33 -7.22 2.19
O1 SO4 HA . 28.02 -7.52 1.60
O2 SO4 HA . 30.32 -7.10 1.11
O3 SO4 HA . 29.25 -5.96 2.90
O4 SO4 HA . 29.71 -8.28 3.14
S SO4 IA . 16.48 18.44 -15.17
O1 SO4 IA . 15.94 17.87 -13.94
O2 SO4 IA . 15.36 19.06 -15.87
O3 SO4 IA . 17.51 19.44 -14.87
O4 SO4 IA . 17.07 17.35 -15.93
S SO4 JA . 16.75 21.61 -20.63
O1 SO4 JA . 16.85 20.65 -19.51
O2 SO4 JA . 15.55 21.30 -21.43
O3 SO4 JA . 16.65 22.97 -20.12
O4 SO4 JA . 17.95 21.48 -21.46
S SO4 KA . 19.68 29.82 -27.09
O1 SO4 KA . 18.61 29.63 -26.10
O2 SO4 KA . 19.17 30.50 -28.28
O3 SO4 KA . 20.75 30.61 -26.49
O4 SO4 KA . 20.24 28.52 -27.50
#